data_8CG4
#
_entry.id   8CG4
#
_cell.length_a   1.00
_cell.length_b   1.00
_cell.length_c   1.00
_cell.angle_alpha   90.00
_cell.angle_beta   90.00
_cell.angle_gamma   90.00
#
_symmetry.space_group_name_H-M   'P 1'
#
_entity_poly.entity_id   1
_entity_poly.type   'polypeptide(L)'
_entity_poly.pdbx_seq_one_letter_code
;MAHHHHHHHHHHGSTSGSGEQKLISEEDLGSTSGSGDYKDDDDKLTSLYKKAGLENLYFQGMAQSRQLFLFGDQTADFVP
KLRSLLSVQDSPILAAFLDQSHYVVRAQMLQSMNTVDHKLARTADLRQMVQKYVDGKLTPAFRTALVCLCQLGCFIREYE
ESGNMYPQPSDSYVLGFCMGSLAAVAVSCSRSLSELLPIAVQTVLIAFRLGLCALEMRDRVDGCSDDRGDPWSTIVWGLD
PQQARDQIEVFCRTTNVPQTRRPWISCISKNAITLSGSPSTLRAFCAMPQMAQHRTAPIPICLPAHNGALFTQADITTIL
DTTPTTPWEQLPGQIPYISHVTGNVVQTSNYRDLIEVALSETLLEQVRLDLVETGLPRLLQSRQVKSVTIVPFLTRMNET
MSNILPDSFISTETRTDTGRAIPASGRPGAGKCKLAIVSMSGRFPESPTTESFWDLLYKGLDVCKEVPRRRWDINTHVDP
SGKARNKGATKWGCWLDFSGDFDPRFFGISPKEAPQMDPAQRMALMSTYEAMERAGLVPDTTPSTQRDRIGVFHGVTSND
WMETNTAQNIDTYFITGGNRGFIPGRINFCFEFAGPSYTNDTACSSSLAAIHLACNSLWRGDCDTAVAGGTNMIYTPDGH
TGLDKGFFLSRTGNCKPYDDKADGYCRAEGVGTVFIKRLEDALADNDPILGVILDAKTNHSAMSESMTRPHVGAQIDNMT
AALNTTGLHPNDFSYIEMHGTGTQVGDAVEMESVLSVFAPSETARKADQPLFVGSAKANVGHGEGVSGVTSLIKVLMMMQ
HDTIPPHCGIKPGSKINRNFPDLGARNVHIAFEPKPWPRTHTPRRVLINNFSAAGGNTALIVEDAPERHWPTEKDPRSSH
IVALSAHVGASMKTNLERLHQYLLKNPHTDLAQLSYTTTARRWHYLHRVSVTGASVEEVTRKLEMAIQNGDGVSRPKSKP
KILFAFTGQGSQYATMGKQVYDAYPSFREDLEKFDRLAQSHGFPSFLHVCTSPKGDVEEMAPVVVQLAITCLQMALTNLM
TSFGIRPDVTVGHSLGEFAALYAAGVLSASDVVYLVGQRAELLQERCQRGTHAMLAVKATPEALSQWIQDHDCEVACING
PEDTVLSGTTKNVAEVQRAMTDNGIKCTLLKLPFAFHSAQVQPILDDFEALAQGATFAKPQLLILSPLLRTEIHEQGVVT
PSYVAQHCRHTVDMAQALRSAREKGLIDDKTLVIELGPKPLISGMVKMTLGDKISTLPTLAPNKAIWPSLQKILTSVYTG
GWDINWKKYHAPFASSQKVVDLPSYGWDLKDYYIPYQGDWCLHRHQQDCKCAAPGHEIKTADYQVPPESTPHRPSKLDPS
KEAFPEIKTTTTLHRVVEETTKPLGATLVVETDISRKDVNGLARGHLVDGIPLCTPSFYADIAMQVGQYSMQRLRAGHPG
AGAIDGLVDVSDMVVDKALVPHGKGPQLLRTTLTMEWPPKAAATTRSAKVKFATYFADGKLDTEHASCTVRFTSDAQLKS
LRRSVSEYKTHIRQLHDGHAKGQFMRYNRKTGYKLMSSMARFNPDYMLLDYLVLNEAENEAASGVDFSLGSSEGTFAAHP
AHVDAITQVAGFAMNANDNVDIEKQVYVNHGWDSFQIYQPLDNSKSYQVYTKMGQAKENDLVHGDVVVLDGEQIVAFFRG
LTLRSVPRGALRVVLQTTVKKADRQLGFKTMPSPPPPTTTMPISPYKPANTQVSSQAIPAEATHSHTPPQPKHSPVPETA
GSAPAAKGVGVSNEKLDAVMRVVSEESGIALEELTDDSNFADMGIDSLSSMVIGSRFREDLGLDLGPEFSLFIDCTTVRA
LKDFMLGSGDAGSGSNVEDPPPSATPGINPETDWSSSASDSIFASEDHGHSSESGADTGSPPALDLKPYCRPSTSVVLQG
LPMVARKTLFMLPDGGGSAFSYASLPRLKSDTAVVGLNCPYARDPENMNCTHGAMIESFCNEIRRRQPRGPYHLGGWSSG
GAFAYVVAEALVNQGEEVHSLIIIDAPIPQAMEQLPRAFYEHCNSIGLFATQPGASPDGSTEPPSYLIPHFTAVVDVMLD
YKLAPLHARRMPKVGIVWAADTVMDERDAPKMKGMHFMIQKRTEFGPDGWDTIMPGASFDIVRADGANHFTLMQKEHVSI
ISDLIDRVMA
;
_entity_poly.pdbx_strand_id   A,B
#
# COMPACT_ATOMS: atom_id res chain seq x y z
N GLN A 64 -47.72 3.06 10.38
CA GLN A 64 -46.35 3.30 9.87
C GLN A 64 -45.63 1.99 9.56
N SER A 65 -44.99 1.92 8.41
CA SER A 65 -44.18 0.77 8.07
C SER A 65 -42.96 0.70 8.99
N ARG A 66 -42.15 -0.33 8.80
CA ARG A 66 -40.97 -0.52 9.63
C ARG A 66 -40.12 -1.62 9.05
N GLN A 67 -38.86 -1.65 9.47
CA GLN A 67 -37.90 -2.65 9.02
C GLN A 67 -37.47 -3.52 10.20
N LEU A 68 -37.22 -4.79 9.90
CA LEU A 68 -36.71 -5.75 10.87
C LEU A 68 -35.38 -6.28 10.38
N PHE A 69 -34.36 -6.17 11.22
CA PHE A 69 -33.04 -6.73 10.93
C PHE A 69 -32.87 -7.97 11.78
N LEU A 70 -32.59 -9.09 11.12
CA LEU A 70 -32.44 -10.38 11.78
C LEU A 70 -31.02 -10.87 11.63
N PHE A 71 -30.48 -11.41 12.71
CA PHE A 71 -29.14 -11.97 12.73
C PHE A 71 -29.21 -13.40 13.24
N GLY A 72 -28.48 -14.30 12.57
CA GLY A 72 -28.55 -15.72 12.86
C GLY A 72 -27.49 -16.15 13.86
N ASP A 73 -27.36 -17.47 13.99
CA ASP A 73 -26.48 -18.09 14.97
C ASP A 73 -25.38 -18.89 14.26
N GLN A 74 -24.59 -19.63 15.05
CA GLN A 74 -23.43 -20.31 14.52
C GLN A 74 -23.77 -21.40 13.51
N THR A 75 -25.04 -21.85 13.46
CA THR A 75 -25.41 -22.96 12.60
C THR A 75 -25.32 -22.61 11.12
N ALA A 76 -25.15 -21.35 10.79
CA ALA A 76 -25.19 -20.89 9.40
C ALA A 76 -23.98 -21.38 8.61
N ASP A 77 -24.09 -21.28 7.29
CA ASP A 77 -23.00 -21.51 6.36
C ASP A 77 -22.46 -20.15 5.95
N PHE A 78 -21.35 -19.74 6.55
CA PHE A 78 -20.85 -18.38 6.39
C PHE A 78 -19.63 -18.29 5.47
N VAL A 79 -18.95 -19.40 5.18
CA VAL A 79 -17.73 -19.34 4.39
C VAL A 79 -17.98 -18.77 3.00
N PRO A 80 -18.98 -19.20 2.24
CA PRO A 80 -19.22 -18.57 0.93
C PRO A 80 -19.50 -17.08 1.02
N LYS A 81 -20.35 -16.65 1.95
CA LYS A 81 -20.65 -15.23 2.08
C LYS A 81 -19.42 -14.44 2.50
N LEU A 82 -18.63 -14.98 3.42
CA LEU A 82 -17.42 -14.29 3.85
C LEU A 82 -16.43 -14.18 2.71
N ARG A 83 -16.30 -15.23 1.91
CA ARG A 83 -15.45 -15.17 0.72
C ARG A 83 -15.95 -14.11 -0.24
N SER A 84 -17.27 -13.95 -0.34
CA SER A 84 -17.84 -12.89 -1.16
C SER A 84 -17.47 -11.52 -0.64
N LEU A 85 -17.49 -11.34 0.69
CA LEU A 85 -17.18 -10.03 1.26
C LEU A 85 -15.73 -9.65 1.01
N LEU A 86 -14.82 -10.62 1.03
CA LEU A 86 -13.41 -10.32 0.87
C LEU A 86 -13.05 -9.89 -0.55
N SER A 87 -13.99 -9.99 -1.50
CA SER A 87 -13.74 -9.66 -2.89
C SER A 87 -14.37 -8.34 -3.33
N VAL A 88 -15.09 -7.66 -2.44
CA VAL A 88 -15.69 -6.37 -2.79
C VAL A 88 -14.58 -5.34 -2.99
N GLN A 89 -14.85 -4.32 -3.79
CA GLN A 89 -13.77 -3.47 -4.30
C GLN A 89 -13.94 -1.97 -4.06
N ASP A 90 -15.18 -1.47 -4.03
CA ASP A 90 -15.42 -0.03 -3.94
C ASP A 90 -16.15 0.33 -2.67
N SER A 91 -15.76 -0.28 -1.55
CA SER A 91 -16.36 -0.04 -0.26
C SER A 91 -15.24 0.25 0.74
N PRO A 92 -15.01 1.52 1.10
CA PRO A 92 -13.91 1.81 2.04
C PRO A 92 -14.19 1.34 3.46
N ILE A 93 -15.41 1.53 3.96
CA ILE A 93 -15.72 1.17 5.34
C ILE A 93 -15.67 -0.34 5.52
N LEU A 94 -16.11 -1.10 4.52
CA LEU A 94 -16.04 -2.56 4.62
C LEU A 94 -14.59 -3.05 4.68
N ALA A 95 -13.73 -2.50 3.83
CA ALA A 95 -12.32 -2.90 3.86
C ALA A 95 -11.70 -2.54 5.21
N ALA A 96 -12.00 -1.35 5.72
CA ALA A 96 -11.49 -0.96 7.03
C ALA A 96 -12.00 -1.91 8.11
N PHE A 97 -13.28 -2.28 8.05
CA PHE A 97 -13.86 -3.17 9.05
C PHE A 97 -13.15 -4.51 9.05
N LEU A 98 -12.94 -5.09 7.88
CA LEU A 98 -12.25 -6.38 7.82
C LEU A 98 -10.84 -6.29 8.37
N ASP A 99 -10.09 -5.25 7.95
CA ASP A 99 -8.73 -5.08 8.42
C ASP A 99 -8.67 -4.97 9.94
N GLN A 100 -9.50 -4.09 10.51
CA GLN A 100 -9.42 -3.82 11.94
C GLN A 100 -9.92 -5.00 12.76
N SER A 101 -10.95 -5.70 12.28
CA SER A 101 -11.41 -6.89 12.99
C SER A 101 -10.31 -7.94 13.04
N HIS A 102 -9.63 -8.17 11.92
CA HIS A 102 -8.54 -9.13 11.99
C HIS A 102 -7.46 -8.67 12.95
N TYR A 103 -7.15 -7.37 12.94
CA TYR A 103 -6.09 -6.87 13.82
C TYR A 103 -6.44 -7.14 15.29
N VAL A 104 -7.67 -6.84 15.68
CA VAL A 104 -8.05 -6.99 17.08
C VAL A 104 -8.06 -8.46 17.47
N VAL A 105 -8.57 -9.34 16.60
CA VAL A 105 -8.58 -10.76 16.95
C VAL A 105 -7.17 -11.33 16.99
N ARG A 106 -6.30 -10.87 16.09
CA ARG A 106 -4.90 -11.31 16.12
C ARG A 106 -4.24 -10.92 17.43
N ALA A 107 -4.50 -9.71 17.91
CA ALA A 107 -3.98 -9.32 19.22
C ALA A 107 -4.52 -10.21 20.31
N GLN A 108 -5.83 -10.48 20.30
CA GLN A 108 -6.45 -11.18 21.41
C GLN A 108 -6.06 -12.66 21.45
N MET A 109 -5.80 -13.28 20.30
CA MET A 109 -5.60 -14.72 20.28
C MET A 109 -4.23 -15.15 20.79
N LEU A 110 -3.29 -14.23 20.95
CA LEU A 110 -2.00 -14.60 21.54
C LEU A 110 -2.13 -14.75 23.05
N GLN A 111 -2.97 -13.92 23.68
CA GLN A 111 -3.09 -13.96 25.13
C GLN A 111 -3.80 -15.23 25.60
N SER A 112 -4.79 -15.69 24.86
CA SER A 112 -5.71 -16.72 25.32
C SER A 112 -5.49 -18.07 24.63
N MET A 113 -4.32 -18.29 24.05
CA MET A 113 -4.01 -19.53 23.36
C MET A 113 -2.66 -20.03 23.83
N ASN A 114 -2.50 -21.34 23.89
CA ASN A 114 -1.22 -21.92 24.27
C ASN A 114 -0.28 -21.95 23.06
N THR A 115 1.00 -22.15 23.34
CA THR A 115 2.03 -21.98 22.31
C THR A 115 1.82 -22.93 21.14
N VAL A 116 1.46 -24.18 21.42
CA VAL A 116 1.30 -25.16 20.34
C VAL A 116 0.07 -24.84 19.51
N ASP A 117 -1.03 -24.47 20.17
CA ASP A 117 -2.27 -24.21 19.44
C ASP A 117 -2.22 -22.90 18.68
N HIS A 118 -1.42 -21.94 19.15
CA HIS A 118 -1.31 -20.66 18.46
C HIS A 118 -0.50 -20.78 17.18
N LYS A 119 0.54 -21.61 17.18
CA LYS A 119 1.38 -21.72 15.99
C LYS A 119 0.60 -22.31 14.82
N LEU A 120 -0.34 -23.21 15.09
CA LEU A 120 -1.11 -23.80 14.01
C LEU A 120 -2.12 -22.82 13.43
N ALA A 121 -2.61 -21.88 14.23
CA ALA A 121 -3.68 -20.98 13.82
C ALA A 121 -3.20 -19.57 13.49
N ARG A 122 -1.89 -19.32 13.51
CA ARG A 122 -1.40 -17.96 13.32
C ARG A 122 -1.63 -17.51 11.89
N THR A 123 -2.23 -16.32 11.73
CA THR A 123 -2.54 -15.79 10.41
C THR A 123 -2.15 -14.32 10.34
N ALA A 124 -1.76 -13.88 9.14
CA ALA A 124 -1.38 -12.50 8.90
C ALA A 124 -2.51 -11.65 8.32
N ASP A 125 -3.56 -12.27 7.79
CA ASP A 125 -4.64 -11.55 7.13
C ASP A 125 -5.92 -12.35 7.30
N LEU A 126 -7.04 -11.68 7.03
CA LEU A 126 -8.34 -12.33 7.20
C LEU A 126 -8.57 -13.42 6.16
N ARG A 127 -8.01 -13.27 4.96
CA ARG A 127 -8.16 -14.32 3.95
C ARG A 127 -7.47 -15.60 4.39
N GLN A 128 -6.28 -15.49 5.00
CA GLN A 128 -5.63 -16.67 5.54
C GLN A 128 -6.39 -17.26 6.71
N MET A 129 -7.05 -16.42 7.51
CA MET A 129 -7.88 -16.94 8.60
C MET A 129 -9.03 -17.76 8.05
N VAL A 130 -9.70 -17.26 7.01
CA VAL A 130 -10.81 -17.99 6.41
C VAL A 130 -10.31 -19.26 5.76
N GLN A 131 -9.10 -19.24 5.20
CA GLN A 131 -8.52 -20.48 4.65
C GLN A 131 -8.27 -21.51 5.75
N LYS A 132 -7.63 -21.08 6.84
CA LYS A 132 -7.28 -22.02 7.90
C LYS A 132 -8.49 -22.54 8.63
N TYR A 133 -9.59 -21.78 8.64
CA TYR A 133 -10.80 -22.30 9.28
C TYR A 133 -11.32 -23.54 8.58
N VAL A 134 -11.43 -23.48 7.24
CA VAL A 134 -11.96 -24.62 6.50
C VAL A 134 -11.00 -25.79 6.44
N ASP A 135 -9.75 -25.60 6.83
CA ASP A 135 -8.77 -26.67 6.90
C ASP A 135 -8.69 -27.33 8.27
N GLY A 136 -9.54 -26.92 9.21
CA GLY A 136 -9.48 -27.47 10.55
C GLY A 136 -8.24 -27.13 11.33
N LYS A 137 -7.69 -25.94 11.12
CA LYS A 137 -6.50 -25.48 11.82
C LYS A 137 -6.82 -24.46 12.90
N LEU A 138 -8.09 -24.11 13.09
CA LEU A 138 -8.54 -23.20 14.12
C LEU A 138 -9.31 -24.00 15.17
N THR A 139 -9.90 -23.31 16.13
CA THR A 139 -10.72 -23.92 17.16
C THR A 139 -12.16 -23.46 17.03
N PRO A 140 -13.09 -24.09 17.75
CA PRO A 140 -14.48 -23.64 17.70
C PRO A 140 -14.70 -22.22 18.16
N ALA A 141 -13.75 -21.64 18.90
CA ALA A 141 -13.89 -20.25 19.33
C ALA A 141 -13.86 -19.31 18.14
N PHE A 142 -13.09 -19.63 17.11
CA PHE A 142 -13.02 -18.79 15.92
C PHE A 142 -14.32 -18.78 15.13
N ARG A 143 -15.18 -19.77 15.31
CA ARG A 143 -16.41 -19.81 14.53
C ARG A 143 -17.41 -18.77 15.01
N THR A 144 -17.47 -18.53 16.33
CA THR A 144 -18.31 -17.45 16.83
C THR A 144 -17.86 -16.11 16.27
N ALA A 145 -16.55 -15.85 16.35
CA ALA A 145 -16.02 -14.58 15.89
C ALA A 145 -16.28 -14.40 14.40
N LEU A 146 -16.03 -15.44 13.61
CA LEU A 146 -16.17 -15.31 12.16
C LEU A 146 -17.63 -15.17 11.74
N VAL A 147 -18.56 -15.80 12.46
CA VAL A 147 -19.97 -15.64 12.12
C VAL A 147 -20.44 -14.23 12.45
N CYS A 148 -20.07 -13.71 13.63
CA CYS A 148 -20.42 -12.32 13.93
C CYS A 148 -19.80 -11.37 12.92
N LEU A 149 -18.54 -11.61 12.55
CA LEU A 149 -17.87 -10.77 11.58
C LEU A 149 -18.56 -10.82 10.22
N CYS A 150 -19.01 -12.01 9.81
CA CYS A 150 -19.73 -12.13 8.55
C CYS A 150 -21.04 -11.38 8.58
N GLN A 151 -21.78 -11.47 9.69
CA GLN A 151 -23.05 -10.76 9.79
C GLN A 151 -22.84 -9.26 9.72
N LEU A 152 -21.87 -8.75 10.47
CA LEU A 152 -21.63 -7.31 10.47
C LEU A 152 -21.11 -6.83 9.12
N GLY A 153 -20.24 -7.61 8.48
CA GLY A 153 -19.78 -7.25 7.14
C GLY A 153 -20.89 -7.28 6.11
N CYS A 154 -21.81 -8.22 6.23
CA CYS A 154 -22.95 -8.26 5.30
C CYS A 154 -23.82 -7.03 5.47
N PHE A 155 -24.10 -6.65 6.72
CA PHE A 155 -24.85 -5.42 6.94
C PHE A 155 -24.12 -4.22 6.36
N ILE A 156 -22.81 -4.14 6.61
CA ILE A 156 -22.02 -3.00 6.15
C ILE A 156 -22.07 -2.91 4.63
N ARG A 157 -21.88 -4.04 3.95
CA ARG A 157 -21.92 -4.03 2.49
C ARG A 157 -23.29 -3.67 1.96
N GLU A 158 -24.34 -4.21 2.57
CA GLU A 158 -25.69 -3.92 2.09
C GLU A 158 -25.97 -2.42 2.16
N TYR A 159 -25.52 -1.76 3.23
CA TYR A 159 -25.81 -0.33 3.36
C TYR A 159 -24.74 0.56 2.76
N GLU A 160 -23.59 0.01 2.38
CA GLU A 160 -22.55 0.79 1.73
C GLU A 160 -22.63 0.72 0.21
N GLU A 161 -23.30 -0.28 -0.33
CA GLU A 161 -23.45 -0.39 -1.78
C GLU A 161 -24.74 0.25 -2.25
N SER A 162 -25.81 0.16 -1.45
CA SER A 162 -27.08 0.74 -1.86
C SER A 162 -27.11 2.25 -1.68
N GLY A 163 -26.35 2.78 -0.73
CA GLY A 163 -26.38 4.20 -0.43
C GLY A 163 -27.60 4.65 0.32
N ASN A 164 -28.32 3.73 0.94
CA ASN A 164 -29.55 4.07 1.65
C ASN A 164 -29.24 4.85 2.92
N MET A 165 -30.26 5.54 3.41
CA MET A 165 -30.16 6.18 4.72
C MET A 165 -30.01 5.14 5.81
N TYR A 166 -29.10 5.39 6.75
CA TYR A 166 -28.81 4.44 7.81
C TYR A 166 -30.08 4.21 8.64
N PRO A 167 -30.26 3.00 9.17
CA PRO A 167 -31.46 2.72 9.97
C PRO A 167 -31.59 3.66 11.16
N GLN A 168 -32.83 4.04 11.46
CA GLN A 168 -33.13 5.07 12.44
C GLN A 168 -34.04 4.53 13.54
N PRO A 169 -34.01 5.15 14.72
CA PRO A 169 -34.79 4.60 15.85
C PRO A 169 -36.28 4.49 15.59
N SER A 170 -36.86 5.41 14.84
CA SER A 170 -38.31 5.51 14.74
C SER A 170 -38.91 4.63 13.65
N ASP A 171 -38.09 3.94 12.86
CA ASP A 171 -38.59 3.14 11.75
C ASP A 171 -37.85 1.82 11.61
N SER A 172 -37.30 1.30 12.71
CA SER A 172 -36.45 0.12 12.61
C SER A 172 -36.53 -0.68 13.91
N TYR A 173 -36.28 -1.97 13.79
CA TYR A 173 -36.13 -2.89 14.91
C TYR A 173 -34.97 -3.82 14.61
N VAL A 174 -34.40 -4.39 15.66
CA VAL A 174 -33.26 -5.28 15.53
C VAL A 174 -33.50 -6.52 16.39
N LEU A 175 -33.17 -7.69 15.85
CA LEU A 175 -33.39 -8.95 16.55
C LEU A 175 -32.29 -9.92 16.16
N GLY A 176 -31.77 -10.63 17.15
CA GLY A 176 -30.72 -11.61 16.91
C GLY A 176 -31.00 -12.87 17.69
N PHE A 177 -30.53 -14.00 17.14
CA PHE A 177 -30.80 -15.32 17.69
C PHE A 177 -29.49 -15.97 18.11
N CYS A 178 -29.44 -16.43 19.35
CA CYS A 178 -28.43 -17.38 19.80
C CYS A 178 -27.02 -16.96 19.34
N MET A 179 -26.56 -15.85 19.92
CA MET A 179 -25.28 -15.21 19.67
C MET A 179 -25.33 -14.34 18.42
N GLY A 180 -26.43 -14.33 17.67
CA GLY A 180 -26.64 -13.30 16.68
C GLY A 180 -27.07 -11.98 17.27
N SER A 181 -27.20 -11.91 18.59
CA SER A 181 -27.61 -10.68 19.26
C SER A 181 -26.47 -9.69 19.46
N LEU A 182 -25.22 -10.14 19.35
CA LEU A 182 -24.10 -9.20 19.47
C LEU A 182 -24.10 -8.21 18.32
N ALA A 183 -24.27 -8.71 17.09
CA ALA A 183 -24.34 -7.83 15.94
C ALA A 183 -25.56 -6.92 16.02
N ALA A 184 -26.66 -7.44 16.55
CA ALA A 184 -27.83 -6.60 16.74
C ALA A 184 -27.55 -5.46 17.70
N VAL A 185 -26.84 -5.73 18.80
CA VAL A 185 -26.49 -4.67 19.73
C VAL A 185 -25.59 -3.65 19.05
N ALA A 186 -24.58 -4.11 18.32
CA ALA A 186 -23.67 -3.19 17.66
C ALA A 186 -24.41 -2.30 16.66
N VAL A 187 -25.32 -2.88 15.89
CA VAL A 187 -26.04 -2.12 14.87
C VAL A 187 -27.01 -1.13 15.52
N SER A 188 -27.63 -1.52 16.64
CA SER A 188 -28.62 -0.66 17.26
C SER A 188 -28.00 0.55 17.96
N CYS A 189 -26.71 0.52 18.24
CA CYS A 189 -26.02 1.57 18.98
C CYS A 189 -25.26 2.52 18.07
N SER A 190 -25.78 2.79 16.87
CA SER A 190 -25.08 3.63 15.91
C SER A 190 -26.07 4.52 15.18
N ARG A 191 -25.57 5.67 14.71
CA ARG A 191 -26.37 6.60 13.93
C ARG A 191 -25.92 6.68 12.48
N SER A 192 -24.71 6.27 12.16
CA SER A 192 -24.21 6.26 10.79
C SER A 192 -23.19 5.15 10.67
N LEU A 193 -22.84 4.84 9.42
CA LEU A 193 -21.87 3.79 9.16
C LEU A 193 -20.48 4.15 9.66
N SER A 194 -20.21 5.44 9.88
CA SER A 194 -18.90 5.83 10.40
C SER A 194 -18.79 5.57 11.88
N GLU A 195 -19.89 5.76 12.62
CA GLU A 195 -19.91 5.43 14.04
C GLU A 195 -19.96 3.93 14.29
N LEU A 196 -20.46 3.15 13.32
CA LEU A 196 -20.60 1.71 13.50
C LEU A 196 -19.30 0.96 13.32
N LEU A 197 -18.28 1.55 12.69
CA LEU A 197 -17.06 0.79 12.43
C LEU A 197 -16.33 0.41 13.71
N PRO A 198 -15.96 1.36 14.58
CA PRO A 198 -15.27 0.96 15.82
C PRO A 198 -16.12 0.06 16.70
N ILE A 199 -17.43 0.33 16.75
CA ILE A 199 -18.33 -0.46 17.59
C ILE A 199 -18.38 -1.90 17.10
N ALA A 200 -18.41 -2.08 15.78
CA ALA A 200 -18.44 -3.42 15.21
C ALA A 200 -17.13 -4.15 15.45
N VAL A 201 -15.99 -3.46 15.36
CA VAL A 201 -14.72 -4.12 15.67
C VAL A 201 -14.68 -4.58 17.13
N GLN A 202 -15.15 -3.72 18.05
CA GLN A 202 -15.23 -4.11 19.45
C GLN A 202 -16.16 -5.31 19.63
N THR A 203 -17.28 -5.33 18.92
CA THR A 203 -18.23 -6.43 19.03
C THR A 203 -17.63 -7.73 18.53
N VAL A 204 -16.83 -7.67 17.48
CA VAL A 204 -16.15 -8.87 16.99
C VAL A 204 -15.19 -9.38 18.05
N LEU A 205 -14.47 -8.48 18.72
CA LEU A 205 -13.59 -8.90 19.80
C LEU A 205 -14.38 -9.59 20.91
N ILE A 206 -15.52 -9.04 21.28
CA ILE A 206 -16.33 -9.63 22.35
C ILE A 206 -16.87 -10.99 21.92
N ALA A 207 -17.21 -11.15 20.65
CA ALA A 207 -17.66 -12.46 20.16
C ALA A 207 -16.55 -13.49 20.22
N PHE A 208 -15.33 -13.10 19.88
CA PHE A 208 -14.20 -14.02 20.02
C PHE A 208 -14.00 -14.42 21.48
N ARG A 209 -14.13 -13.46 22.39
CA ARG A 209 -13.99 -13.77 23.81
C ARG A 209 -15.10 -14.70 24.30
N LEU A 210 -16.32 -14.50 23.82
CA LEU A 210 -17.41 -15.42 24.16
C LEU A 210 -17.11 -16.83 23.68
N GLY A 211 -16.58 -16.95 22.46
CA GLY A 211 -16.20 -18.27 21.97
C GLY A 211 -15.13 -18.91 22.82
N LEU A 212 -14.14 -18.13 23.25
CA LEU A 212 -13.08 -18.67 24.11
C LEU A 212 -13.64 -19.14 25.45
N CYS A 213 -14.55 -18.38 26.04
CA CYS A 213 -15.16 -18.80 27.30
C CYS A 213 -15.95 -20.09 27.14
N ALA A 214 -16.72 -20.20 26.05
CA ALA A 214 -17.48 -21.42 25.82
C ALA A 214 -16.56 -22.61 25.58
N LEU A 215 -15.45 -22.41 24.87
CA LEU A 215 -14.50 -23.50 24.67
C LEU A 215 -13.89 -23.95 25.99
N GLU A 216 -13.53 -22.99 26.85
CA GLU A 216 -12.99 -23.35 28.15
C GLU A 216 -13.99 -24.16 28.95
N MET A 217 -15.26 -23.76 28.93
CA MET A 217 -16.26 -24.50 29.68
C MET A 217 -16.49 -25.88 29.09
N ARG A 218 -16.37 -26.02 27.77
CA ARG A 218 -16.46 -27.33 27.15
C ARG A 218 -15.36 -28.24 27.64
N ASP A 219 -14.14 -27.71 27.75
CA ASP A 219 -13.03 -28.52 28.24
C ASP A 219 -13.11 -28.76 29.75
N ARG A 220 -13.77 -27.89 30.50
CA ARG A 220 -13.89 -28.09 31.94
C ARG A 220 -14.84 -29.23 32.27
N VAL A 221 -15.79 -29.52 31.39
CA VAL A 221 -16.75 -30.60 31.64
C VAL A 221 -16.26 -31.91 31.05
N ASP A 222 -15.71 -31.89 29.84
CA ASP A 222 -15.20 -33.10 29.17
C ASP A 222 -13.78 -32.82 28.70
N GLY A 223 -12.81 -33.02 29.59
CA GLY A 223 -11.42 -32.91 29.19
C GLY A 223 -10.99 -33.98 28.21
N CYS A 224 -11.67 -35.13 28.23
CA CYS A 224 -11.48 -36.18 27.23
C CYS A 224 -12.26 -35.91 25.95
N SER A 225 -12.76 -34.69 25.75
CA SER A 225 -13.47 -34.32 24.53
C SER A 225 -12.72 -33.27 23.73
N ASP A 226 -11.39 -33.24 23.83
CA ASP A 226 -10.62 -32.44 22.89
C ASP A 226 -10.82 -32.98 21.47
N ASP A 227 -10.84 -34.30 21.32
CA ASP A 227 -11.15 -34.90 20.03
C ASP A 227 -12.66 -34.99 19.82
N ARG A 228 -13.42 -35.24 20.87
CA ARG A 228 -14.88 -35.32 20.78
C ARG A 228 -15.43 -33.90 20.65
N GLY A 229 -15.33 -33.37 19.44
CA GLY A 229 -16.04 -32.17 19.07
C GLY A 229 -17.36 -32.56 18.42
N ASP A 230 -17.92 -33.67 18.87
CA ASP A 230 -19.15 -34.16 18.31
C ASP A 230 -20.30 -33.22 18.64
N PRO A 231 -21.40 -33.29 17.90
CA PRO A 231 -22.53 -32.38 18.14
C PRO A 231 -22.94 -32.33 19.61
N TRP A 232 -22.76 -31.17 20.24
CA TRP A 232 -23.22 -30.96 21.60
C TRP A 232 -24.72 -30.70 21.65
N SER A 233 -25.42 -30.81 20.53
CA SER A 233 -26.84 -30.50 20.47
C SER A 233 -27.50 -31.32 19.39
N THR A 234 -28.82 -31.50 19.52
CA THR A 234 -29.63 -32.19 18.52
C THR A 234 -31.03 -31.60 18.56
N ILE A 235 -31.76 -31.77 17.46
CA ILE A 235 -33.14 -31.31 17.32
C ILE A 235 -34.05 -32.52 17.39
N VAL A 236 -35.05 -32.46 18.27
CA VAL A 236 -36.00 -33.54 18.47
C VAL A 236 -37.38 -33.00 18.17
N TRP A 237 -38.08 -33.63 17.24
CA TRP A 237 -39.36 -33.15 16.76
C TRP A 237 -40.51 -33.85 17.47
N GLY A 238 -41.57 -33.11 17.74
CA GLY A 238 -42.76 -33.68 18.37
C GLY A 238 -42.55 -34.12 19.79
N LEU A 239 -41.83 -33.34 20.59
CA LEU A 239 -41.59 -33.65 21.99
C LEU A 239 -41.95 -32.42 22.82
N ASP A 240 -42.85 -32.60 23.78
CA ASP A 240 -43.23 -31.50 24.65
C ASP A 240 -42.08 -31.15 25.58
N PRO A 241 -41.90 -29.87 25.92
CA PRO A 241 -40.82 -29.54 26.87
C PRO A 241 -40.96 -30.23 28.21
N GLN A 242 -42.17 -30.33 28.75
CA GLN A 242 -42.34 -30.95 30.06
C GLN A 242 -42.05 -32.44 30.03
N GLN A 243 -42.51 -33.13 28.97
CA GLN A 243 -42.22 -34.56 28.85
C GLN A 243 -40.72 -34.78 28.69
N ALA A 244 -40.06 -33.93 27.91
CA ALA A 244 -38.61 -34.04 27.77
C ALA A 244 -37.92 -33.82 29.11
N ARG A 245 -38.38 -32.85 29.89
CA ARG A 245 -37.79 -32.59 31.19
C ARG A 245 -37.93 -33.80 32.11
N ASP A 246 -39.13 -34.38 32.16
CA ASP A 246 -39.35 -35.54 33.02
C ASP A 246 -38.50 -36.73 32.58
N GLN A 247 -38.42 -36.96 31.27
CA GLN A 247 -37.60 -38.07 30.78
C GLN A 247 -36.14 -37.84 31.10
N ILE A 248 -35.65 -36.61 30.94
CA ILE A 248 -34.27 -36.31 31.30
C ILE A 248 -34.04 -36.62 32.76
N GLU A 249 -34.95 -36.17 33.63
CA GLU A 249 -34.80 -36.39 35.06
C GLU A 249 -34.74 -37.88 35.37
N VAL A 250 -35.66 -38.66 34.81
CA VAL A 250 -35.70 -40.08 35.10
C VAL A 250 -34.43 -40.77 34.60
N PHE A 251 -34.01 -40.45 33.38
CA PHE A 251 -32.81 -41.06 32.81
C PHE A 251 -31.58 -40.75 33.66
N CYS A 252 -31.46 -39.50 34.10
CA CYS A 252 -30.29 -39.11 34.90
C CYS A 252 -30.32 -39.77 36.27
N ARG A 253 -31.50 -39.88 36.88
CA ARG A 253 -31.59 -40.57 38.17
C ARG A 253 -31.24 -42.05 38.03
N THR A 254 -31.70 -42.68 36.95
CA THR A 254 -31.50 -44.12 36.82
C THR A 254 -30.07 -44.47 36.45
N THR A 255 -29.45 -43.70 35.54
CA THR A 255 -28.12 -44.02 35.05
C THR A 255 -27.01 -43.43 35.91
N ASN A 256 -27.33 -42.63 36.92
CA ASN A 256 -26.33 -42.03 37.80
C ASN A 256 -25.33 -41.20 37.00
N VAL A 257 -25.84 -40.14 36.39
CA VAL A 257 -25.02 -39.20 35.61
C VAL A 257 -24.70 -38.01 36.49
N PRO A 258 -23.45 -37.55 36.54
CA PRO A 258 -23.13 -36.37 37.36
C PRO A 258 -23.91 -35.15 36.92
N GLN A 259 -24.20 -34.28 37.89
CA GLN A 259 -25.08 -33.15 37.64
C GLN A 259 -24.59 -32.28 36.49
N THR A 260 -23.29 -32.26 36.25
CA THR A 260 -22.74 -31.39 35.21
C THR A 260 -22.91 -31.98 33.81
N ARG A 261 -23.23 -33.27 33.69
CA ARG A 261 -23.36 -33.93 32.40
C ARG A 261 -24.81 -34.14 31.99
N ARG A 262 -25.76 -33.59 32.74
CA ARG A 262 -27.16 -33.78 32.42
C ARG A 262 -27.52 -33.07 31.12
N PRO A 263 -28.44 -33.63 30.33
CA PRO A 263 -28.97 -32.89 29.18
C PRO A 263 -29.82 -31.71 29.61
N TRP A 264 -29.84 -30.68 28.76
CA TRP A 264 -30.69 -29.52 28.98
C TRP A 264 -31.26 -29.08 27.65
N ILE A 265 -32.43 -28.46 27.70
CA ILE A 265 -33.11 -27.98 26.51
C ILE A 265 -32.62 -26.57 26.20
N SER A 266 -31.94 -26.42 25.07
CA SER A 266 -31.39 -25.12 24.69
C SER A 266 -32.46 -24.24 24.07
N CYS A 267 -33.25 -24.79 23.16
CA CYS A 267 -34.26 -24.04 22.43
C CYS A 267 -35.62 -24.73 22.55
N ILE A 268 -36.67 -23.92 22.53
CA ILE A 268 -38.05 -24.41 22.58
C ILE A 268 -38.79 -23.69 21.45
N SER A 269 -38.88 -24.34 20.29
CA SER A 269 -39.69 -23.86 19.19
C SER A 269 -41.08 -24.48 19.30
N LYS A 270 -41.95 -24.17 18.35
CA LYS A 270 -43.31 -24.72 18.31
C LYS A 270 -43.35 -25.75 17.18
N ASN A 271 -42.95 -26.97 17.51
CA ASN A 271 -42.83 -28.10 16.59
C ASN A 271 -41.63 -28.95 16.98
N ALA A 272 -40.64 -28.32 17.63
CA ALA A 272 -39.41 -29.00 17.99
C ALA A 272 -38.83 -28.36 19.24
N ILE A 273 -37.89 -29.07 19.85
CA ILE A 273 -37.02 -28.53 20.88
C ILE A 273 -35.60 -28.95 20.53
N THR A 274 -34.64 -28.23 21.08
CA THR A 274 -33.23 -28.56 20.94
C THR A 274 -32.71 -29.04 22.29
N LEU A 275 -32.02 -30.17 22.27
CA LEU A 275 -31.43 -30.74 23.47
C LEU A 275 -29.92 -30.63 23.37
N SER A 276 -29.30 -30.02 24.37
CA SER A 276 -27.86 -29.85 24.43
C SER A 276 -27.28 -30.65 25.58
N GLY A 277 -26.02 -31.01 25.44
CA GLY A 277 -25.34 -31.77 26.47
C GLY A 277 -24.05 -32.33 25.92
N SER A 278 -23.38 -33.10 26.76
CA SER A 278 -22.20 -33.80 26.32
C SER A 278 -22.59 -34.84 25.28
N PRO A 279 -21.81 -35.01 24.22
CA PRO A 279 -22.20 -35.97 23.17
C PRO A 279 -22.46 -37.37 23.69
N SER A 280 -21.66 -37.85 24.64
CA SER A 280 -21.82 -39.23 25.11
C SER A 280 -23.16 -39.44 25.79
N THR A 281 -23.50 -38.56 26.74
CA THR A 281 -24.76 -38.71 27.46
C THR A 281 -25.94 -38.33 26.57
N LEU A 282 -25.77 -37.32 25.72
CA LEU A 282 -26.86 -36.88 24.85
C LEU A 282 -27.26 -37.99 23.89
N ARG A 283 -26.28 -38.65 23.26
CA ARG A 283 -26.62 -39.72 22.33
C ARG A 283 -27.23 -40.91 23.04
N ALA A 284 -26.74 -41.24 24.24
CA ALA A 284 -27.29 -42.35 25.00
C ALA A 284 -28.72 -42.06 25.42
N PHE A 285 -29.03 -40.79 25.72
CA PHE A 285 -30.39 -40.42 26.08
C PHE A 285 -31.33 -40.56 24.89
N CYS A 286 -30.91 -40.08 23.72
CA CYS A 286 -31.76 -40.20 22.53
C CYS A 286 -31.80 -41.64 22.03
N ALA A 287 -30.67 -42.34 22.07
CA ALA A 287 -30.59 -43.73 21.61
C ALA A 287 -31.10 -44.65 22.71
N MET A 288 -32.40 -44.54 22.97
CA MET A 288 -33.06 -45.36 23.97
C MET A 288 -34.55 -45.39 23.65
N PRO A 289 -35.29 -46.36 24.19
CA PRO A 289 -36.74 -46.40 23.94
C PRO A 289 -37.44 -45.20 24.55
N GLN A 290 -38.64 -44.93 24.05
CA GLN A 290 -39.46 -43.77 24.38
C GLN A 290 -39.01 -42.53 23.62
N MET A 291 -37.94 -42.62 22.83
CA MET A 291 -37.55 -41.55 21.91
C MET A 291 -37.32 -42.06 20.50
N ALA A 292 -37.54 -43.35 20.23
CA ALA A 292 -37.35 -43.86 18.88
C ALA A 292 -38.35 -43.25 17.91
N GLN A 293 -39.58 -43.00 18.39
CA GLN A 293 -40.61 -42.46 17.51
C GLN A 293 -40.21 -41.11 16.94
N HIS A 294 -39.63 -40.24 17.78
CA HIS A 294 -39.32 -38.89 17.37
C HIS A 294 -38.20 -38.88 16.33
N ARG A 295 -38.35 -38.03 15.33
CA ARG A 295 -37.29 -37.80 14.35
C ARG A 295 -36.28 -36.82 14.92
N THR A 296 -35.00 -37.19 14.88
CA THR A 296 -33.95 -36.37 15.46
C THR A 296 -32.88 -36.09 14.42
N ALA A 297 -32.30 -34.89 14.50
CA ALA A 297 -31.16 -34.51 13.69
C ALA A 297 -30.11 -33.86 14.59
N PRO A 298 -28.82 -34.00 14.26
CA PRO A 298 -27.79 -33.36 15.06
C PRO A 298 -27.39 -31.99 14.53
N ILE A 299 -27.20 -31.05 15.45
CA ILE A 299 -26.71 -29.72 15.13
C ILE A 299 -25.18 -29.75 15.24
N PRO A 300 -24.43 -29.37 14.21
CA PRO A 300 -22.98 -29.60 14.23
C PRO A 300 -22.20 -28.65 15.14
N ILE A 301 -22.90 -27.87 15.98
CA ILE A 301 -22.22 -27.04 16.96
C ILE A 301 -21.67 -27.91 18.08
N CYS A 302 -20.50 -27.54 18.59
CA CYS A 302 -19.81 -28.34 19.60
C CYS A 302 -19.36 -27.48 20.77
N LEU A 303 -20.22 -26.57 21.22
CA LEU A 303 -19.95 -25.76 22.40
C LEU A 303 -21.18 -25.71 23.29
N PRO A 304 -20.99 -25.61 24.61
CA PRO A 304 -22.13 -25.37 25.50
C PRO A 304 -22.67 -23.95 25.35
N ALA A 305 -23.91 -23.77 25.76
CA ALA A 305 -24.57 -22.47 25.80
C ALA A 305 -25.97 -22.65 26.36
N HIS A 306 -26.58 -21.54 26.74
CA HIS A 306 -27.97 -21.51 27.20
C HIS A 306 -28.18 -22.45 28.39
N ASN A 307 -27.26 -22.39 29.35
CA ASN A 307 -27.32 -23.22 30.55
C ASN A 307 -26.96 -22.33 31.74
N GLY A 308 -27.97 -21.93 32.50
CA GLY A 308 -27.74 -21.18 33.72
C GLY A 308 -27.25 -22.01 34.87
N ALA A 309 -27.25 -23.34 34.73
CA ALA A 309 -26.68 -24.24 35.71
C ALA A 309 -25.19 -24.49 35.48
N LEU A 310 -24.64 -24.01 34.38
CA LEU A 310 -23.21 -24.12 34.11
C LEU A 310 -22.50 -22.78 34.06
N PHE A 311 -23.12 -21.77 33.47
CA PHE A 311 -22.55 -20.44 33.37
C PHE A 311 -23.12 -19.55 34.48
N THR A 312 -22.47 -18.41 34.69
CA THR A 312 -22.85 -17.48 35.73
C THR A 312 -22.49 -16.07 35.30
N GLN A 313 -22.99 -15.09 36.05
CA GLN A 313 -22.65 -13.70 35.75
C GLN A 313 -21.14 -13.48 35.78
N ALA A 314 -20.42 -14.31 36.52
CA ALA A 314 -18.97 -14.15 36.61
C ALA A 314 -18.30 -14.45 35.27
N ASP A 315 -18.84 -15.40 34.51
CA ASP A 315 -18.31 -15.66 33.18
C ASP A 315 -18.48 -14.46 32.28
N ILE A 316 -19.64 -13.81 32.33
CA ILE A 316 -19.87 -12.61 31.53
C ILE A 316 -18.95 -11.49 31.98
N THR A 317 -18.76 -11.34 33.29
CA THR A 317 -17.84 -10.31 33.79
C THR A 317 -16.42 -10.55 33.31
N THR A 318 -15.99 -11.81 33.26
CA THR A 318 -14.69 -12.11 32.68
C THR A 318 -14.65 -11.78 31.20
N ILE A 319 -15.74 -12.02 30.48
CA ILE A 319 -15.77 -11.73 29.05
C ILE A 319 -15.59 -10.23 28.82
N LEU A 320 -16.33 -9.41 29.56
CA LEU A 320 -16.28 -7.96 29.40
C LEU A 320 -15.19 -7.33 30.25
N ASP A 321 -13.97 -7.85 30.15
CA ASP A 321 -12.86 -7.38 30.95
C ASP A 321 -12.08 -6.27 30.24
N THR A 322 -11.65 -6.53 29.01
CA THR A 322 -10.88 -5.55 28.25
C THR A 322 -11.79 -4.70 27.38
N THR A 323 -12.83 -4.14 27.99
CA THR A 323 -13.80 -3.30 27.30
C THR A 323 -14.37 -2.27 28.25
N PRO A 324 -13.55 -1.30 28.65
CA PRO A 324 -14.08 -0.12 29.35
C PRO A 324 -14.27 1.03 28.38
N THR A 325 -15.37 1.78 28.50
CA THR A 325 -15.48 3.10 27.89
C THR A 325 -15.80 4.08 29.01
N THR A 326 -15.11 5.21 29.02
CA THR A 326 -15.16 6.10 30.18
C THR A 326 -16.57 6.41 30.61
N PRO A 327 -17.46 6.91 29.75
CA PRO A 327 -18.88 6.95 30.11
C PRO A 327 -19.57 5.68 29.65
N TRP A 328 -20.27 4.98 30.55
CA TRP A 328 -20.97 3.79 30.10
C TRP A 328 -21.85 4.11 28.90
N GLU A 329 -22.41 5.33 28.87
CA GLU A 329 -23.18 5.82 27.74
C GLU A 329 -22.33 6.54 26.71
N GLN A 330 -21.05 6.18 26.60
CA GLN A 330 -20.27 6.67 25.47
C GLN A 330 -21.03 6.38 24.19
N LEU A 331 -21.64 5.20 24.10
CA LEU A 331 -22.54 4.84 23.01
C LEU A 331 -23.91 4.53 23.60
N PRO A 332 -24.86 5.45 23.55
CA PRO A 332 -26.24 5.08 23.89
C PRO A 332 -26.86 4.22 22.80
N GLY A 333 -28.04 3.69 23.09
CA GLY A 333 -28.77 2.88 22.13
C GLY A 333 -29.78 3.72 21.37
N GLN A 334 -29.93 3.42 20.08
CA GLN A 334 -30.83 4.17 19.22
C GLN A 334 -32.00 3.32 18.73
N ILE A 335 -31.73 2.23 18.02
CA ILE A 335 -32.79 1.41 17.45
C ILE A 335 -33.31 0.45 18.51
N PRO A 336 -34.63 0.30 18.67
CA PRO A 336 -35.15 -0.60 19.70
C PRO A 336 -34.68 -2.04 19.50
N TYR A 337 -34.49 -2.73 20.61
CA TYR A 337 -33.86 -4.05 20.65
C TYR A 337 -34.86 -5.07 21.20
N ILE A 338 -34.97 -6.21 20.53
CA ILE A 338 -35.91 -7.26 20.89
C ILE A 338 -35.13 -8.47 21.38
N SER A 339 -35.61 -9.08 22.46
CA SER A 339 -34.96 -10.22 23.07
C SER A 339 -35.45 -11.52 22.47
N HIS A 340 -34.52 -12.43 22.20
CA HIS A 340 -34.85 -13.74 21.67
C HIS A 340 -35.15 -14.77 22.77
N VAL A 341 -35.10 -14.36 24.04
CA VAL A 341 -35.50 -15.22 25.14
C VAL A 341 -36.76 -14.74 25.82
N THR A 342 -37.28 -13.57 25.45
CA THR A 342 -38.50 -13.05 26.05
C THR A 342 -39.52 -12.66 24.99
N GLY A 343 -39.05 -12.20 23.84
CA GLY A 343 -39.93 -11.67 22.82
C GLY A 343 -40.42 -10.26 23.08
N ASN A 344 -39.79 -9.52 23.97
CA ASN A 344 -40.17 -8.17 24.30
C ASN A 344 -39.04 -7.20 23.96
N VAL A 345 -39.36 -5.91 24.03
CA VAL A 345 -38.38 -4.86 23.78
C VAL A 345 -37.56 -4.64 25.04
N VAL A 346 -36.23 -4.69 24.90
CA VAL A 346 -35.34 -4.48 26.03
C VAL A 346 -35.30 -3.00 26.38
N GLN A 347 -35.34 -2.71 27.68
CA GLN A 347 -35.32 -1.32 28.13
C GLN A 347 -34.06 -0.63 27.62
N THR A 348 -34.24 0.59 27.09
CA THR A 348 -33.14 1.29 26.45
C THR A 348 -31.98 1.50 27.40
N SER A 349 -30.77 1.27 26.91
CA SER A 349 -29.58 1.34 27.73
C SER A 349 -28.43 1.82 26.85
N ASN A 350 -27.20 1.63 27.31
CA ASN A 350 -26.01 1.99 26.54
C ASN A 350 -25.41 0.73 25.94
N TYR A 351 -24.27 0.90 25.28
CA TYR A 351 -23.65 -0.23 24.59
C TYR A 351 -23.25 -1.33 25.56
N ARG A 352 -22.50 -0.97 26.60
CA ARG A 352 -21.95 -1.98 27.50
C ARG A 352 -23.05 -2.72 28.24
N ASP A 353 -24.08 -2.00 28.68
CA ASP A 353 -25.20 -2.65 29.37
C ASP A 353 -26.01 -3.53 28.44
N LEU A 354 -25.95 -3.31 27.14
CA LEU A 354 -26.68 -4.13 26.19
C LEU A 354 -25.87 -5.34 25.72
N ILE A 355 -24.54 -5.21 25.66
CA ILE A 355 -23.72 -6.38 25.38
C ILE A 355 -23.80 -7.38 26.53
N GLU A 356 -23.84 -6.88 27.77
CA GLU A 356 -23.97 -7.76 28.91
C GLU A 356 -25.30 -8.51 28.87
N VAL A 357 -26.36 -7.83 28.45
CA VAL A 357 -27.66 -8.49 28.30
C VAL A 357 -27.58 -9.57 27.23
N ALA A 358 -26.91 -9.27 26.11
CA ALA A 358 -26.78 -10.25 25.05
C ALA A 358 -26.04 -11.49 25.52
N LEU A 359 -24.94 -11.30 26.26
CA LEU A 359 -24.17 -12.43 26.75
C LEU A 359 -24.94 -13.22 27.81
N SER A 360 -25.70 -12.52 28.65
CA SER A 360 -26.58 -13.21 29.60
C SER A 360 -27.57 -14.09 28.87
N GLU A 361 -28.23 -13.55 27.84
CA GLU A 361 -29.20 -14.35 27.09
C GLU A 361 -28.51 -15.51 26.39
N THR A 362 -27.28 -15.33 25.92
CA THR A 362 -26.60 -16.39 25.19
C THR A 362 -26.16 -17.53 26.10
N LEU A 363 -25.65 -17.21 27.28
CA LEU A 363 -24.99 -18.22 28.11
C LEU A 363 -25.81 -18.69 29.30
N LEU A 364 -26.86 -17.97 29.67
CA LEU A 364 -27.57 -18.23 30.92
C LEU A 364 -29.04 -18.57 30.74
N GLU A 365 -29.60 -18.39 29.56
CA GLU A 365 -31.04 -18.44 29.38
C GLU A 365 -31.42 -19.31 28.19
N GLN A 366 -32.66 -19.77 28.23
CA GLN A 366 -33.25 -20.53 27.14
C GLN A 366 -33.73 -19.60 26.04
N VAL A 367 -33.38 -19.94 24.79
CA VAL A 367 -33.84 -19.17 23.63
C VAL A 367 -35.25 -19.66 23.30
N ARG A 368 -36.24 -18.81 23.61
CA ARG A 368 -37.65 -19.18 23.48
C ARG A 368 -38.19 -18.63 22.17
N LEU A 369 -38.01 -19.41 21.09
CA LEU A 369 -38.50 -18.98 19.79
C LEU A 369 -40.02 -18.98 19.74
N ASP A 370 -40.68 -19.79 20.56
CA ASP A 370 -42.14 -19.80 20.57
C ASP A 370 -42.69 -18.47 21.05
N LEU A 371 -42.05 -17.86 22.05
CA LEU A 371 -42.47 -16.55 22.53
C LEU A 371 -42.06 -15.43 21.58
N VAL A 372 -41.06 -15.66 20.73
CA VAL A 372 -40.74 -14.69 19.69
C VAL A 372 -41.86 -14.59 18.68
N GLU A 373 -42.43 -15.73 18.28
CA GLU A 373 -43.51 -15.73 17.30
C GLU A 373 -44.72 -14.95 17.82
N THR A 374 -45.07 -15.15 19.09
CA THR A 374 -46.19 -14.42 19.66
C THR A 374 -45.80 -13.00 20.06
N GLY A 375 -44.55 -12.79 20.49
CA GLY A 375 -44.16 -11.47 20.96
C GLY A 375 -44.13 -10.42 19.87
N LEU A 376 -43.60 -10.77 18.70
CA LEU A 376 -43.45 -9.77 17.64
C LEU A 376 -44.79 -9.23 17.18
N PRO A 377 -45.70 -10.04 16.61
CA PRO A 377 -47.02 -9.53 16.22
C PRO A 377 -47.62 -8.57 17.23
N ARG A 378 -47.62 -8.96 18.51
CA ARG A 378 -48.19 -8.09 19.54
C ARG A 378 -47.38 -6.81 19.69
N LEU A 379 -46.06 -6.88 19.49
CA LEU A 379 -45.21 -5.71 19.71
C LEU A 379 -45.57 -4.59 18.74
N LEU A 380 -45.60 -4.90 17.44
CA LEU A 380 -45.96 -3.89 16.44
C LEU A 380 -47.45 -3.65 16.35
N GLN A 381 -48.28 -4.61 16.77
CA GLN A 381 -49.72 -4.39 16.74
C GLN A 381 -50.10 -3.22 17.65
N SER A 382 -49.50 -3.15 18.84
CA SER A 382 -49.71 -2.01 19.72
C SER A 382 -48.99 -0.76 19.25
N ARG A 383 -48.08 -0.88 18.29
CA ARG A 383 -47.33 0.27 17.76
C ARG A 383 -48.03 0.88 16.56
N GLN A 384 -48.25 0.09 15.51
CA GLN A 384 -48.91 0.61 14.32
C GLN A 384 -50.31 1.13 14.63
N VAL A 385 -50.97 0.57 15.64
CA VAL A 385 -52.34 0.98 15.94
C VAL A 385 -52.39 2.48 16.26
N LYS A 386 -51.45 2.95 17.07
CA LYS A 386 -51.35 4.39 17.31
C LYS A 386 -50.89 5.14 16.07
N SER A 387 -50.32 4.44 15.09
CA SER A 387 -49.84 5.05 13.86
C SER A 387 -50.96 5.09 12.83
N VAL A 388 -50.61 5.33 11.57
CA VAL A 388 -51.62 5.48 10.51
C VAL A 388 -52.53 4.26 10.47
N THR A 389 -51.96 3.09 10.19
CA THR A 389 -52.72 1.85 10.07
C THR A 389 -51.75 0.69 10.20
N ILE A 390 -52.25 -0.53 9.96
CA ILE A 390 -51.37 -1.69 9.87
C ILE A 390 -50.67 -1.66 8.52
N VAL A 391 -49.34 -1.74 8.53
CA VAL A 391 -48.54 -1.54 7.33
C VAL A 391 -47.46 -2.60 7.26
N PRO A 392 -46.83 -2.77 6.10
CA PRO A 392 -45.95 -3.93 5.92
C PRO A 392 -44.73 -3.89 6.82
N PHE A 393 -43.90 -4.92 6.71
CA PHE A 393 -42.67 -5.04 7.48
C PHE A 393 -41.59 -5.53 6.52
N LEU A 394 -40.82 -4.61 5.97
CA LEU A 394 -39.62 -5.01 5.26
C LEU A 394 -38.72 -5.78 6.21
N THR A 395 -38.28 -6.95 5.77
CA THR A 395 -37.44 -7.82 6.58
C THR A 395 -36.06 -7.89 5.94
N ARG A 396 -35.06 -7.39 6.64
CA ARG A 396 -33.66 -7.56 6.28
C ARG A 396 -33.12 -8.70 7.13
N MET A 397 -32.66 -9.77 6.49
CA MET A 397 -32.24 -10.95 7.22
C MET A 397 -30.76 -11.20 6.97
N ASN A 398 -30.16 -11.96 7.87
CA ASN A 398 -28.79 -12.43 7.69
C ASN A 398 -28.69 -13.93 7.59
N GLU A 399 -29.55 -14.70 8.25
CA GLU A 399 -29.54 -16.15 8.07
C GLU A 399 -30.85 -16.79 8.49
N THR A 400 -31.60 -17.28 7.50
CA THR A 400 -32.50 -18.43 7.49
C THR A 400 -33.83 -18.25 8.23
N MET A 401 -34.07 -17.15 8.94
CA MET A 401 -35.31 -16.97 9.67
C MET A 401 -36.29 -16.06 8.95
N SER A 402 -35.97 -15.63 7.73
CA SER A 402 -36.87 -14.72 7.02
C SER A 402 -38.21 -15.37 6.73
N ASN A 403 -38.21 -16.63 6.29
CA ASN A 403 -39.43 -17.26 5.81
C ASN A 403 -40.28 -17.85 6.94
N ILE A 404 -39.71 -18.01 8.14
CA ILE A 404 -40.53 -18.43 9.27
C ILE A 404 -41.45 -17.31 9.70
N LEU A 405 -40.95 -16.07 9.66
CA LEU A 405 -41.74 -14.92 10.12
C LEU A 405 -43.07 -14.78 9.38
N PRO A 406 -43.12 -14.82 8.03
CA PRO A 406 -44.40 -14.59 7.36
C PRO A 406 -45.51 -15.53 7.79
N ASP A 407 -45.19 -16.74 8.24
CA ASP A 407 -46.21 -17.67 8.73
C ASP A 407 -47.27 -16.92 9.53
N SER A 408 -46.85 -16.03 10.43
CA SER A 408 -47.77 -15.17 11.16
C SER A 408 -47.71 -13.72 10.70
N PHE A 409 -46.66 -13.34 9.97
CA PHE A 409 -46.48 -11.96 9.56
C PHE A 409 -47.28 -11.59 8.32
N ILE A 410 -47.89 -12.54 7.63
CA ILE A 410 -48.67 -12.25 6.43
C ILE A 410 -50.17 -12.34 6.70
N SER A 411 -50.58 -13.25 7.57
CA SER A 411 -51.96 -13.31 8.05
C SER A 411 -52.00 -13.50 9.55
N THR A 412 -52.89 -12.76 10.20
CA THR A 412 -52.85 -12.42 11.62
C THR A 412 -51.85 -11.29 11.86
N GLU A 413 -51.12 -10.85 10.83
CA GLU A 413 -50.24 -9.69 10.90
C GLU A 413 -50.05 -9.18 9.47
N THR A 414 -49.03 -8.36 9.25
CA THR A 414 -49.07 -7.38 8.16
C THR A 414 -48.46 -7.87 6.84
N ARG A 415 -47.15 -8.08 6.77
CA ARG A 415 -46.52 -8.26 5.45
C ARG A 415 -45.04 -8.64 5.58
N THR A 416 -44.34 -8.71 4.44
CA THR A 416 -42.92 -8.97 4.37
C THR A 416 -42.40 -8.47 3.03
N ASP A 417 -41.08 -8.30 2.92
CA ASP A 417 -40.49 -7.69 1.72
C ASP A 417 -38.98 -7.92 1.71
N THR A 418 -38.29 -7.27 0.76
CA THR A 418 -36.83 -7.24 0.61
C THR A 418 -36.51 -6.30 -0.56
N GLY A 419 -35.22 -6.03 -0.77
CA GLY A 419 -34.83 -5.14 -1.85
C GLY A 419 -33.32 -5.11 -2.07
N ARG A 420 -32.88 -4.17 -2.91
CA ARG A 420 -31.45 -3.96 -3.25
C ARG A 420 -31.32 -2.74 -4.15
N ALA A 421 -30.11 -2.17 -4.20
CA ALA A 421 -29.83 -0.98 -5.01
C ALA A 421 -28.31 -0.74 -5.05
N ILE A 422 -27.89 0.22 -5.89
CA ILE A 422 -26.48 0.62 -5.99
C ILE A 422 -26.27 1.88 -6.81
N PRO A 423 -25.32 2.79 -6.42
CA PRO A 423 -24.79 3.80 -7.34
C PRO A 423 -23.53 3.34 -8.07
N ALA A 424 -22.89 4.24 -8.84
CA ALA A 424 -21.71 3.90 -9.62
C ALA A 424 -20.56 4.85 -9.30
N SER A 425 -19.33 4.36 -9.48
CA SER A 425 -18.13 5.10 -9.14
C SER A 425 -16.99 4.69 -10.07
N GLY A 426 -15.76 5.02 -9.68
CA GLY A 426 -14.59 4.68 -10.44
C GLY A 426 -13.80 3.49 -9.89
N ARG A 427 -12.90 2.98 -10.73
CA ARG A 427 -12.07 1.80 -10.47
C ARG A 427 -11.34 1.87 -9.13
N PRO A 428 -10.90 0.73 -8.58
CA PRO A 428 -10.04 0.74 -7.40
C PRO A 428 -8.72 1.49 -7.61
N GLY A 429 -8.19 2.05 -6.52
CA GLY A 429 -6.99 2.85 -6.53
C GLY A 429 -5.71 2.11 -6.80
N ALA A 430 -4.59 2.61 -6.26
CA ALA A 430 -3.28 2.04 -6.56
C ALA A 430 -3.13 0.65 -5.98
N GLY A 431 -3.56 0.46 -4.74
CA GLY A 431 -3.69 -0.87 -4.18
C GLY A 431 -4.99 -1.49 -4.60
N LYS A 432 -5.24 -2.71 -4.10
CA LYS A 432 -6.49 -3.42 -4.36
C LYS A 432 -6.83 -3.43 -5.84
N CYS A 433 -5.81 -3.34 -6.70
CA CYS A 433 -6.03 -3.22 -8.13
C CYS A 433 -5.04 -4.09 -8.86
N LYS A 434 -5.43 -4.50 -10.06
CA LYS A 434 -4.64 -5.41 -10.88
C LYS A 434 -3.62 -4.62 -11.69
N LEU A 435 -2.56 -5.32 -12.10
CA LEU A 435 -1.48 -4.75 -12.86
C LEU A 435 -1.47 -5.37 -14.25
N ALA A 436 -1.49 -4.51 -15.27
CA ALA A 436 -1.57 -4.95 -16.66
C ALA A 436 -0.18 -4.99 -17.28
N ILE A 437 0.15 -6.11 -17.91
CA ILE A 437 1.38 -6.24 -18.68
C ILE A 437 1.05 -5.79 -20.10
N VAL A 438 1.66 -4.69 -20.54
CA VAL A 438 1.28 -4.06 -21.78
C VAL A 438 2.20 -4.42 -22.94
N SER A 439 3.43 -4.84 -22.66
CA SER A 439 4.34 -5.26 -23.71
C SER A 439 5.41 -6.14 -23.11
N MET A 440 6.17 -6.80 -23.97
CA MET A 440 7.26 -7.66 -23.56
C MET A 440 8.28 -7.72 -24.68
N SER A 441 9.48 -8.16 -24.33
CA SER A 441 10.52 -8.41 -25.30
C SER A 441 11.62 -9.20 -24.60
N GLY A 442 12.57 -9.69 -25.37
CA GLY A 442 13.70 -10.39 -24.79
C GLY A 442 14.50 -11.09 -25.85
N ARG A 443 15.56 -11.74 -25.38
CA ARG A 443 16.43 -12.57 -26.21
C ARG A 443 16.61 -13.90 -25.52
N PHE A 444 16.47 -14.99 -26.26
CA PHE A 444 16.55 -16.35 -25.73
C PHE A 444 17.40 -17.19 -26.66
N PRO A 445 17.87 -18.34 -26.19
CA PRO A 445 18.77 -19.16 -27.03
C PRO A 445 18.13 -19.51 -28.36
N GLU A 446 18.86 -19.20 -29.44
CA GLU A 446 18.42 -19.41 -30.81
C GLU A 446 17.20 -18.58 -31.18
N SER A 447 16.79 -17.66 -30.33
CA SER A 447 15.55 -16.90 -30.51
C SER A 447 15.84 -15.41 -30.33
N PRO A 448 16.31 -14.73 -31.37
CA PRO A 448 16.54 -13.28 -31.25
C PRO A 448 15.27 -12.45 -31.11
N THR A 449 14.09 -13.09 -31.08
CA THR A 449 12.82 -12.40 -30.91
C THR A 449 11.94 -13.28 -30.04
N THR A 450 10.78 -12.73 -29.65
CA THR A 450 9.78 -13.55 -28.98
C THR A 450 9.06 -14.47 -29.96
N GLU A 451 8.95 -14.05 -31.23
CA GLU A 451 8.33 -14.89 -32.23
C GLU A 451 9.12 -16.18 -32.45
N SER A 452 10.45 -16.08 -32.54
CA SER A 452 11.26 -17.27 -32.68
C SER A 452 11.18 -18.14 -31.44
N PHE A 453 11.12 -17.52 -30.27
CA PHE A 453 10.97 -18.27 -29.02
C PHE A 453 9.68 -19.08 -29.04
N TRP A 454 8.57 -18.47 -29.46
CA TRP A 454 7.34 -19.23 -29.54
C TRP A 454 7.42 -20.33 -30.59
N ASP A 455 7.99 -20.03 -31.76
CA ASP A 455 8.10 -21.07 -32.78
C ASP A 455 8.90 -22.25 -32.27
N LEU A 456 9.86 -22.01 -31.39
CA LEU A 456 10.63 -23.10 -30.80
C LEU A 456 9.83 -23.82 -29.71
N LEU A 457 9.03 -23.10 -28.93
CA LEU A 457 8.20 -23.74 -27.92
C LEU A 457 7.17 -24.64 -28.54
N TYR A 458 6.52 -24.16 -29.61
CA TYR A 458 5.39 -24.87 -30.20
C TYR A 458 5.81 -26.22 -30.74
N LYS A 459 6.93 -26.27 -31.44
CA LYS A 459 7.41 -27.53 -32.02
C LYS A 459 8.05 -28.42 -30.97
N GLY A 460 8.38 -27.90 -29.80
CA GLY A 460 8.94 -28.69 -28.73
C GLY A 460 10.38 -29.10 -28.95
N LEU A 461 11.28 -28.13 -29.02
CA LEU A 461 12.69 -28.39 -29.22
C LEU A 461 13.49 -28.01 -27.99
N ASP A 462 14.60 -28.71 -27.80
CA ASP A 462 15.61 -28.38 -26.80
C ASP A 462 16.87 -27.96 -27.52
N VAL A 463 17.45 -26.83 -27.10
CA VAL A 463 18.57 -26.24 -27.82
C VAL A 463 19.86 -26.33 -27.01
N CYS A 464 19.93 -27.24 -26.04
CA CYS A 464 21.16 -27.40 -25.28
C CYS A 464 22.29 -27.82 -26.21
N LYS A 465 23.44 -27.15 -26.07
CA LYS A 465 24.57 -27.40 -26.95
C LYS A 465 25.85 -26.96 -26.24
N GLU A 466 26.98 -27.32 -26.85
CA GLU A 466 28.29 -26.95 -26.34
C GLU A 466 28.75 -25.63 -26.96
N VAL A 467 29.83 -25.09 -26.41
CA VAL A 467 30.33 -23.79 -26.88
C VAL A 467 30.84 -23.94 -28.30
N PRO A 468 30.54 -23.01 -29.20
CA PRO A 468 31.00 -23.15 -30.59
C PRO A 468 32.51 -23.03 -30.70
N ARG A 469 33.05 -23.65 -31.76
CA ARG A 469 34.49 -23.61 -32.00
C ARG A 469 34.97 -22.24 -32.46
N ARG A 470 34.05 -21.38 -32.90
CA ARG A 470 34.47 -20.06 -33.39
C ARG A 470 35.13 -19.25 -32.28
N ARG A 471 34.59 -19.33 -31.06
CA ARG A 471 35.13 -18.56 -29.95
C ARG A 471 36.37 -19.24 -29.36
N TRP A 472 36.20 -20.45 -28.85
CA TRP A 472 37.31 -21.16 -28.21
C TRP A 472 36.99 -22.65 -28.16
N ASP A 473 38.03 -23.47 -28.24
CA ASP A 473 37.88 -24.91 -28.28
C ASP A 473 38.01 -25.50 -26.88
N ILE A 474 37.09 -26.42 -26.57
CA ILE A 474 37.11 -27.07 -25.26
C ILE A 474 38.14 -28.18 -25.18
N ASN A 475 38.56 -28.75 -26.31
CA ASN A 475 39.44 -29.90 -26.28
C ASN A 475 40.77 -29.57 -25.60
N THR A 476 41.36 -28.42 -25.93
CA THR A 476 42.64 -28.05 -25.35
C THR A 476 42.51 -27.85 -23.85
N HIS A 477 41.42 -27.22 -23.40
CA HIS A 477 41.24 -26.93 -21.99
C HIS A 477 40.96 -28.18 -21.15
N VAL A 478 40.75 -29.33 -21.77
CA VAL A 478 40.48 -30.56 -21.04
C VAL A 478 41.60 -30.78 -20.03
N ASP A 479 41.23 -30.80 -18.75
CA ASP A 479 42.21 -30.88 -17.67
C ASP A 479 41.50 -31.38 -16.42
N PRO A 480 42.22 -32.01 -15.48
CA PRO A 480 41.61 -32.34 -14.19
C PRO A 480 41.28 -31.10 -13.37
N SER A 481 40.85 -31.29 -12.13
CA SER A 481 40.43 -30.19 -11.26
C SER A 481 41.33 -28.98 -11.45
N GLY A 482 40.71 -27.81 -11.65
CA GLY A 482 41.43 -26.61 -11.99
C GLY A 482 42.14 -25.95 -10.83
N LYS A 483 43.21 -26.57 -10.35
CA LYS A 483 44.03 -25.93 -9.32
C LYS A 483 44.79 -24.74 -9.90
N ALA A 484 45.05 -24.73 -11.19
CA ALA A 484 45.75 -23.64 -11.85
C ALA A 484 44.74 -22.62 -12.36
N ARG A 485 45.22 -21.62 -13.10
CA ARG A 485 44.38 -20.54 -13.59
C ARG A 485 43.91 -20.86 -15.01
N ASN A 486 42.62 -20.63 -15.25
CA ASN A 486 42.00 -20.87 -16.56
C ASN A 486 42.09 -22.35 -16.95
N LYS A 487 41.50 -23.20 -16.10
CA LYS A 487 41.37 -24.62 -16.35
C LYS A 487 39.89 -24.96 -16.49
N GLY A 488 39.55 -25.69 -17.56
CA GLY A 488 38.17 -26.02 -17.82
C GLY A 488 37.77 -27.38 -17.27
N ALA A 489 36.48 -27.51 -16.94
CA ALA A 489 35.94 -28.77 -16.44
C ALA A 489 34.55 -29.08 -16.98
N THR A 490 34.00 -28.28 -17.88
CA THR A 490 32.66 -28.48 -18.38
C THR A 490 32.59 -27.99 -19.82
N LYS A 491 31.55 -28.41 -20.53
CA LYS A 491 31.38 -28.08 -21.94
C LYS A 491 30.00 -27.58 -22.33
N TRP A 492 28.96 -27.86 -21.54
CA TRP A 492 27.61 -27.48 -21.92
C TRP A 492 27.36 -26.00 -21.60
N GLY A 493 26.20 -25.52 -22.05
CA GLY A 493 25.81 -24.14 -21.87
C GLY A 493 25.10 -23.59 -23.09
N CYS A 494 24.00 -22.87 -22.88
CA CYS A 494 23.21 -22.30 -23.97
C CYS A 494 23.47 -20.80 -24.01
N TRP A 495 24.47 -20.40 -24.80
CA TRP A 495 24.78 -18.99 -25.02
C TRP A 495 23.91 -18.41 -26.13
N LEU A 496 24.01 -17.10 -26.31
CA LEU A 496 23.35 -16.40 -27.41
C LEU A 496 24.42 -16.04 -28.43
N ASP A 497 24.24 -16.52 -29.67
CA ASP A 497 25.21 -16.22 -30.72
C ASP A 497 25.23 -14.73 -31.05
N PHE A 498 24.08 -14.07 -30.93
CA PHE A 498 23.89 -12.69 -31.37
C PHE A 498 24.16 -11.72 -30.23
N SER A 499 25.31 -11.84 -29.58
CA SER A 499 25.59 -11.06 -28.38
C SER A 499 26.31 -9.76 -28.66
N GLY A 500 27.11 -9.71 -29.73
CA GLY A 500 27.86 -8.51 -30.04
C GLY A 500 27.10 -7.44 -30.79
N ASP A 501 25.94 -7.76 -31.34
CA ASP A 501 25.20 -6.81 -32.16
C ASP A 501 24.64 -5.67 -31.31
N PHE A 502 24.80 -4.45 -31.78
CA PHE A 502 24.31 -3.29 -31.06
C PHE A 502 24.16 -2.12 -32.04
N ASP A 503 23.36 -1.15 -31.63
CA ASP A 503 23.18 0.12 -32.35
C ASP A 503 23.49 1.23 -31.37
N PRO A 504 24.76 1.60 -31.21
CA PRO A 504 25.10 2.62 -30.20
C PRO A 504 24.61 4.01 -30.55
N ARG A 505 24.53 4.37 -31.83
CA ARG A 505 24.14 5.72 -32.19
C ARG A 505 22.70 6.03 -31.77
N PHE A 506 21.83 5.02 -31.80
CA PHE A 506 20.46 5.23 -31.36
C PHE A 506 20.40 5.69 -29.91
N PHE A 507 21.34 5.24 -29.08
CA PHE A 507 21.35 5.52 -27.66
C PHE A 507 22.35 6.61 -27.28
N GLY A 508 22.90 7.32 -28.27
CA GLY A 508 23.82 8.40 -27.98
C GLY A 508 25.13 7.94 -27.38
N ILE A 509 25.64 6.79 -27.81
CA ILE A 509 26.84 6.19 -27.27
C ILE A 509 27.89 6.14 -28.38
N SER A 510 29.11 6.52 -28.06
CA SER A 510 30.17 6.51 -29.06
C SER A 510 30.51 5.07 -29.44
N PRO A 511 30.83 4.81 -30.72
CA PRO A 511 31.23 3.45 -31.10
C PRO A 511 32.50 2.99 -30.40
N LYS A 512 33.32 3.91 -29.90
CA LYS A 512 34.47 3.51 -29.09
C LYS A 512 34.03 3.00 -27.74
N GLU A 513 32.95 3.57 -27.19
CA GLU A 513 32.47 3.15 -25.89
C GLU A 513 31.74 1.82 -25.96
N ALA A 514 31.20 1.45 -27.12
CA ALA A 514 30.34 0.28 -27.21
C ALA A 514 31.04 -1.01 -26.83
N PRO A 515 32.24 -1.31 -27.31
CA PRO A 515 32.89 -2.58 -26.93
C PRO A 515 33.12 -2.71 -25.43
N GLN A 516 33.29 -1.61 -24.71
CA GLN A 516 33.51 -1.66 -23.27
C GLN A 516 32.23 -1.87 -22.47
N MET A 517 31.07 -1.76 -23.10
CA MET A 517 29.81 -2.01 -22.41
C MET A 517 29.59 -3.50 -22.20
N ASP A 518 28.85 -3.81 -21.16
CA ASP A 518 28.48 -5.20 -20.91
C ASP A 518 27.43 -5.64 -21.94
N PRO A 519 27.62 -6.76 -22.63
CA PRO A 519 26.64 -7.15 -23.66
C PRO A 519 25.22 -7.24 -23.12
N ALA A 520 25.06 -7.72 -21.90
CA ALA A 520 23.74 -7.78 -21.30
C ALA A 520 23.10 -6.40 -21.23
N GLN A 521 23.91 -5.38 -20.94
CA GLN A 521 23.39 -4.02 -20.88
C GLN A 521 22.86 -3.56 -22.24
N ARG A 522 23.60 -3.85 -23.30
CA ARG A 522 23.21 -3.43 -24.64
C ARG A 522 21.95 -4.16 -25.09
N MET A 523 21.89 -5.47 -24.85
CA MET A 523 20.69 -6.21 -25.21
C MET A 523 19.49 -5.76 -24.37
N ALA A 524 19.71 -5.41 -23.10
CA ALA A 524 18.63 -4.87 -22.29
C ALA A 524 18.14 -3.54 -22.84
N LEU A 525 19.05 -2.70 -23.32
CA LEU A 525 18.66 -1.43 -23.93
C LEU A 525 17.76 -1.66 -25.14
N MET A 526 18.21 -2.52 -26.06
CA MET A 526 17.43 -2.77 -27.27
C MET A 526 16.09 -3.42 -26.95
N SER A 527 16.09 -4.40 -26.04
CA SER A 527 14.84 -5.06 -25.66
C SER A 527 13.88 -4.08 -25.00
N THR A 528 14.40 -3.18 -24.17
CA THR A 528 13.54 -2.19 -23.55
C THR A 528 12.91 -1.29 -24.58
N TYR A 529 13.69 -0.86 -25.58
CA TYR A 529 13.08 -0.02 -26.61
C TYR A 529 12.04 -0.81 -27.40
N GLU A 530 12.29 -2.08 -27.69
CA GLU A 530 11.32 -2.88 -28.41
C GLU A 530 10.03 -3.04 -27.62
N ALA A 531 10.14 -3.29 -26.31
CA ALA A 531 8.95 -3.39 -25.47
C ALA A 531 8.20 -2.07 -25.42
N MET A 532 8.92 -0.96 -25.36
CA MET A 532 8.27 0.35 -25.36
C MET A 532 7.54 0.59 -26.68
N GLU A 533 8.15 0.16 -27.79
CA GLU A 533 7.51 0.29 -29.09
C GLU A 533 6.25 -0.58 -29.18
N ARG A 534 6.30 -1.79 -28.65
CA ARG A 534 5.18 -2.71 -28.76
C ARG A 534 3.95 -2.24 -27.98
N ALA A 535 4.13 -1.40 -26.97
CA ALA A 535 3.01 -0.85 -26.23
C ALA A 535 2.56 0.49 -26.77
N GLY A 536 3.23 1.04 -27.79
CA GLY A 536 2.90 2.36 -28.27
C GLY A 536 3.12 3.44 -27.24
N LEU A 537 4.19 3.35 -26.47
CA LEU A 537 4.45 4.22 -25.34
C LEU A 537 5.41 5.32 -25.74
N VAL A 538 4.96 6.57 -25.62
CA VAL A 538 5.75 7.75 -25.92
C VAL A 538 5.84 8.57 -24.63
N PRO A 539 7.02 8.81 -24.08
CA PRO A 539 7.10 9.53 -22.80
C PRO A 539 6.53 10.94 -22.88
N ASP A 540 5.91 11.35 -21.77
CA ASP A 540 5.37 12.71 -21.59
C ASP A 540 4.16 12.97 -22.46
N THR A 541 3.40 11.93 -22.82
CA THR A 541 2.20 12.10 -23.63
C THR A 541 0.92 11.72 -22.91
N THR A 542 0.99 10.98 -21.81
CA THR A 542 -0.16 10.61 -21.00
C THR A 542 0.21 10.80 -19.54
N PRO A 543 -0.78 10.87 -18.65
CA PRO A 543 -0.44 11.07 -17.23
C PRO A 543 0.49 10.01 -16.67
N SER A 544 0.33 8.76 -17.11
CA SER A 544 1.11 7.66 -16.58
C SER A 544 2.48 7.53 -17.23
N THR A 545 2.76 8.30 -18.28
CA THR A 545 4.03 8.20 -19.00
C THR A 545 4.87 9.45 -18.88
N GLN A 546 4.62 10.27 -17.85
CA GLN A 546 5.54 11.36 -17.54
C GLN A 546 6.87 10.77 -17.09
N ARG A 547 7.96 11.38 -17.57
CA ARG A 547 9.27 10.76 -17.40
C ARG A 547 9.61 10.53 -15.93
N ASP A 548 9.03 11.30 -15.02
CA ASP A 548 9.30 11.18 -13.60
C ASP A 548 8.43 10.15 -12.92
N ARG A 549 7.58 9.44 -13.66
CA ARG A 549 6.70 8.42 -13.10
C ARG A 549 7.03 7.02 -13.61
N ILE A 550 8.20 6.84 -14.19
CA ILE A 550 8.61 5.58 -14.80
C ILE A 550 9.82 5.06 -14.04
N GLY A 551 9.69 3.86 -13.46
CA GLY A 551 10.77 3.23 -12.73
C GLY A 551 11.36 2.04 -13.46
N VAL A 552 12.56 1.61 -13.06
CA VAL A 552 13.23 0.47 -13.67
C VAL A 552 13.61 -0.51 -12.57
N PHE A 553 13.18 -1.76 -12.70
CA PHE A 553 13.40 -2.81 -11.71
C PHE A 553 14.07 -3.99 -12.41
N HIS A 554 15.38 -4.09 -12.30
CA HIS A 554 16.13 -5.16 -12.94
C HIS A 554 16.51 -6.23 -11.92
N GLY A 555 16.55 -7.48 -12.39
CA GLY A 555 17.00 -8.58 -11.57
C GLY A 555 18.17 -9.30 -12.22
N VAL A 556 19.33 -9.20 -11.60
CA VAL A 556 20.55 -9.80 -12.13
C VAL A 556 21.33 -10.39 -10.96
N THR A 557 21.90 -11.57 -11.17
CA THR A 557 22.66 -12.25 -10.12
C THR A 557 24.12 -12.45 -10.46
N SER A 558 24.44 -12.76 -11.71
CA SER A 558 25.82 -12.98 -12.14
C SER A 558 26.11 -12.08 -13.34
N ASN A 559 27.15 -11.26 -13.22
CA ASN A 559 27.55 -10.31 -14.26
C ASN A 559 28.88 -10.78 -14.85
N ASP A 560 28.86 -11.18 -16.12
CA ASP A 560 30.04 -11.72 -16.78
C ASP A 560 30.68 -10.65 -17.65
N TRP A 561 31.97 -10.39 -17.40
CA TRP A 561 32.72 -9.38 -18.14
C TRP A 561 32.03 -8.01 -18.08
N MET A 562 31.43 -7.72 -16.93
CA MET A 562 30.90 -6.41 -16.61
C MET A 562 31.69 -5.70 -15.52
N GLU A 563 32.23 -6.46 -14.56
CA GLU A 563 32.97 -5.88 -13.45
C GLU A 563 34.25 -6.63 -13.12
N THR A 564 34.51 -7.79 -13.73
CA THR A 564 35.58 -8.68 -13.29
C THR A 564 36.68 -8.85 -14.34
N ASN A 565 36.34 -9.28 -15.56
CA ASN A 565 37.37 -9.77 -16.47
C ASN A 565 38.19 -8.64 -17.09
N THR A 566 37.62 -7.44 -17.20
CA THR A 566 38.30 -6.35 -17.91
C THR A 566 39.77 -6.15 -17.52
N ALA A 567 40.66 -6.48 -18.45
CA ALA A 567 42.10 -6.39 -18.22
C ALA A 567 42.88 -5.71 -19.33
N GLN A 568 42.37 -5.65 -20.56
CA GLN A 568 43.14 -5.07 -21.65
C GLN A 568 43.58 -3.64 -21.33
N ASN A 569 42.62 -2.80 -20.94
CA ASN A 569 42.91 -1.42 -20.57
C ASN A 569 41.96 -0.97 -19.48
N ILE A 570 42.40 -0.01 -18.68
CA ILE A 570 41.62 0.56 -17.60
C ILE A 570 41.60 2.06 -17.78
N ASP A 571 40.40 2.65 -17.76
CA ASP A 571 40.23 4.09 -17.95
C ASP A 571 39.19 4.58 -16.95
N THR A 572 38.79 5.85 -17.11
CA THR A 572 37.78 6.42 -16.23
C THR A 572 36.44 5.70 -16.41
N TYR A 573 36.11 5.33 -17.64
CA TYR A 573 34.88 4.60 -17.93
C TYR A 573 35.09 3.09 -17.81
N PHE A 574 35.62 2.66 -16.67
CA PHE A 574 35.75 1.24 -16.36
C PHE A 574 34.85 0.84 -15.19
N ILE A 575 35.01 1.46 -14.02
CA ILE A 575 34.10 1.23 -12.92
C ILE A 575 32.78 1.98 -13.16
N THR A 576 32.87 3.21 -13.64
CA THR A 576 31.68 4.01 -13.87
C THR A 576 30.93 3.48 -15.08
N GLY A 577 29.62 3.28 -14.93
CA GLY A 577 28.75 2.84 -15.99
C GLY A 577 28.45 1.35 -15.99
N GLY A 578 29.22 0.54 -15.27
CA GLY A 578 29.05 -0.89 -15.33
C GLY A 578 29.32 -1.66 -14.05
N ASN A 579 29.22 -1.03 -12.88
CA ASN A 579 29.58 -1.76 -11.67
C ASN A 579 28.67 -2.95 -11.47
N ARG A 580 27.44 -2.74 -10.99
CA ARG A 580 26.34 -3.65 -11.27
C ARG A 580 25.01 -2.91 -11.35
N GLY A 581 24.93 -1.76 -10.67
CA GLY A 581 23.71 -0.99 -10.58
C GLY A 581 23.46 -0.10 -11.76
N PHE A 582 24.34 -0.16 -12.76
CA PHE A 582 24.24 0.68 -13.93
C PHE A 582 23.42 0.05 -15.05
N ILE A 583 22.87 -1.14 -14.85
CA ILE A 583 21.93 -1.68 -15.82
C ILE A 583 20.66 -0.83 -15.71
N PRO A 584 19.94 -0.87 -14.58
CA PRO A 584 18.79 0.04 -14.46
C PRO A 584 19.17 1.50 -14.51
N GLY A 585 20.34 1.87 -13.98
CA GLY A 585 20.77 3.25 -14.05
C GLY A 585 21.03 3.72 -15.47
N ARG A 586 21.69 2.89 -16.28
CA ARG A 586 21.91 3.25 -17.67
C ARG A 586 20.60 3.26 -18.45
N ILE A 587 19.66 2.36 -18.13
CA ILE A 587 18.35 2.44 -18.78
C ILE A 587 17.68 3.76 -18.42
N ASN A 588 17.73 4.14 -17.15
CA ASN A 588 17.15 5.40 -16.71
C ASN A 588 17.74 6.58 -17.47
N PHE A 589 19.06 6.60 -17.60
CA PHE A 589 19.71 7.72 -18.28
C PHE A 589 19.40 7.74 -19.77
N CYS A 590 19.54 6.58 -20.43
CA CYS A 590 19.35 6.53 -21.88
C CYS A 590 17.93 6.86 -22.27
N PHE A 591 16.96 6.37 -21.52
CA PHE A 591 15.56 6.63 -21.83
C PHE A 591 15.00 7.82 -21.06
N GLU A 592 15.80 8.43 -20.19
CA GLU A 592 15.37 9.60 -19.42
C GLU A 592 14.20 9.26 -18.50
N PHE A 593 14.27 8.11 -17.85
CA PHE A 593 13.29 7.72 -16.86
C PHE A 593 13.77 8.22 -15.50
N ALA A 594 12.97 9.07 -14.86
CA ALA A 594 13.38 9.76 -13.64
C ALA A 594 12.66 9.25 -12.40
N GLY A 595 12.16 8.02 -12.44
CA GLY A 595 11.54 7.42 -11.29
C GLY A 595 12.50 6.50 -10.56
N PRO A 596 11.98 5.73 -9.60
CA PRO A 596 12.85 4.85 -8.81
C PRO A 596 13.53 3.80 -9.66
N SER A 597 14.70 3.35 -9.19
CA SER A 597 15.53 2.40 -9.92
C SER A 597 16.18 1.45 -8.94
N TYR A 598 16.05 0.15 -9.21
CA TYR A 598 16.52 -0.89 -8.29
C TYR A 598 17.14 -2.04 -9.07
N THR A 599 18.01 -2.78 -8.38
CA THR A 599 18.53 -4.06 -8.86
C THR A 599 18.40 -5.09 -7.75
N ASN A 600 18.13 -6.33 -8.13
CA ASN A 600 17.84 -7.39 -7.18
C ASN A 600 18.76 -8.58 -7.42
N ASP A 601 19.21 -9.20 -6.34
CA ASP A 601 20.05 -10.41 -6.38
C ASP A 601 19.43 -11.44 -5.46
N THR A 602 18.69 -12.38 -6.04
CA THR A 602 17.93 -13.39 -5.32
C THR A 602 18.13 -14.72 -6.06
N ALA A 603 19.39 -15.13 -6.18
CA ALA A 603 20.01 -15.57 -7.42
C ALA A 603 19.10 -16.20 -8.46
N CYS A 604 18.41 -17.29 -8.16
CA CYS A 604 17.64 -17.98 -9.19
C CYS A 604 16.20 -17.48 -9.29
N SER A 605 15.83 -16.48 -8.50
CA SER A 605 14.53 -15.84 -8.62
C SER A 605 14.67 -14.33 -8.65
N SER A 606 15.80 -13.84 -9.19
CA SER A 606 16.05 -12.41 -9.22
C SER A 606 15.02 -11.67 -10.07
N SER A 607 14.69 -12.20 -11.25
CA SER A 607 13.77 -11.51 -12.15
C SER A 607 12.34 -11.52 -11.61
N LEU A 608 11.90 -12.64 -11.07
CA LEU A 608 10.54 -12.69 -10.54
C LEU A 608 10.43 -11.87 -9.26
N ALA A 609 11.47 -11.86 -8.43
CA ALA A 609 11.48 -10.99 -7.25
C ALA A 609 11.56 -9.52 -7.64
N ALA A 610 12.26 -9.19 -8.73
CA ALA A 610 12.28 -7.83 -9.23
C ALA A 610 10.92 -7.42 -9.77
N ILE A 611 10.20 -8.35 -10.42
CA ILE A 611 8.83 -8.09 -10.82
C ILE A 611 7.95 -7.87 -9.59
N HIS A 612 8.20 -8.62 -8.52
CA HIS A 612 7.49 -8.40 -7.28
C HIS A 612 7.74 -7.00 -6.73
N LEU A 613 9.00 -6.55 -6.77
CA LEU A 613 9.34 -5.21 -6.30
C LEU A 613 8.68 -4.14 -7.16
N ALA A 614 8.67 -4.35 -8.49
CA ALA A 614 7.99 -3.40 -9.37
C ALA A 614 6.51 -3.34 -9.08
N CYS A 615 5.88 -4.50 -8.85
CA CYS A 615 4.48 -4.54 -8.49
C CYS A 615 4.23 -3.82 -7.17
N ASN A 616 5.14 -3.97 -6.21
CA ASN A 616 5.01 -3.29 -4.93
C ASN A 616 5.10 -1.78 -5.11
N SER A 617 6.03 -1.31 -5.95
CA SER A 617 6.14 0.11 -6.23
C SER A 617 4.87 0.64 -6.89
N LEU A 618 4.30 -0.13 -7.81
CA LEU A 618 3.06 0.30 -8.46
C LEU A 618 1.89 0.31 -7.50
N TRP A 619 1.85 -0.66 -6.57
CA TRP A 619 0.76 -0.70 -5.59
C TRP A 619 0.91 0.40 -4.54
N ARG A 620 2.14 0.80 -4.23
CA ARG A 620 2.36 1.88 -3.29
C ARG A 620 2.11 3.25 -3.91
N GLY A 621 2.37 3.40 -5.20
CA GLY A 621 2.25 4.67 -5.88
C GLY A 621 3.55 5.35 -6.21
N ASP A 622 4.69 4.68 -5.98
CA ASP A 622 5.98 5.30 -6.27
C ASP A 622 6.17 5.56 -7.76
N CYS A 623 5.49 4.81 -8.61
CA CYS A 623 5.60 5.00 -10.05
C CYS A 623 4.24 4.74 -10.69
N ASP A 624 4.11 5.19 -11.94
CA ASP A 624 2.94 4.91 -12.75
C ASP A 624 3.19 3.87 -13.82
N THR A 625 4.45 3.67 -14.22
CA THR A 625 4.85 2.67 -15.18
C THR A 625 6.15 2.04 -14.70
N ALA A 626 6.24 0.73 -14.82
CA ALA A 626 7.41 -0.01 -14.35
C ALA A 626 8.04 -0.78 -15.51
N VAL A 627 9.37 -0.80 -15.54
CA VAL A 627 10.11 -1.59 -16.51
C VAL A 627 10.82 -2.69 -15.75
N ALA A 628 10.20 -3.87 -15.67
CA ALA A 628 10.74 -5.00 -14.95
C ALA A 628 11.36 -5.98 -15.93
N GLY A 629 12.58 -6.42 -15.65
CA GLY A 629 13.25 -7.35 -16.51
C GLY A 629 14.32 -8.12 -15.76
N GLY A 630 15.14 -8.82 -16.53
CA GLY A 630 16.25 -9.54 -15.96
C GLY A 630 17.19 -9.99 -17.07
N THR A 631 18.44 -10.22 -16.68
CA THR A 631 19.45 -10.71 -17.61
C THR A 631 20.24 -11.81 -16.94
N ASN A 632 20.82 -12.68 -17.76
CA ASN A 632 21.76 -13.68 -17.27
C ASN A 632 22.79 -13.92 -18.37
N MET A 633 24.05 -13.65 -18.07
CA MET A 633 25.14 -13.82 -19.02
C MET A 633 26.18 -14.75 -18.42
N ILE A 634 26.77 -15.57 -19.27
CA ILE A 634 27.84 -16.48 -18.86
C ILE A 634 29.09 -16.16 -19.68
N TYR A 635 29.26 -14.88 -20.03
CA TYR A 635 30.32 -14.51 -20.95
C TYR A 635 31.68 -14.98 -20.47
N THR A 636 31.86 -15.10 -19.16
CA THR A 636 33.06 -15.70 -18.59
C THR A 636 32.71 -17.11 -18.13
N PRO A 637 33.08 -18.16 -18.87
CA PRO A 637 32.79 -19.53 -18.43
C PRO A 637 33.77 -20.09 -17.41
N ASP A 638 34.64 -19.26 -16.84
CA ASP A 638 35.59 -19.75 -15.85
C ASP A 638 34.89 -20.26 -14.60
N GLY A 639 33.66 -19.82 -14.33
CA GLY A 639 32.92 -20.27 -13.17
C GLY A 639 32.31 -21.64 -13.29
N HIS A 640 32.39 -22.27 -14.47
CA HIS A 640 31.86 -23.62 -14.62
C HIS A 640 32.60 -24.61 -13.74
N THR A 641 33.92 -24.48 -13.65
CA THR A 641 34.73 -25.47 -12.94
C THR A 641 34.34 -25.55 -11.47
N GLY A 642 34.16 -24.40 -10.82
CA GLY A 642 33.83 -24.42 -9.40
C GLY A 642 32.49 -25.06 -9.11
N LEU A 643 31.49 -24.77 -9.95
CA LEU A 643 30.14 -25.27 -9.71
C LEU A 643 30.00 -26.75 -10.09
N ASP A 644 30.74 -27.21 -11.09
CA ASP A 644 30.64 -28.60 -11.55
C ASP A 644 31.64 -29.49 -10.81
N LYS A 645 31.52 -29.49 -9.48
CA LYS A 645 32.38 -30.28 -8.62
C LYS A 645 31.62 -31.32 -7.81
N GLY A 646 30.50 -30.92 -7.18
CA GLY A 646 29.74 -31.84 -6.35
C GLY A 646 28.56 -32.45 -7.08
N PHE A 647 28.59 -32.41 -8.41
CA PHE A 647 27.54 -32.93 -9.29
C PHE A 647 26.28 -32.09 -9.25
N PHE A 648 26.33 -30.86 -8.74
CA PHE A 648 25.18 -29.98 -8.80
C PHE A 648 24.81 -29.66 -10.25
N LEU A 649 25.81 -29.38 -11.08
CA LEU A 649 25.56 -29.13 -12.49
C LEU A 649 25.26 -30.44 -13.22
N SER A 650 25.06 -30.34 -14.53
CA SER A 650 24.71 -31.48 -15.36
C SER A 650 25.84 -31.78 -16.33
N ARG A 651 26.13 -33.08 -16.48
CA ARG A 651 27.09 -33.57 -17.47
C ARG A 651 26.39 -34.15 -18.70
N THR A 652 25.21 -33.64 -19.02
CA THR A 652 24.36 -34.20 -20.06
C THR A 652 23.63 -33.03 -20.72
N GLY A 653 22.48 -33.33 -21.35
CA GLY A 653 21.77 -32.35 -22.15
C GLY A 653 21.03 -31.31 -21.35
N ASN A 654 19.85 -30.91 -21.84
CA ASN A 654 19.12 -29.78 -21.28
C ASN A 654 18.60 -30.13 -19.89
N CYS A 655 17.81 -29.21 -19.32
CA CYS A 655 17.35 -29.36 -17.94
C CYS A 655 16.70 -30.72 -17.71
N LYS A 656 15.90 -31.19 -18.65
CA LYS A 656 15.19 -32.46 -18.51
C LYS A 656 14.44 -32.48 -17.19
N PRO A 657 13.33 -31.74 -17.07
CA PRO A 657 12.61 -31.69 -15.78
C PRO A 657 12.01 -33.03 -15.40
N TYR A 658 11.24 -33.04 -14.31
CA TYR A 658 10.84 -34.25 -13.61
C TYR A 658 10.64 -35.45 -14.52
N ASP A 659 11.34 -36.54 -14.19
CA ASP A 659 11.28 -37.82 -14.89
C ASP A 659 12.24 -38.74 -14.14
N ASP A 660 12.22 -40.02 -14.49
CA ASP A 660 13.19 -40.96 -13.91
C ASP A 660 14.46 -41.01 -14.74
N LYS A 661 14.97 -39.84 -15.12
CA LYS A 661 16.28 -39.74 -15.74
C LYS A 661 17.04 -38.48 -15.36
N ALA A 662 16.51 -37.63 -14.48
CA ALA A 662 17.09 -36.32 -14.23
C ALA A 662 18.46 -36.45 -13.59
N ASP A 663 19.39 -35.58 -14.01
CA ASP A 663 20.73 -35.56 -13.45
C ASP A 663 21.27 -34.16 -13.18
N GLY A 664 20.54 -33.11 -13.53
CA GLY A 664 21.02 -31.76 -13.31
C GLY A 664 20.40 -30.81 -14.32
N TYR A 665 20.97 -29.60 -14.38
CA TYR A 665 20.51 -28.56 -15.28
C TYR A 665 21.69 -27.94 -16.01
N CYS A 666 21.40 -27.35 -17.16
CA CYS A 666 22.38 -26.66 -17.98
C CYS A 666 22.13 -25.16 -17.93
N ARG A 667 23.18 -24.38 -17.67
CA ARG A 667 23.04 -22.93 -17.59
C ARG A 667 22.73 -22.35 -18.96
N ALA A 668 21.94 -21.27 -18.96
CA ALA A 668 21.54 -20.59 -20.18
C ALA A 668 21.57 -19.09 -19.96
N GLU A 669 21.78 -18.35 -21.04
CA GLU A 669 21.73 -16.89 -21.02
C GLU A 669 20.40 -16.40 -21.56
N GLY A 670 20.13 -15.12 -21.33
CA GLY A 670 18.91 -14.54 -21.87
C GLY A 670 18.72 -13.12 -21.40
N VAL A 671 17.75 -12.46 -22.04
CA VAL A 671 17.29 -11.13 -21.66
C VAL A 671 15.77 -11.17 -21.70
N GLY A 672 15.14 -10.31 -20.89
CA GLY A 672 13.70 -10.27 -20.85
C GLY A 672 13.20 -8.99 -20.23
N THR A 673 12.19 -8.39 -20.86
CA THR A 673 11.63 -7.13 -20.41
C THR A 673 10.12 -7.22 -20.50
N VAL A 674 9.44 -6.62 -19.53
CA VAL A 674 8.00 -6.42 -19.60
C VAL A 674 7.69 -5.03 -19.07
N PHE A 675 6.69 -4.39 -19.65
CA PHE A 675 6.21 -3.11 -19.19
C PHE A 675 4.92 -3.34 -18.40
N ILE A 676 4.85 -2.77 -17.20
CA ILE A 676 3.72 -2.98 -16.31
C ILE A 676 3.15 -1.62 -15.93
N LYS A 677 1.82 -1.53 -15.95
CA LYS A 677 1.09 -0.39 -15.44
C LYS A 677 0.01 -0.90 -14.49
N ARG A 678 -0.75 0.02 -13.93
CA ARG A 678 -2.01 -0.35 -13.32
C ARG A 678 -3.05 -0.47 -14.41
N LEU A 679 -3.99 -1.39 -14.21
CA LEU A 679 -4.96 -1.69 -15.28
C LEU A 679 -5.74 -0.45 -15.69
N GLU A 680 -6.03 0.45 -14.75
CA GLU A 680 -6.74 1.68 -15.09
C GLU A 680 -5.96 2.52 -16.09
N ASP A 681 -4.65 2.66 -15.88
CA ASP A 681 -3.84 3.50 -16.75
C ASP A 681 -3.69 2.89 -18.14
N ALA A 682 -3.60 1.56 -18.22
CA ALA A 682 -3.51 0.91 -19.52
C ALA A 682 -4.84 0.95 -20.26
N LEU A 683 -5.95 0.89 -19.55
CA LEU A 683 -7.24 1.03 -20.19
C LEU A 683 -7.47 2.45 -20.70
N ALA A 684 -6.99 3.44 -19.94
CA ALA A 684 -7.18 4.83 -20.38
C ALA A 684 -6.28 5.19 -21.54
N ASP A 685 -5.11 4.55 -21.64
CA ASP A 685 -4.15 4.85 -22.69
C ASP A 685 -4.39 4.05 -23.96
N ASN A 686 -5.40 3.20 -24.00
CA ASN A 686 -5.66 2.34 -25.15
C ASN A 686 -4.46 1.43 -25.44
N ASP A 687 -3.83 0.93 -24.39
CA ASP A 687 -2.64 0.11 -24.55
C ASP A 687 -3.00 -1.34 -24.84
N PRO A 688 -2.12 -2.08 -25.50
CA PRO A 688 -2.36 -3.51 -25.77
C PRO A 688 -2.03 -4.42 -24.59
N ILE A 689 -2.99 -4.64 -23.70
CA ILE A 689 -2.75 -5.48 -22.53
C ILE A 689 -2.52 -6.92 -22.96
N LEU A 690 -1.41 -7.50 -22.51
CA LEU A 690 -1.06 -8.90 -22.79
C LEU A 690 -1.62 -9.84 -21.74
N GLY A 691 -1.63 -9.42 -20.48
CA GLY A 691 -2.13 -10.21 -19.38
C GLY A 691 -2.18 -9.33 -18.15
N VAL A 692 -2.72 -9.89 -17.07
CA VAL A 692 -2.93 -9.16 -15.83
C VAL A 692 -2.28 -9.92 -14.69
N ILE A 693 -1.51 -9.22 -13.87
CA ILE A 693 -0.92 -9.78 -12.66
C ILE A 693 -1.90 -9.57 -11.51
N LEU A 694 -2.18 -10.65 -10.78
CA LEU A 694 -3.11 -10.60 -9.65
C LEU A 694 -2.41 -10.58 -8.31
N ASP A 695 -1.29 -11.29 -8.16
CA ASP A 695 -0.60 -11.35 -6.89
C ASP A 695 0.83 -11.81 -7.10
N ALA A 696 1.72 -11.24 -6.29
CA ALA A 696 3.11 -11.69 -6.17
C ALA A 696 3.37 -11.98 -4.71
N LYS A 697 4.11 -13.05 -4.44
CA LYS A 697 4.36 -13.50 -3.08
C LYS A 697 5.79 -14.02 -2.98
N THR A 698 6.44 -13.74 -1.87
CA THR A 698 7.81 -14.19 -1.62
C THR A 698 7.94 -14.64 -0.18
N ASN A 699 8.65 -15.74 0.02
CA ASN A 699 8.98 -16.21 1.36
C ASN A 699 10.29 -16.96 1.30
N HIS A 700 10.71 -17.51 2.44
CA HIS A 700 11.98 -18.19 2.56
C HIS A 700 11.78 -19.55 3.20
N SER A 701 12.49 -20.54 2.68
CA SER A 701 12.48 -21.88 3.25
C SER A 701 13.59 -22.01 4.29
N ALA A 702 13.49 -21.15 5.30
CA ALA A 702 14.55 -21.03 6.30
C ALA A 702 14.57 -22.19 7.26
N MET A 703 13.42 -22.80 7.52
CA MET A 703 13.32 -23.94 8.43
C MET A 703 13.55 -25.25 7.67
N SER A 704 14.73 -25.35 7.08
CA SER A 704 15.13 -26.52 6.33
C SER A 704 16.52 -26.97 6.79
N GLU A 705 16.85 -28.23 6.49
CA GLU A 705 18.16 -28.75 6.86
C GLU A 705 19.28 -27.90 6.27
N SER A 706 19.06 -27.34 5.08
CA SER A 706 20.01 -26.45 4.45
C SER A 706 19.24 -25.51 3.51
N MET A 707 19.89 -24.40 3.15
CA MET A 707 19.28 -23.49 2.18
C MET A 707 19.07 -24.20 0.85
N THR A 708 20.04 -25.00 0.43
CA THR A 708 19.93 -25.69 -0.84
C THR A 708 18.74 -26.64 -0.86
N ARG A 709 18.53 -27.38 0.22
CA ARG A 709 17.45 -28.34 0.27
C ARG A 709 16.10 -27.62 0.16
N PRO A 710 15.24 -27.99 -0.79
CA PRO A 710 13.91 -27.38 -0.84
C PRO A 710 12.99 -27.98 0.22
N HIS A 711 12.09 -27.13 0.71
CA HIS A 711 11.16 -27.48 1.77
C HIS A 711 9.75 -27.48 1.20
N VAL A 712 9.05 -28.61 1.33
CA VAL A 712 7.72 -28.72 0.75
C VAL A 712 6.75 -27.79 1.46
N GLY A 713 6.89 -27.66 2.78
CA GLY A 713 5.98 -26.80 3.53
C GLY A 713 6.08 -25.34 3.13
N ALA A 714 7.30 -24.86 2.89
CA ALA A 714 7.48 -23.46 2.52
C ALA A 714 6.83 -23.15 1.18
N GLN A 715 7.06 -24.03 0.19
CA GLN A 715 6.45 -23.81 -1.12
C GLN A 715 4.94 -23.91 -1.05
N ILE A 716 4.42 -24.86 -0.28
CA ILE A 716 2.97 -24.95 -0.11
C ILE A 716 2.44 -23.67 0.51
N ASP A 717 3.15 -23.13 1.50
CA ASP A 717 2.71 -21.90 2.15
C ASP A 717 2.70 -20.73 1.17
N ASN A 718 3.72 -20.66 0.31
CA ASN A 718 3.79 -19.56 -0.65
C ASN A 718 2.65 -19.64 -1.66
N MET A 719 2.43 -20.82 -2.23
CA MET A 719 1.36 -20.96 -3.21
C MET A 719 -0.01 -20.72 -2.58
N THR A 720 -0.19 -21.21 -1.34
CA THR A 720 -1.45 -20.96 -0.63
C THR A 720 -1.64 -19.49 -0.34
N ALA A 721 -0.56 -18.78 -0.01
CA ALA A 721 -0.66 -17.35 0.23
C ALA A 721 -1.11 -16.61 -1.02
N ALA A 722 -0.53 -16.96 -2.16
CA ALA A 722 -0.93 -16.35 -3.42
C ALA A 722 -2.40 -16.64 -3.70
N LEU A 723 -2.82 -17.90 -3.53
CA LEU A 723 -4.21 -18.26 -3.78
C LEU A 723 -5.16 -17.52 -2.84
N ASN A 724 -4.82 -17.42 -1.56
CA ASN A 724 -5.66 -16.71 -0.61
C ASN A 724 -5.79 -15.24 -1.01
N THR A 725 -4.68 -14.63 -1.41
CA THR A 725 -4.73 -13.22 -1.79
C THR A 725 -5.63 -13.01 -3.01
N THR A 726 -5.51 -13.87 -4.03
CA THR A 726 -6.31 -13.66 -5.23
C THR A 726 -7.77 -14.05 -5.03
N GLY A 727 -8.07 -14.91 -4.06
CA GLY A 727 -9.44 -15.33 -3.85
C GLY A 727 -9.95 -16.34 -4.85
N LEU A 728 -9.07 -17.07 -5.51
CA LEU A 728 -9.42 -18.04 -6.54
C LEU A 728 -9.35 -19.45 -6.00
N HIS A 729 -10.19 -20.32 -6.56
CA HIS A 729 -10.17 -21.73 -6.23
C HIS A 729 -9.06 -22.44 -7.01
N PRO A 730 -8.51 -23.53 -6.48
CA PRO A 730 -7.49 -24.26 -7.24
C PRO A 730 -7.97 -24.82 -8.57
N ASN A 731 -9.28 -24.86 -8.81
CA ASN A 731 -9.83 -25.38 -10.05
C ASN A 731 -9.96 -24.32 -11.13
N ASP A 732 -9.67 -23.06 -10.82
CA ASP A 732 -9.68 -21.99 -11.81
C ASP A 732 -8.39 -21.95 -12.62
N PHE A 733 -7.41 -22.76 -12.29
CA PHE A 733 -6.11 -22.74 -12.93
C PHE A 733 -5.99 -23.88 -13.92
N SER A 734 -5.67 -23.54 -15.17
CA SER A 734 -5.55 -24.50 -16.24
C SER A 734 -4.11 -24.85 -16.58
N TYR A 735 -3.15 -24.11 -16.04
CA TYR A 735 -1.74 -24.36 -16.33
C TYR A 735 -0.92 -23.96 -15.11
N ILE A 736 0.11 -24.76 -14.81
CA ILE A 736 1.10 -24.42 -13.80
C ILE A 736 2.44 -24.38 -14.51
N GLU A 737 3.09 -23.22 -14.49
CA GLU A 737 4.43 -23.05 -15.04
C GLU A 737 5.40 -23.33 -13.89
N MET A 738 5.99 -24.50 -13.90
CA MET A 738 6.80 -24.95 -12.78
C MET A 738 8.25 -24.49 -12.93
N HIS A 739 8.94 -24.41 -11.79
CA HIS A 739 10.35 -24.07 -11.83
C HIS A 739 11.15 -25.17 -12.50
N GLY A 740 10.76 -26.43 -12.30
CA GLY A 740 11.37 -27.55 -12.97
C GLY A 740 12.88 -27.50 -12.99
N THR A 741 13.50 -27.40 -11.82
CA THR A 741 14.94 -27.18 -11.74
C THR A 741 15.72 -28.23 -12.52
N GLY A 742 15.19 -29.44 -12.63
CA GLY A 742 15.84 -30.49 -13.37
C GLY A 742 16.60 -31.51 -12.55
N THR A 743 16.66 -31.32 -11.23
CA THR A 743 17.30 -32.30 -10.36
C THR A 743 16.34 -33.46 -10.08
N GLN A 744 16.92 -34.64 -9.83
CA GLN A 744 16.10 -35.83 -9.61
C GLN A 744 15.24 -35.67 -8.37
N VAL A 745 15.77 -35.06 -7.32
CA VAL A 745 15.02 -34.89 -6.07
C VAL A 745 14.41 -33.50 -6.05
N GLY A 746 15.06 -32.54 -6.71
CA GLY A 746 14.56 -31.17 -6.68
C GLY A 746 13.15 -31.06 -7.23
N ASP A 747 12.87 -31.75 -8.34
CA ASP A 747 11.56 -31.66 -8.95
C ASP A 747 10.52 -32.44 -8.15
N ALA A 748 10.94 -33.47 -7.42
CA ALA A 748 10.00 -34.25 -6.64
C ALA A 748 9.30 -33.40 -5.60
N VAL A 749 10.06 -32.55 -4.90
CA VAL A 749 9.47 -31.71 -3.86
C VAL A 749 8.44 -30.76 -4.46
N GLU A 750 8.76 -30.16 -5.59
CA GLU A 750 7.84 -29.20 -6.20
C GLU A 750 6.58 -29.88 -6.71
N MET A 751 6.69 -31.12 -7.19
CA MET A 751 5.50 -31.81 -7.69
C MET A 751 4.50 -32.11 -6.58
N GLU A 752 4.98 -32.56 -5.42
CA GLU A 752 4.03 -32.82 -4.32
C GLU A 752 3.45 -31.52 -3.79
N SER A 753 4.23 -30.43 -3.80
CA SER A 753 3.67 -29.13 -3.43
C SER A 753 2.54 -28.74 -4.39
N VAL A 754 2.79 -28.89 -5.69
CA VAL A 754 1.78 -28.54 -6.68
C VAL A 754 0.52 -29.37 -6.48
N LEU A 755 0.69 -30.69 -6.33
CA LEU A 755 -0.47 -31.56 -6.18
C LEU A 755 -1.22 -31.27 -4.88
N SER A 756 -0.49 -31.04 -3.79
CA SER A 756 -1.14 -30.71 -2.53
C SER A 756 -1.93 -29.42 -2.63
N VAL A 757 -1.46 -28.47 -3.44
CA VAL A 757 -2.18 -27.20 -3.56
C VAL A 757 -3.31 -27.31 -4.58
N PHE A 758 -3.06 -27.97 -5.71
CA PHE A 758 -3.94 -27.86 -6.88
C PHE A 758 -4.73 -29.13 -7.20
N ALA A 759 -4.13 -30.31 -7.09
CA ALA A 759 -4.83 -31.57 -7.34
C ALA A 759 -4.61 -32.50 -6.16
N PRO A 760 -5.22 -32.19 -5.02
CA PRO A 760 -4.87 -32.91 -3.78
C PRO A 760 -5.15 -34.40 -3.82
N SER A 761 -6.16 -34.85 -4.55
CA SER A 761 -6.56 -36.24 -4.49
C SER A 761 -7.23 -36.62 -5.79
N GLU A 762 -7.42 -37.94 -5.97
CA GLU A 762 -8.31 -38.42 -7.02
C GLU A 762 -9.74 -38.09 -6.64
N THR A 763 -10.56 -37.78 -7.64
CA THR A 763 -11.89 -37.24 -7.42
C THR A 763 -11.87 -35.89 -6.72
N ALA A 764 -10.69 -35.27 -6.61
CA ALA A 764 -10.63 -33.90 -6.15
C ALA A 764 -11.46 -33.04 -7.07
N ARG A 765 -11.62 -31.78 -6.70
CA ARG A 765 -12.52 -30.91 -7.45
C ARG A 765 -12.22 -30.94 -8.95
N LYS A 766 -11.06 -31.47 -9.34
CA LYS A 766 -10.81 -31.77 -10.75
C LYS A 766 -11.70 -32.90 -11.27
N ALA A 767 -12.71 -32.54 -12.06
CA ALA A 767 -13.66 -33.50 -12.62
C ALA A 767 -13.57 -33.57 -14.13
N ASP A 768 -13.73 -32.44 -14.81
CA ASP A 768 -13.58 -32.35 -16.26
C ASP A 768 -12.67 -31.19 -16.65
N GLN A 769 -12.09 -30.50 -15.67
CA GLN A 769 -11.21 -29.35 -15.88
C GLN A 769 -9.78 -29.80 -15.67
N PRO A 770 -9.06 -30.18 -16.72
CA PRO A 770 -7.69 -30.68 -16.55
C PRO A 770 -6.73 -29.60 -16.11
N LEU A 771 -5.67 -30.04 -15.44
CA LEU A 771 -4.55 -29.19 -15.09
C LEU A 771 -3.33 -29.69 -15.82
N PHE A 772 -2.67 -28.80 -16.55
CA PHE A 772 -1.42 -29.12 -17.23
C PHE A 772 -0.27 -28.45 -16.52
N VAL A 773 0.90 -29.08 -16.60
CA VAL A 773 2.11 -28.55 -15.98
C VAL A 773 3.23 -28.62 -17.00
N GLY A 774 4.22 -27.76 -16.81
CA GLY A 774 5.37 -27.72 -17.67
C GLY A 774 6.27 -26.59 -17.26
N SER A 775 7.37 -26.44 -17.99
CA SER A 775 8.33 -25.39 -17.68
C SER A 775 9.11 -25.04 -18.93
N ALA A 776 9.44 -23.75 -19.06
CA ALA A 776 10.31 -23.30 -20.12
C ALA A 776 11.74 -23.80 -19.95
N LYS A 777 12.08 -24.34 -18.78
CA LYS A 777 13.41 -24.91 -18.57
C LYS A 777 13.65 -26.15 -19.42
N ALA A 778 12.59 -26.78 -19.92
CA ALA A 778 12.77 -27.92 -20.80
C ALA A 778 13.20 -27.47 -22.20
N ASN A 779 12.80 -26.29 -22.62
CA ASN A 779 13.06 -25.82 -23.98
C ASN A 779 14.35 -25.02 -24.10
N VAL A 780 14.62 -24.14 -23.13
CA VAL A 780 15.73 -23.20 -23.23
C VAL A 780 16.78 -23.39 -22.16
N GLY A 781 16.51 -24.17 -21.11
CA GLY A 781 17.45 -24.37 -20.03
C GLY A 781 17.12 -23.52 -18.82
N HIS A 782 18.07 -23.49 -17.88
CA HIS A 782 17.89 -22.79 -16.62
C HIS A 782 18.58 -21.43 -16.71
N GLY A 783 17.80 -20.36 -16.58
CA GLY A 783 18.28 -19.02 -16.79
C GLY A 783 18.94 -18.38 -15.57
N GLU A 784 18.65 -18.88 -14.37
CA GLU A 784 19.34 -18.47 -13.16
C GLU A 784 19.29 -16.96 -12.95
N GLY A 785 18.16 -16.36 -13.28
CA GLY A 785 18.06 -14.92 -13.19
C GLY A 785 17.23 -14.32 -14.30
N VAL A 786 17.04 -15.07 -15.38
CA VAL A 786 16.00 -14.77 -16.36
C VAL A 786 14.90 -15.83 -16.35
N SER A 787 14.96 -16.77 -15.42
CA SER A 787 13.95 -17.82 -15.39
C SER A 787 12.56 -17.24 -15.17
N GLY A 788 12.44 -16.24 -14.30
CA GLY A 788 11.13 -15.66 -14.03
C GLY A 788 10.57 -14.91 -15.23
N VAL A 789 11.37 -14.03 -15.83
CA VAL A 789 10.91 -13.31 -17.00
C VAL A 789 10.71 -14.27 -18.17
N THR A 790 11.60 -15.25 -18.32
CA THR A 790 11.43 -16.23 -19.40
C THR A 790 10.11 -16.96 -19.26
N SER A 791 9.78 -17.40 -18.04
CA SER A 791 8.55 -18.13 -17.81
C SER A 791 7.33 -17.24 -18.03
N LEU A 792 7.40 -16.00 -17.57
CA LEU A 792 6.28 -15.07 -17.79
C LEU A 792 6.07 -14.80 -19.27
N ILE A 793 7.16 -14.62 -20.03
CA ILE A 793 7.03 -14.37 -21.46
C ILE A 793 6.44 -15.60 -22.15
N LYS A 794 6.91 -16.79 -21.79
CA LYS A 794 6.32 -18.02 -22.34
C LYS A 794 4.83 -18.08 -22.07
N VAL A 795 4.42 -17.77 -20.84
CA VAL A 795 3.02 -17.88 -20.48
C VAL A 795 2.20 -16.84 -21.24
N LEU A 796 2.73 -15.64 -21.40
CA LEU A 796 2.00 -14.62 -22.15
C LEU A 796 1.87 -15.00 -23.61
N MET A 797 2.89 -15.65 -24.17
CA MET A 797 2.83 -16.09 -25.55
C MET A 797 1.99 -17.34 -25.73
N MET A 798 1.67 -18.05 -24.64
CA MET A 798 0.69 -19.12 -24.72
C MET A 798 -0.72 -18.57 -24.86
N MET A 799 -1.05 -17.53 -24.09
CA MET A 799 -2.35 -16.89 -24.23
C MET A 799 -2.51 -16.23 -25.58
N GLN A 800 -1.40 -15.77 -26.17
CA GLN A 800 -1.47 -15.13 -27.48
C GLN A 800 -1.90 -16.11 -28.56
N HIS A 801 -1.35 -17.32 -28.54
CA HIS A 801 -1.59 -18.30 -29.58
C HIS A 801 -2.61 -19.36 -29.19
N ASP A 802 -3.18 -19.27 -27.99
CA ASP A 802 -4.22 -20.19 -27.55
C ASP A 802 -3.78 -21.64 -27.73
N THR A 803 -2.62 -21.98 -27.15
CA THR A 803 -2.06 -23.31 -27.31
C THR A 803 -1.18 -23.63 -26.11
N ILE A 804 -1.38 -24.80 -25.53
CA ILE A 804 -0.47 -25.33 -24.51
C ILE A 804 0.61 -26.12 -25.23
N PRO A 805 1.88 -25.72 -25.15
CA PRO A 805 2.91 -26.38 -25.95
C PRO A 805 3.21 -27.77 -25.43
N PRO A 806 3.71 -28.66 -26.28
CA PRO A 806 4.13 -29.97 -25.81
C PRO A 806 5.29 -29.88 -24.83
N HIS A 807 5.35 -30.84 -23.92
CA HIS A 807 6.40 -30.93 -22.93
C HIS A 807 7.47 -31.89 -23.44
N CYS A 808 8.72 -31.43 -23.46
CA CYS A 808 9.82 -32.19 -24.03
C CYS A 808 10.70 -32.86 -22.98
N GLY A 809 10.32 -32.79 -21.71
CA GLY A 809 11.14 -33.41 -20.66
C GLY A 809 11.18 -34.92 -20.76
N ILE A 810 10.04 -35.55 -21.04
CA ILE A 810 9.93 -37.02 -21.07
C ILE A 810 9.89 -37.47 -22.52
N LYS A 811 10.73 -38.44 -22.84
CA LYS A 811 10.74 -39.03 -24.18
C LYS A 811 9.58 -40.02 -24.33
N PRO A 812 9.15 -40.29 -25.56
CA PRO A 812 8.07 -41.27 -25.74
C PRO A 812 8.43 -42.64 -25.20
N GLY A 813 9.68 -43.06 -25.33
CA GLY A 813 10.13 -44.34 -24.80
C GLY A 813 10.45 -44.33 -23.33
N SER A 814 10.46 -43.16 -22.69
CA SER A 814 10.73 -43.05 -21.26
C SER A 814 9.42 -43.12 -20.50
N LYS A 815 9.48 -42.82 -19.20
CA LYS A 815 8.30 -42.89 -18.35
C LYS A 815 8.38 -41.81 -17.27
N ILE A 816 7.22 -41.42 -16.77
CA ILE A 816 7.17 -40.48 -15.66
C ILE A 816 7.83 -41.11 -14.44
N ASN A 817 8.43 -40.27 -13.60
CA ASN A 817 9.08 -40.75 -12.39
C ASN A 817 8.07 -41.49 -11.52
N ARG A 818 8.53 -42.62 -10.94
CA ARG A 818 7.63 -43.47 -10.18
C ARG A 818 7.02 -42.76 -8.97
N ASN A 819 7.64 -41.67 -8.49
CA ASN A 819 7.03 -40.91 -7.41
C ASN A 819 5.76 -40.19 -7.85
N PHE A 820 5.49 -40.10 -9.15
CA PHE A 820 4.24 -39.55 -9.66
C PHE A 820 3.50 -40.67 -10.38
N PRO A 821 2.95 -41.65 -9.65
CA PRO A 821 2.45 -42.86 -10.32
C PRO A 821 1.12 -42.65 -11.01
N ASP A 822 0.24 -41.84 -10.44
CA ASP A 822 -1.13 -41.70 -10.92
C ASP A 822 -1.46 -40.22 -11.14
N LEU A 823 -0.57 -39.53 -11.86
CA LEU A 823 -0.86 -38.15 -12.22
C LEU A 823 -2.16 -38.06 -13.01
N GLY A 824 -2.36 -38.96 -13.96
CA GLY A 824 -3.59 -38.92 -14.76
C GLY A 824 -4.83 -39.14 -13.92
N ALA A 825 -4.77 -40.05 -12.95
CA ALA A 825 -5.92 -40.31 -12.10
C ALA A 825 -6.36 -39.06 -11.33
N ARG A 826 -5.46 -38.11 -11.13
CA ARG A 826 -5.79 -36.86 -10.47
C ARG A 826 -6.21 -35.78 -11.44
N ASN A 827 -6.23 -36.07 -12.75
CA ASN A 827 -6.57 -35.09 -13.79
C ASN A 827 -5.46 -34.06 -13.96
N VAL A 828 -4.21 -34.49 -13.80
CA VAL A 828 -3.04 -33.64 -13.99
C VAL A 828 -2.24 -34.25 -15.12
N HIS A 829 -2.15 -33.54 -16.25
CA HIS A 829 -1.55 -34.08 -17.46
C HIS A 829 -0.33 -33.27 -17.86
N ILE A 830 0.47 -33.87 -18.73
CA ILE A 830 1.63 -33.23 -19.33
C ILE A 830 1.47 -33.34 -20.85
N ALA A 831 1.31 -32.20 -21.51
CA ALA A 831 1.08 -32.20 -22.94
C ALA A 831 2.23 -32.87 -23.67
N PHE A 832 1.88 -33.71 -24.64
CA PHE A 832 2.87 -34.30 -25.54
C PHE A 832 2.76 -33.77 -26.97
N GLU A 833 1.62 -33.21 -27.34
CA GLU A 833 1.41 -32.52 -28.60
C GLU A 833 0.75 -31.19 -28.28
N PRO A 834 0.88 -30.21 -29.17
CA PRO A 834 0.24 -28.91 -28.89
C PRO A 834 -1.24 -29.09 -28.61
N LYS A 835 -1.69 -28.51 -27.51
CA LYS A 835 -3.05 -28.67 -27.07
C LYS A 835 -3.83 -27.39 -27.32
N PRO A 836 -5.01 -27.45 -27.92
CA PRO A 836 -5.86 -26.25 -28.01
C PRO A 836 -6.18 -25.71 -26.62
N TRP A 837 -6.06 -24.39 -26.48
CA TRP A 837 -6.26 -23.69 -25.22
C TRP A 837 -7.10 -22.46 -25.50
N PRO A 838 -8.34 -22.64 -25.94
CA PRO A 838 -9.10 -21.53 -26.50
C PRO A 838 -9.37 -20.42 -25.49
N ARG A 839 -9.44 -19.20 -26.01
CA ARG A 839 -9.85 -18.03 -25.23
C ARG A 839 -11.37 -17.97 -25.21
N THR A 840 -11.95 -17.92 -24.02
CA THR A 840 -13.40 -17.88 -23.87
C THR A 840 -13.82 -16.75 -22.96
N HIS A 841 -15.09 -16.75 -22.54
CA HIS A 841 -15.57 -15.72 -21.62
C HIS A 841 -15.01 -15.92 -20.22
N THR A 842 -14.45 -17.08 -19.91
CA THR A 842 -13.84 -17.33 -18.61
C THR A 842 -12.34 -17.17 -18.72
N PRO A 843 -11.72 -16.27 -17.95
CA PRO A 843 -10.27 -16.06 -18.11
C PRO A 843 -9.46 -17.29 -17.73
N ARG A 844 -8.31 -17.43 -18.36
CA ARG A 844 -7.38 -18.51 -18.09
C ARG A 844 -6.32 -18.03 -17.10
N ARG A 845 -6.16 -18.76 -16.00
CA ARG A 845 -5.25 -18.39 -14.93
C ARG A 845 -4.05 -19.31 -14.91
N VAL A 846 -2.88 -18.74 -14.67
CA VAL A 846 -1.63 -19.49 -14.61
C VAL A 846 -0.91 -19.14 -13.32
N LEU A 847 -0.17 -20.11 -12.80
CA LEU A 847 0.68 -19.93 -11.63
C LEU A 847 2.13 -20.13 -12.07
N ILE A 848 2.99 -19.18 -11.74
CA ILE A 848 4.41 -19.26 -12.07
C ILE A 848 5.18 -19.44 -10.78
N ASN A 849 6.16 -20.34 -10.80
CA ASN A 849 6.97 -20.69 -9.65
C ASN A 849 8.43 -20.42 -9.93
N ASN A 850 9.12 -19.89 -8.93
CA ASN A 850 10.56 -19.66 -9.02
C ASN A 850 11.17 -19.90 -7.66
N PHE A 851 12.23 -20.69 -7.63
CA PHE A 851 12.95 -21.01 -6.40
C PHE A 851 14.43 -20.71 -6.61
N SER A 852 15.15 -20.61 -5.50
CA SER A 852 16.59 -20.45 -5.55
C SER A 852 17.22 -21.34 -4.49
N ALA A 853 18.48 -21.70 -4.73
CA ALA A 853 19.27 -22.42 -3.73
C ALA A 853 19.55 -21.55 -2.51
N ALA A 854 19.33 -20.25 -2.60
CA ALA A 854 19.40 -19.38 -1.44
C ALA A 854 18.20 -19.53 -0.51
N GLY A 855 17.16 -20.25 -0.93
CA GLY A 855 16.01 -20.52 -0.10
C GLY A 855 14.78 -19.70 -0.39
N GLY A 856 14.88 -18.68 -1.25
CA GLY A 856 13.74 -17.83 -1.52
C GLY A 856 12.80 -18.42 -2.57
N ASN A 857 11.51 -18.27 -2.33
CA ASN A 857 10.47 -18.74 -3.24
C ASN A 857 9.58 -17.58 -3.63
N THR A 858 9.35 -17.42 -4.93
CA THR A 858 8.45 -16.41 -5.47
C THR A 858 7.34 -17.10 -6.25
N ALA A 859 6.12 -16.56 -6.15
CA ALA A 859 4.97 -17.09 -6.87
C ALA A 859 4.19 -15.95 -7.48
N LEU A 860 3.88 -16.06 -8.76
CA LEU A 860 3.16 -15.03 -9.50
C LEU A 860 1.93 -15.63 -10.16
N ILE A 861 0.78 -14.99 -9.97
CA ILE A 861 -0.48 -15.43 -10.55
C ILE A 861 -0.83 -14.47 -11.69
N VAL A 862 -0.99 -15.02 -12.89
CA VAL A 862 -1.25 -14.25 -14.11
C VAL A 862 -2.60 -14.64 -14.65
N GLU A 863 -3.40 -13.64 -15.00
CA GLU A 863 -4.76 -13.82 -15.49
C GLU A 863 -4.82 -13.54 -16.99
N ASP A 864 -6.03 -13.60 -17.53
CA ASP A 864 -6.30 -13.25 -18.91
C ASP A 864 -6.81 -11.82 -18.99
N ALA A 865 -6.35 -11.08 -19.99
CA ALA A 865 -6.81 -9.73 -20.17
C ALA A 865 -8.30 -9.73 -20.53
N PRO A 866 -9.04 -8.69 -20.14
CA PRO A 866 -10.45 -8.61 -20.52
C PRO A 866 -10.61 -8.17 -21.98
N GLU A 867 -11.86 -8.22 -22.44
CA GLU A 867 -12.23 -7.72 -23.76
C GLU A 867 -12.99 -6.40 -23.57
N ARG A 868 -12.46 -5.32 -24.14
CA ARG A 868 -12.89 -4.02 -23.63
C ARG A 868 -14.14 -3.46 -24.31
N HIS A 869 -14.00 -2.86 -25.50
CA HIS A 869 -15.13 -2.70 -26.40
C HIS A 869 -14.68 -2.64 -27.85
N TRP A 870 -13.49 -2.06 -28.09
CA TRP A 870 -12.98 -1.78 -29.43
C TRP A 870 -14.08 -1.23 -30.33
N PRO A 871 -14.43 0.05 -30.20
CA PRO A 871 -15.64 0.55 -30.86
C PRO A 871 -15.52 0.64 -32.37
N THR A 872 -15.80 -0.48 -33.04
CA THR A 872 -15.76 -0.49 -34.49
C THR A 872 -16.75 0.52 -35.07
N GLU A 873 -16.29 1.33 -36.01
CA GLU A 873 -17.10 2.34 -36.66
C GLU A 873 -16.28 2.95 -37.78
N LYS A 874 -16.93 3.25 -38.90
CA LYS A 874 -16.20 3.70 -40.08
C LYS A 874 -15.58 5.06 -39.86
N ASP A 875 -14.36 5.24 -40.38
CA ASP A 875 -13.65 6.51 -40.28
C ASP A 875 -14.09 7.43 -41.42
N PRO A 876 -14.53 8.66 -41.12
CA PRO A 876 -14.93 9.57 -42.20
C PRO A 876 -13.81 9.92 -43.17
N ARG A 877 -12.55 9.82 -42.77
CA ARG A 877 -11.45 10.22 -43.64
C ARG A 877 -11.36 9.30 -44.85
N SER A 878 -11.08 9.90 -46.01
CA SER A 878 -10.95 9.13 -47.25
C SER A 878 -9.55 8.62 -47.48
N SER A 879 -8.53 9.34 -47.01
CA SER A 879 -7.14 8.92 -47.12
C SER A 879 -6.52 8.94 -45.73
N HIS A 880 -5.36 8.32 -45.61
CA HIS A 880 -4.66 8.22 -44.33
C HIS A 880 -3.17 8.43 -44.54
N ILE A 881 -2.52 8.93 -43.49
CA ILE A 881 -1.09 9.21 -43.50
C ILE A 881 -0.39 8.07 -42.78
N VAL A 882 0.71 7.59 -43.36
CA VAL A 882 1.54 6.57 -42.74
C VAL A 882 2.95 7.14 -42.62
N ALA A 883 3.45 7.22 -41.40
CA ALA A 883 4.70 7.89 -41.09
C ALA A 883 5.76 6.89 -40.68
N LEU A 884 6.98 7.10 -41.16
CA LEU A 884 8.14 6.31 -40.78
C LEU A 884 9.30 7.25 -40.49
N SER A 885 10.19 6.83 -39.59
CA SER A 885 11.30 7.66 -39.19
C SER A 885 12.43 6.78 -38.69
N ALA A 886 13.61 7.38 -38.59
CA ALA A 886 14.80 6.64 -38.18
C ALA A 886 15.89 7.64 -37.84
N HIS A 887 16.88 7.17 -37.09
CA HIS A 887 18.02 7.99 -36.69
C HIS A 887 19.14 7.98 -37.72
N VAL A 888 19.12 7.06 -38.68
CA VAL A 888 20.07 7.02 -39.77
C VAL A 888 19.34 6.56 -41.03
N GLY A 889 20.05 6.51 -42.15
CA GLY A 889 19.47 6.13 -43.41
C GLY A 889 19.26 4.63 -43.55
N ALA A 890 20.23 3.86 -43.04
CA ALA A 890 20.11 2.41 -43.10
C ALA A 890 18.86 1.94 -42.38
N SER A 891 18.58 2.51 -41.21
CA SER A 891 17.39 2.14 -40.47
C SER A 891 16.13 2.60 -41.20
N MET A 892 16.19 3.72 -41.90
CA MET A 892 15.04 4.16 -42.70
C MET A 892 14.70 3.12 -43.77
N LYS A 893 15.72 2.67 -44.50
CA LYS A 893 15.50 1.65 -45.52
C LYS A 893 14.98 0.36 -44.90
N THR A 894 15.56 -0.05 -43.77
CA THR A 894 15.14 -1.29 -43.13
C THR A 894 13.68 -1.21 -42.68
N ASN A 895 13.30 -0.10 -42.05
CA ASN A 895 11.92 0.04 -41.57
C ASN A 895 10.94 0.11 -42.73
N LEU A 896 11.32 0.79 -43.82
CA LEU A 896 10.45 0.82 -44.99
C LEU A 896 10.23 -0.57 -45.56
N GLU A 897 11.32 -1.33 -45.74
CA GLU A 897 11.19 -2.68 -46.27
C GLU A 897 10.33 -3.54 -45.36
N ARG A 898 10.53 -3.42 -44.04
CA ARG A 898 9.78 -4.26 -43.11
C ARG A 898 8.29 -3.94 -43.15
N LEU A 899 7.92 -2.67 -43.19
CA LEU A 899 6.50 -2.34 -43.24
C LEU A 899 5.89 -2.78 -44.58
N HIS A 900 6.64 -2.64 -45.67
CA HIS A 900 6.12 -3.10 -46.96
C HIS A 900 5.86 -4.60 -46.95
N GLN A 901 6.82 -5.38 -46.44
CA GLN A 901 6.64 -6.82 -46.38
C GLN A 901 5.49 -7.19 -45.44
N TYR A 902 5.37 -6.48 -44.33
CA TYR A 902 4.27 -6.74 -43.40
C TYR A 902 2.93 -6.51 -44.07
N LEU A 903 2.79 -5.42 -44.84
CA LEU A 903 1.52 -5.13 -45.48
C LEU A 903 1.21 -6.10 -46.61
N LEU A 904 2.24 -6.55 -47.33
CA LEU A 904 2.02 -7.59 -48.31
C LEU A 904 1.55 -8.88 -47.64
N LYS A 905 2.10 -9.19 -46.47
CA LYS A 905 1.73 -10.42 -45.77
C LYS A 905 0.39 -10.31 -45.05
N ASN A 906 -0.09 -9.11 -44.75
CA ASN A 906 -1.36 -8.91 -44.06
C ASN A 906 -2.16 -7.87 -44.83
N PRO A 907 -2.65 -8.22 -46.03
CA PRO A 907 -3.31 -7.21 -46.87
C PRO A 907 -4.62 -6.71 -46.33
N HIS A 908 -5.16 -7.32 -45.27
CA HIS A 908 -6.46 -6.97 -44.74
C HIS A 908 -6.38 -6.09 -43.50
N THR A 909 -5.22 -5.52 -43.21
CA THR A 909 -5.07 -4.70 -42.02
C THR A 909 -5.92 -3.44 -42.13
N ASP A 910 -6.26 -2.89 -40.97
CA ASP A 910 -6.99 -1.64 -40.91
C ASP A 910 -6.04 -0.48 -41.23
N LEU A 911 -6.43 0.36 -42.19
CA LEU A 911 -5.58 1.48 -42.59
C LEU A 911 -5.62 2.63 -41.58
N ALA A 912 -6.80 2.92 -41.03
CA ALA A 912 -6.91 4.00 -40.06
C ALA A 912 -6.12 3.69 -38.79
N GLN A 913 -6.21 2.45 -38.30
CA GLN A 913 -5.44 2.07 -37.13
C GLN A 913 -3.95 2.00 -37.45
N LEU A 914 -3.60 1.63 -38.67
CA LEU A 914 -2.20 1.67 -39.07
C LEU A 914 -1.66 3.09 -39.00
N SER A 915 -2.43 4.06 -39.50
CA SER A 915 -2.00 5.45 -39.42
C SER A 915 -1.88 5.90 -37.97
N TYR A 916 -2.87 5.57 -37.15
CA TYR A 916 -2.83 5.95 -35.74
C TYR A 916 -1.57 5.42 -35.08
N THR A 917 -1.26 4.13 -35.31
CA THR A 917 -0.09 3.52 -34.68
C THR A 917 1.20 4.15 -35.18
N THR A 918 1.29 4.43 -36.48
CA THR A 918 2.53 4.94 -37.02
C THR A 918 2.78 6.38 -36.62
N THR A 919 1.73 7.17 -36.40
CA THR A 919 1.90 8.59 -36.10
C THR A 919 1.80 8.89 -34.61
N ALA A 920 0.67 8.59 -33.99
CA ALA A 920 0.43 9.05 -32.62
C ALA A 920 1.19 8.22 -31.59
N ARG A 921 1.46 6.95 -31.87
CA ARG A 921 2.03 6.03 -30.89
C ARG A 921 3.50 5.76 -31.14
N ARG A 922 4.18 6.63 -31.88
CA ARG A 922 5.59 6.48 -32.15
C ARG A 922 6.32 7.78 -31.83
N TRP A 923 7.60 7.66 -31.52
CA TRP A 923 8.49 8.80 -31.46
C TRP A 923 9.10 8.98 -32.84
N HIS A 924 9.33 10.23 -33.23
CA HIS A 924 9.73 10.57 -34.59
C HIS A 924 11.15 11.10 -34.59
N TYR A 925 12.02 10.45 -35.36
CA TYR A 925 13.43 10.70 -35.37
C TYR A 925 13.81 11.63 -36.53
N LEU A 926 15.11 11.78 -36.76
CA LEU A 926 15.60 12.76 -37.73
C LEU A 926 15.09 12.44 -39.15
N HIS A 927 15.49 11.30 -39.69
CA HIS A 927 15.07 10.93 -41.04
C HIS A 927 13.59 10.55 -41.03
N ARG A 928 12.86 11.00 -42.04
CA ARG A 928 11.42 10.87 -42.05
C ARG A 928 10.91 10.58 -43.45
N VAL A 929 9.78 9.87 -43.51
CA VAL A 929 9.10 9.56 -44.77
C VAL A 929 7.60 9.54 -44.48
N SER A 930 6.81 9.93 -45.47
CA SER A 930 5.37 9.91 -45.34
C SER A 930 4.75 9.35 -46.61
N VAL A 931 3.56 8.76 -46.46
CA VAL A 931 2.83 8.16 -47.56
C VAL A 931 1.35 8.33 -47.29
N THR A 932 0.59 8.60 -48.34
CA THR A 932 -0.86 8.77 -48.24
C THR A 932 -1.55 7.87 -49.26
N GLY A 933 -2.55 7.12 -48.80
CA GLY A 933 -3.28 6.24 -49.68
C GLY A 933 -4.68 6.00 -49.17
N ALA A 934 -5.55 5.58 -50.09
CA ALA A 934 -6.94 5.32 -49.76
C ALA A 934 -7.20 3.88 -49.33
N SER A 935 -6.22 3.00 -49.47
CA SER A 935 -6.37 1.61 -49.09
C SER A 935 -4.98 1.04 -48.82
N VAL A 936 -4.95 -0.13 -48.20
CA VAL A 936 -3.67 -0.76 -47.87
C VAL A 936 -2.86 -1.06 -49.12
N GLU A 937 -3.53 -1.34 -50.24
CA GLU A 937 -2.82 -1.64 -51.49
C GLU A 937 -2.17 -0.39 -52.08
N GLU A 938 -2.87 0.73 -52.07
CA GLU A 938 -2.28 1.98 -52.53
C GLU A 938 -1.11 2.37 -51.64
N VAL A 939 -1.25 2.20 -50.34
CA VAL A 939 -0.15 2.49 -49.42
C VAL A 939 1.02 1.56 -49.69
N THR A 940 0.76 0.30 -50.01
CA THR A 940 1.84 -0.64 -50.32
C THR A 940 2.59 -0.22 -51.58
N ARG A 941 1.85 0.18 -52.62
CA ARG A 941 2.50 0.65 -53.84
C ARG A 941 3.36 1.88 -53.55
N LYS A 942 2.83 2.83 -52.77
CA LYS A 942 3.57 4.05 -52.50
C LYS A 942 4.80 3.77 -51.63
N LEU A 943 4.68 2.84 -50.69
CA LEU A 943 5.85 2.43 -49.91
C LEU A 943 6.91 1.80 -50.81
N GLU A 944 6.49 1.01 -51.79
CA GLU A 944 7.44 0.44 -52.73
C GLU A 944 8.16 1.54 -53.53
N MET A 945 7.41 2.54 -54.00
CA MET A 945 8.05 3.64 -54.71
C MET A 945 9.02 4.38 -53.80
N ALA A 946 8.64 4.60 -52.54
CA ALA A 946 9.55 5.26 -51.60
C ALA A 946 10.81 4.45 -51.39
N ILE A 947 10.69 3.13 -51.33
CA ILE A 947 11.87 2.28 -51.22
C ILE A 947 12.76 2.45 -52.44
N GLN A 948 12.16 2.45 -53.64
CA GLN A 948 12.96 2.55 -54.86
C GLN A 948 13.72 3.86 -54.94
N ASN A 949 13.06 4.98 -54.64
CA ASN A 949 13.70 6.28 -54.76
C ASN A 949 14.69 6.56 -53.64
N GLY A 950 14.47 5.99 -52.46
CA GLY A 950 15.33 6.27 -51.33
C GLY A 950 14.97 7.60 -50.69
N ASP A 951 13.73 7.71 -50.23
CA ASP A 951 13.20 9.01 -49.80
C ASP A 951 13.98 9.57 -48.62
N GLY A 952 13.90 8.89 -47.48
CA GLY A 952 14.46 9.44 -46.25
C GLY A 952 15.88 9.02 -45.98
N VAL A 953 16.57 8.51 -47.00
CA VAL A 953 17.92 8.00 -46.80
C VAL A 953 18.96 9.11 -46.68
N SER A 954 18.67 10.30 -47.18
CA SER A 954 19.60 11.41 -47.13
C SER A 954 19.28 12.32 -45.95
N ARG A 955 20.33 12.92 -45.39
CA ARG A 955 20.17 13.71 -44.17
C ARG A 955 19.21 14.86 -44.43
N PRO A 956 18.27 15.13 -43.52
CA PRO A 956 17.14 16.01 -43.86
C PRO A 956 17.54 17.40 -44.34
N LYS A 957 18.50 18.04 -43.66
CA LYS A 957 18.88 19.44 -43.87
C LYS A 957 17.99 20.35 -43.01
N SER A 958 18.38 21.60 -42.85
CA SER A 958 17.74 22.50 -41.89
C SER A 958 16.23 22.54 -42.12
N LYS A 959 15.51 22.92 -41.07
CA LYS A 959 14.07 23.01 -41.10
C LYS A 959 13.61 24.28 -41.83
N PRO A 960 12.41 24.29 -42.39
CA PRO A 960 11.92 25.47 -43.09
C PRO A 960 11.11 26.40 -42.19
N LYS A 961 11.05 27.66 -42.60
CA LYS A 961 10.20 28.64 -41.94
C LYS A 961 8.76 28.49 -42.43
N ILE A 962 7.82 28.84 -41.55
CA ILE A 962 6.40 28.71 -41.84
C ILE A 962 5.80 30.11 -41.85
N LEU A 963 5.14 30.46 -42.96
CA LEU A 963 4.48 31.75 -43.14
C LEU A 963 2.98 31.53 -43.23
N PHE A 964 2.23 32.23 -42.40
CA PHE A 964 0.76 32.18 -42.43
C PHE A 964 0.26 33.36 -43.25
N ALA A 965 -0.45 33.07 -44.34
CA ALA A 965 -1.01 34.08 -45.22
C ALA A 965 -2.52 34.05 -45.09
N PHE A 966 -3.14 35.22 -44.91
CA PHE A 966 -4.57 35.34 -44.69
C PHE A 966 -5.20 36.09 -45.86
N THR A 967 -6.27 35.53 -46.42
CA THR A 967 -6.87 36.04 -47.63
C THR A 967 -7.79 37.22 -47.34
N GLY A 968 -8.12 37.95 -48.40
CA GLY A 968 -8.96 39.13 -48.30
C GLY A 968 -10.43 38.78 -48.29
N GLN A 969 -11.25 39.76 -48.67
CA GLN A 969 -12.69 39.69 -48.54
C GLN A 969 -13.41 39.30 -49.83
N GLY A 970 -12.67 38.88 -50.85
CA GLY A 970 -13.30 38.46 -52.10
C GLY A 970 -13.43 36.97 -52.23
N SER A 971 -13.35 36.25 -51.11
CA SER A 971 -13.28 34.79 -51.12
C SER A 971 -14.47 34.12 -50.44
N GLN A 972 -15.52 34.87 -50.12
CA GLN A 972 -16.65 34.29 -49.42
C GLN A 972 -17.48 33.40 -50.36
N TYR A 973 -18.06 32.35 -49.79
CA TYR A 973 -18.99 31.50 -50.50
C TYR A 973 -19.74 30.66 -49.47
N ALA A 974 -20.99 30.33 -49.79
CA ALA A 974 -21.82 29.59 -48.86
C ALA A 974 -21.23 28.21 -48.58
N THR A 975 -21.49 27.68 -47.39
CA THR A 975 -20.94 26.41 -46.94
C THR A 975 -19.41 26.53 -46.89
N MET A 976 -18.96 27.51 -46.11
CA MET A 976 -17.56 27.87 -46.02
C MET A 976 -16.93 27.15 -44.84
N GLY A 977 -15.92 26.33 -45.10
CA GLY A 977 -15.27 25.61 -44.03
C GLY A 977 -16.19 24.68 -43.27
N LYS A 978 -17.28 24.23 -43.90
CA LYS A 978 -18.19 23.31 -43.24
C LYS A 978 -17.60 21.92 -43.07
N GLN A 979 -16.60 21.57 -43.87
CA GLN A 979 -16.02 20.24 -43.76
C GLN A 979 -15.15 20.10 -42.53
N VAL A 980 -14.36 21.13 -42.20
CA VAL A 980 -13.62 21.11 -40.95
C VAL A 980 -14.57 21.25 -39.77
N TYR A 981 -15.64 22.03 -39.94
CA TYR A 981 -16.65 22.19 -38.89
C TYR A 981 -17.29 20.85 -38.53
N ASP A 982 -17.38 19.94 -39.50
CA ASP A 982 -17.97 18.62 -39.26
C ASP A 982 -16.93 17.56 -38.90
N ALA A 983 -15.64 17.87 -38.99
CA ALA A 983 -14.58 16.90 -38.74
C ALA A 983 -13.99 17.01 -37.35
N TYR A 984 -13.78 18.23 -36.85
CA TYR A 984 -13.06 18.45 -35.60
C TYR A 984 -13.94 19.19 -34.61
N PRO A 985 -14.31 18.58 -33.48
CA PRO A 985 -15.13 19.31 -32.50
C PRO A 985 -14.46 20.56 -31.95
N SER A 986 -13.13 20.60 -31.90
CA SER A 986 -12.44 21.79 -31.41
C SER A 986 -12.66 22.98 -32.33
N PHE A 987 -12.57 22.75 -33.64
CA PHE A 987 -12.84 23.82 -34.60
C PHE A 987 -14.27 24.31 -34.49
N ARG A 988 -15.22 23.40 -34.36
CA ARG A 988 -16.62 23.78 -34.20
C ARG A 988 -16.82 24.61 -32.94
N GLU A 989 -16.21 24.19 -31.83
CA GLU A 989 -16.34 24.92 -30.58
C GLU A 989 -15.76 26.32 -30.71
N ASP A 990 -14.58 26.43 -31.34
CA ASP A 990 -13.98 27.75 -31.54
C ASP A 990 -14.87 28.65 -32.39
N LEU A 991 -15.40 28.12 -33.48
CA LEU A 991 -16.23 28.94 -34.36
C LEU A 991 -17.50 29.39 -33.66
N GLU A 992 -18.12 28.51 -32.88
CA GLU A 992 -19.31 28.91 -32.13
C GLU A 992 -18.97 29.92 -31.04
N LYS A 993 -17.79 29.78 -30.42
CA LYS A 993 -17.35 30.77 -29.45
C LYS A 993 -17.20 32.13 -30.08
N PHE A 994 -16.60 32.20 -31.28
CA PHE A 994 -16.45 33.47 -31.96
C PHE A 994 -17.80 34.03 -32.39
N ASP A 995 -18.73 33.16 -32.81
CA ASP A 995 -20.05 33.64 -33.19
C ASP A 995 -20.79 34.22 -32.00
N ARG A 996 -20.65 33.60 -30.83
CA ARG A 996 -21.23 34.16 -29.61
C ARG A 996 -20.54 35.45 -29.22
N LEU A 997 -19.22 35.52 -29.41
CA LEU A 997 -18.46 36.71 -29.05
C LEU A 997 -18.92 37.92 -29.86
N ALA A 998 -19.18 37.73 -31.15
CA ALA A 998 -19.64 38.84 -31.98
C ALA A 998 -21.00 39.34 -31.54
N GLN A 999 -21.90 38.44 -31.15
CA GLN A 999 -23.24 38.86 -30.72
C GLN A 999 -23.17 39.68 -29.44
N SER A 1000 -22.30 39.30 -28.51
CA SER A 1000 -22.10 40.11 -27.31
C SER A 1000 -21.50 41.48 -27.63
N HIS A 1001 -20.89 41.63 -28.79
CA HIS A 1001 -20.38 42.93 -29.25
C HIS A 1001 -21.45 43.77 -29.94
N GLY A 1002 -22.63 43.21 -30.18
CA GLY A 1002 -23.70 43.94 -30.81
C GLY A 1002 -23.89 43.68 -32.28
N PHE A 1003 -23.22 42.67 -32.84
CA PHE A 1003 -23.31 42.34 -34.25
C PHE A 1003 -24.21 41.12 -34.45
N PRO A 1004 -24.79 40.97 -35.64
CA PRO A 1004 -25.61 39.77 -35.90
C PRO A 1004 -24.76 38.51 -36.02
N SER A 1005 -25.41 37.39 -35.78
CA SER A 1005 -24.73 36.10 -35.87
C SER A 1005 -24.37 35.78 -37.32
N PHE A 1006 -23.16 35.28 -37.52
CA PHE A 1006 -22.65 34.95 -38.85
C PHE A 1006 -22.54 33.45 -39.08
N LEU A 1007 -22.92 32.62 -38.10
CA LEU A 1007 -22.67 31.18 -38.22
C LEU A 1007 -23.46 30.55 -39.36
N HIS A 1008 -24.59 31.16 -39.75
CA HIS A 1008 -25.37 30.61 -40.84
C HIS A 1008 -24.62 30.68 -42.17
N VAL A 1009 -23.59 31.51 -42.27
CA VAL A 1009 -22.82 31.59 -43.51
C VAL A 1009 -22.02 30.31 -43.73
N CYS A 1010 -21.47 29.75 -42.66
CA CYS A 1010 -20.56 28.62 -42.78
C CYS A 1010 -21.27 27.27 -42.73
N THR A 1011 -22.56 27.23 -42.42
CA THR A 1011 -23.30 25.98 -42.36
C THR A 1011 -24.41 25.91 -43.39
N SER A 1012 -25.32 26.89 -43.40
CA SER A 1012 -26.46 26.82 -44.29
C SER A 1012 -26.03 27.03 -45.74
N PRO A 1013 -26.70 26.37 -46.70
CA PRO A 1013 -26.41 26.60 -48.12
C PRO A 1013 -27.29 27.62 -48.81
N LYS A 1014 -28.13 28.37 -48.08
CA LYS A 1014 -29.09 29.29 -48.67
C LYS A 1014 -28.65 30.73 -48.47
N GLY A 1015 -28.87 31.56 -49.48
CA GLY A 1015 -28.53 32.96 -49.41
C GLY A 1015 -27.08 33.22 -49.74
N ASP A 1016 -26.80 34.15 -50.65
CA ASP A 1016 -25.43 34.44 -51.06
C ASP A 1016 -25.00 35.86 -50.71
N VAL A 1017 -25.69 36.87 -51.23
CA VAL A 1017 -25.35 38.27 -50.95
C VAL A 1017 -26.60 39.09 -50.67
N GLU A 1018 -27.77 38.56 -51.03
CA GLU A 1018 -28.99 39.35 -50.96
C GLU A 1018 -29.35 39.72 -49.53
N GLU A 1019 -29.37 38.74 -48.64
CA GLU A 1019 -29.76 38.96 -47.25
C GLU A 1019 -28.58 39.25 -46.34
N MET A 1020 -27.36 39.35 -46.89
CA MET A 1020 -26.15 39.46 -46.10
C MET A 1020 -25.55 40.84 -46.25
N ALA A 1021 -25.29 41.48 -45.12
CA ALA A 1021 -24.61 42.78 -45.07
C ALA A 1021 -23.12 42.56 -44.99
N PRO A 1022 -22.33 43.62 -45.25
CA PRO A 1022 -20.87 43.45 -45.19
C PRO A 1022 -20.38 42.93 -43.85
N VAL A 1023 -21.02 43.33 -42.75
CA VAL A 1023 -20.52 42.98 -41.43
C VAL A 1023 -20.50 41.45 -41.26
N VAL A 1024 -21.59 40.80 -41.66
CA VAL A 1024 -21.69 39.36 -41.42
C VAL A 1024 -20.62 38.60 -42.21
N VAL A 1025 -20.42 38.96 -43.48
CA VAL A 1025 -19.47 38.22 -44.30
C VAL A 1025 -18.04 38.50 -43.85
N GLN A 1026 -17.73 39.76 -43.52
CA GLN A 1026 -16.39 40.08 -43.05
C GLN A 1026 -16.09 39.36 -41.74
N LEU A 1027 -17.04 39.35 -40.81
CA LEU A 1027 -16.82 38.66 -39.54
C LEU A 1027 -16.73 37.16 -39.74
N ALA A 1028 -17.52 36.61 -40.67
CA ALA A 1028 -17.43 35.19 -40.97
C ALA A 1028 -16.03 34.83 -41.46
N ILE A 1029 -15.51 35.58 -42.43
CA ILE A 1029 -14.17 35.30 -42.93
C ILE A 1029 -13.16 35.41 -41.81
N THR A 1030 -13.22 36.48 -41.02
CA THR A 1030 -12.21 36.72 -39.99
C THR A 1030 -12.25 35.65 -38.91
N CYS A 1031 -13.43 35.30 -38.42
CA CYS A 1031 -13.55 34.29 -37.38
C CYS A 1031 -13.18 32.91 -37.91
N LEU A 1032 -13.49 32.62 -39.17
CA LEU A 1032 -13.04 31.36 -39.76
C LEU A 1032 -11.53 31.29 -39.80
N GLN A 1033 -10.88 32.39 -40.18
CA GLN A 1033 -9.42 32.41 -40.19
C GLN A 1033 -8.84 32.26 -38.80
N MET A 1034 -9.45 32.89 -37.80
CA MET A 1034 -8.96 32.75 -36.42
C MET A 1034 -9.14 31.32 -35.92
N ALA A 1035 -10.27 30.70 -36.23
CA ALA A 1035 -10.48 29.30 -35.85
C ALA A 1035 -9.46 28.39 -36.54
N LEU A 1036 -9.19 28.65 -37.82
CA LEU A 1036 -8.18 27.85 -38.52
C LEU A 1036 -6.81 28.03 -37.88
N THR A 1037 -6.49 29.25 -37.46
CA THR A 1037 -5.23 29.48 -36.76
C THR A 1037 -5.16 28.66 -35.49
N ASN A 1038 -6.25 28.63 -34.71
CA ASN A 1038 -6.28 27.83 -33.51
C ASN A 1038 -6.10 26.35 -33.82
N LEU A 1039 -6.74 25.86 -34.89
CA LEU A 1039 -6.64 24.45 -35.23
C LEU A 1039 -5.22 24.08 -35.64
N MET A 1040 -4.56 24.92 -36.44
CA MET A 1040 -3.16 24.65 -36.78
C MET A 1040 -2.28 24.71 -35.53
N THR A 1041 -2.60 25.61 -34.60
CA THR A 1041 -1.80 25.69 -33.38
C THR A 1041 -1.96 24.43 -32.53
N SER A 1042 -3.16 23.84 -32.53
CA SER A 1042 -3.36 22.59 -31.79
C SER A 1042 -2.52 21.46 -32.37
N PHE A 1043 -2.43 21.38 -33.69
CA PHE A 1043 -1.60 20.36 -34.34
C PHE A 1043 -0.11 20.59 -34.15
N GLY A 1044 0.28 21.68 -33.52
CA GLY A 1044 1.68 21.95 -33.25
C GLY A 1044 2.40 22.76 -34.30
N ILE A 1045 1.68 23.42 -35.20
CA ILE A 1045 2.29 24.22 -36.25
C ILE A 1045 2.39 25.66 -35.75
N ARG A 1046 3.62 26.15 -35.62
CA ARG A 1046 3.88 27.48 -35.09
C ARG A 1046 4.37 28.39 -36.21
N PRO A 1047 3.62 29.41 -36.62
CA PRO A 1047 4.11 30.31 -37.67
C PRO A 1047 5.29 31.13 -37.21
N ASP A 1048 6.19 31.41 -38.15
CA ASP A 1048 7.32 32.30 -37.92
C ASP A 1048 7.05 33.73 -38.37
N VAL A 1049 6.03 33.95 -39.19
CA VAL A 1049 5.71 35.26 -39.72
C VAL A 1049 4.31 35.19 -40.28
N THR A 1050 3.63 36.34 -40.33
CA THR A 1050 2.25 36.43 -40.78
C THR A 1050 2.10 37.57 -41.76
N VAL A 1051 1.06 37.48 -42.59
CA VAL A 1051 0.73 38.54 -43.53
C VAL A 1051 -0.73 38.39 -43.95
N GLY A 1052 -1.48 39.48 -43.93
CA GLY A 1052 -2.84 39.47 -44.39
C GLY A 1052 -3.04 40.52 -45.47
N HIS A 1053 -3.98 40.26 -46.37
CA HIS A 1053 -4.06 41.08 -47.57
C HIS A 1053 -4.84 42.38 -47.33
N SER A 1054 -6.16 42.28 -47.19
CA SER A 1054 -6.98 43.46 -46.93
C SER A 1054 -7.80 43.31 -45.66
N LEU A 1055 -8.60 42.25 -45.55
CA LEU A 1055 -9.32 41.92 -44.35
C LEU A 1055 -8.63 40.85 -43.52
N GLY A 1056 -7.65 40.18 -44.09
CA GLY A 1056 -6.86 39.21 -43.38
C GLY A 1056 -5.77 39.80 -42.53
N GLU A 1057 -5.60 41.13 -42.56
CA GLU A 1057 -4.62 41.77 -41.70
C GLU A 1057 -4.97 41.58 -40.23
N PHE A 1058 -6.27 41.65 -39.91
CA PHE A 1058 -6.70 41.47 -38.53
C PHE A 1058 -6.40 40.07 -38.03
N ALA A 1059 -6.64 39.06 -38.87
CA ALA A 1059 -6.31 37.69 -38.48
C ALA A 1059 -4.80 37.52 -38.31
N ALA A 1060 -4.01 38.19 -39.15
CA ALA A 1060 -2.57 38.15 -38.97
C ALA A 1060 -2.15 38.78 -37.65
N LEU A 1061 -2.78 39.88 -37.27
CA LEU A 1061 -2.48 40.51 -35.98
C LEU A 1061 -2.89 39.62 -34.82
N TYR A 1062 -4.03 38.93 -34.95
CA TYR A 1062 -4.43 38.00 -33.91
C TYR A 1062 -3.44 36.85 -33.78
N ALA A 1063 -2.98 36.31 -34.92
CA ALA A 1063 -2.00 35.24 -34.88
C ALA A 1063 -0.66 35.71 -34.34
N ALA A 1064 -0.34 36.99 -34.52
CA ALA A 1064 0.93 37.53 -34.06
C ALA A 1064 0.93 37.92 -32.60
N GLY A 1065 -0.22 37.84 -31.92
CA GLY A 1065 -0.30 38.20 -30.52
C GLY A 1065 -0.56 39.67 -30.26
N VAL A 1066 -0.73 40.49 -31.30
CA VAL A 1066 -0.98 41.90 -31.10
C VAL A 1066 -2.37 42.14 -30.53
N LEU A 1067 -3.38 41.47 -31.07
CA LEU A 1067 -4.76 41.67 -30.67
C LEU A 1067 -5.34 40.38 -30.12
N SER A 1068 -6.31 40.53 -29.22
CA SER A 1068 -7.09 39.40 -28.73
C SER A 1068 -8.29 39.19 -29.64
N ALA A 1069 -8.96 38.06 -29.45
CA ALA A 1069 -10.09 37.71 -30.31
C ALA A 1069 -11.17 38.79 -30.23
N SER A 1070 -11.44 39.28 -29.02
CA SER A 1070 -12.46 40.31 -28.85
C SER A 1070 -12.07 41.59 -29.55
N ASP A 1071 -10.80 41.97 -29.50
CA ASP A 1071 -10.35 43.19 -30.16
C ASP A 1071 -10.47 43.08 -31.68
N VAL A 1072 -10.13 41.91 -32.22
CA VAL A 1072 -10.27 41.70 -33.66
C VAL A 1072 -11.73 41.79 -34.07
N VAL A 1073 -12.60 41.09 -33.34
CA VAL A 1073 -14.03 41.12 -33.67
C VAL A 1073 -14.56 42.55 -33.55
N TYR A 1074 -14.16 43.25 -32.49
CA TYR A 1074 -14.63 44.62 -32.27
C TYR A 1074 -14.22 45.53 -33.41
N LEU A 1075 -12.94 45.50 -33.79
CA LEU A 1075 -12.46 46.38 -34.83
C LEU A 1075 -13.12 46.08 -36.17
N VAL A 1076 -13.18 44.79 -36.54
CA VAL A 1076 -13.76 44.42 -37.82
C VAL A 1076 -15.23 44.82 -37.88
N GLY A 1077 -15.98 44.50 -36.82
CA GLY A 1077 -17.40 44.80 -36.83
C GLY A 1077 -17.70 46.29 -36.80
N GLN A 1078 -16.94 47.05 -36.01
CA GLN A 1078 -17.14 48.49 -35.99
C GLN A 1078 -16.82 49.12 -37.33
N ARG A 1079 -15.74 48.67 -37.97
CA ARG A 1079 -15.40 49.17 -39.29
C ARG A 1079 -16.51 48.87 -40.29
N ALA A 1080 -17.01 47.64 -40.28
CA ALA A 1080 -18.07 47.28 -41.22
C ALA A 1080 -19.34 48.08 -40.96
N GLU A 1081 -19.69 48.28 -39.70
CA GLU A 1081 -20.90 49.04 -39.39
C GLU A 1081 -20.75 50.50 -39.81
N LEU A 1082 -19.59 51.10 -39.57
CA LEU A 1082 -19.37 52.47 -40.04
C LEU A 1082 -19.47 52.55 -41.55
N LEU A 1083 -18.87 51.57 -42.24
CA LEU A 1083 -18.98 51.52 -43.70
C LEU A 1083 -20.44 51.49 -44.14
N GLN A 1084 -21.24 50.63 -43.50
CA GLN A 1084 -22.63 50.52 -43.88
C GLN A 1084 -23.39 51.81 -43.62
N GLU A 1085 -23.14 52.47 -42.49
CA GLU A 1085 -23.96 53.60 -42.10
C GLU A 1085 -23.67 54.84 -42.95
N ARG A 1086 -22.39 55.14 -43.16
CA ARG A 1086 -22.01 56.42 -43.77
C ARG A 1086 -21.92 56.34 -45.29
N CYS A 1087 -21.03 55.49 -45.80
CA CYS A 1087 -20.80 55.42 -47.24
C CYS A 1087 -22.09 55.01 -47.96
N GLN A 1088 -22.03 55.12 -49.29
CA GLN A 1088 -23.13 54.71 -50.16
C GLN A 1088 -22.69 53.51 -50.98
N ARG A 1089 -23.62 52.58 -51.20
CA ARG A 1089 -23.31 51.35 -51.91
C ARG A 1089 -23.36 51.56 -53.41
N GLY A 1090 -22.41 50.95 -54.13
CA GLY A 1090 -22.44 50.94 -55.58
C GLY A 1090 -21.96 52.20 -56.25
N THR A 1091 -21.13 53.00 -55.59
CA THR A 1091 -20.61 54.21 -56.20
C THR A 1091 -19.26 53.99 -56.86
N HIS A 1092 -18.41 53.15 -56.26
CA HIS A 1092 -17.08 52.88 -56.78
C HIS A 1092 -17.01 51.48 -57.35
N ALA A 1093 -15.90 51.21 -58.05
CA ALA A 1093 -15.66 49.91 -58.65
C ALA A 1093 -14.16 49.68 -58.69
N MET A 1094 -13.78 48.41 -58.84
CA MET A 1094 -12.38 48.01 -58.90
C MET A 1094 -12.08 47.39 -60.25
N LEU A 1095 -10.85 47.57 -60.71
CA LEU A 1095 -10.41 47.11 -62.02
C LEU A 1095 -9.08 46.38 -61.87
N ALA A 1096 -9.07 45.09 -62.19
CA ALA A 1096 -7.85 44.30 -62.18
C ALA A 1096 -7.17 44.44 -63.54
N VAL A 1097 -5.91 44.86 -63.53
CA VAL A 1097 -5.17 45.21 -64.73
C VAL A 1097 -3.90 44.37 -64.78
N LYS A 1098 -3.60 43.81 -65.95
CA LYS A 1098 -2.35 43.09 -66.18
C LYS A 1098 -1.28 44.05 -66.69
N ALA A 1099 -0.89 44.99 -65.84
CA ALA A 1099 0.12 45.97 -66.20
C ALA A 1099 0.84 46.46 -64.95
N THR A 1100 2.11 46.82 -65.14
CA THR A 1100 2.91 47.36 -64.06
C THR A 1100 2.33 48.71 -63.62
N PRO A 1101 2.30 48.98 -62.31
CA PRO A 1101 1.67 50.24 -61.86
C PRO A 1101 2.30 51.49 -62.47
N GLU A 1102 3.61 51.45 -62.75
CA GLU A 1102 4.25 52.58 -63.42
C GLU A 1102 3.60 52.85 -64.77
N ALA A 1103 3.32 51.78 -65.53
CA ALA A 1103 2.76 51.94 -66.87
C ALA A 1103 1.36 52.55 -66.86
N LEU A 1104 0.71 52.62 -65.70
CA LEU A 1104 -0.64 53.15 -65.60
C LEU A 1104 -0.69 54.55 -65.00
N SER A 1105 0.47 55.23 -64.90
CA SER A 1105 0.50 56.54 -64.25
C SER A 1105 -0.39 57.53 -65.00
N GLN A 1106 -0.27 57.57 -66.33
CA GLN A 1106 -1.02 58.57 -67.09
C GLN A 1106 -2.52 58.33 -66.98
N TRP A 1107 -2.96 57.08 -67.08
CA TRP A 1107 -4.39 56.79 -67.05
C TRP A 1107 -5.00 57.04 -65.69
N ILE A 1108 -4.20 57.00 -64.62
CA ILE A 1108 -4.73 57.25 -63.29
C ILE A 1108 -4.66 58.74 -62.92
N GLN A 1109 -3.71 59.47 -63.47
CA GLN A 1109 -3.57 60.89 -63.19
C GLN A 1109 -4.53 61.76 -63.98
N ASP A 1110 -5.28 61.17 -64.93
CA ASP A 1110 -6.23 61.92 -65.74
C ASP A 1110 -7.67 61.54 -65.50
N HIS A 1111 -7.94 60.31 -65.07
CA HIS A 1111 -9.29 59.84 -64.81
C HIS A 1111 -9.62 59.79 -63.32
N ASP A 1112 -8.77 60.36 -62.47
CA ASP A 1112 -9.03 60.48 -61.04
C ASP A 1112 -9.20 59.13 -60.36
N CYS A 1113 -8.55 58.09 -60.89
CA CYS A 1113 -8.61 56.77 -60.27
C CYS A 1113 -7.51 56.66 -59.22
N GLU A 1114 -7.31 55.47 -58.66
CA GLU A 1114 -6.29 55.25 -57.66
C GLU A 1114 -5.87 53.78 -57.68
N VAL A 1115 -4.69 53.52 -57.15
CA VAL A 1115 -4.17 52.16 -57.04
C VAL A 1115 -4.68 51.56 -55.74
N ALA A 1116 -5.48 50.50 -55.85
CA ALA A 1116 -6.05 49.85 -54.68
C ALA A 1116 -5.11 48.78 -54.12
N CYS A 1117 -4.72 47.83 -54.96
CA CYS A 1117 -3.82 46.75 -54.55
C CYS A 1117 -2.78 46.52 -55.63
N ILE A 1118 -1.59 46.14 -55.20
CA ILE A 1118 -0.50 45.77 -56.11
C ILE A 1118 -0.17 44.32 -55.78
N ASN A 1119 -0.81 43.40 -56.51
CA ASN A 1119 -0.77 41.98 -56.18
C ASN A 1119 0.39 41.25 -56.85
N GLY A 1120 1.18 41.91 -57.67
CA GLY A 1120 2.30 41.26 -58.32
C GLY A 1120 3.11 42.22 -59.17
N PRO A 1121 4.18 41.71 -59.79
CA PRO A 1121 4.99 42.56 -60.66
C PRO A 1121 4.20 43.19 -61.79
N GLU A 1122 3.21 42.48 -62.33
CA GLU A 1122 2.40 42.99 -63.43
C GLU A 1122 0.91 42.85 -63.15
N ASP A 1123 0.51 42.81 -61.88
CA ASP A 1123 -0.89 42.73 -61.49
C ASP A 1123 -1.21 43.88 -60.55
N THR A 1124 -2.17 44.71 -60.93
CA THR A 1124 -2.58 45.85 -60.12
C THR A 1124 -4.09 45.98 -60.17
N VAL A 1125 -4.66 46.52 -59.10
CA VAL A 1125 -6.09 46.76 -58.98
C VAL A 1125 -6.31 48.25 -58.81
N LEU A 1126 -7.15 48.83 -59.66
CA LEU A 1126 -7.46 50.24 -59.64
C LEU A 1126 -8.89 50.45 -59.16
N SER A 1127 -9.11 51.56 -58.45
CA SER A 1127 -10.41 51.87 -57.89
C SER A 1127 -10.79 53.32 -58.21
N GLY A 1128 -12.09 53.55 -58.28
CA GLY A 1128 -12.60 54.88 -58.57
C GLY A 1128 -14.09 54.83 -58.79
N THR A 1129 -14.64 55.97 -59.21
CA THR A 1129 -16.05 56.04 -59.53
C THR A 1129 -16.36 55.14 -60.73
N THR A 1130 -17.64 54.79 -60.87
CA THR A 1130 -18.02 53.91 -61.97
C THR A 1130 -17.72 54.54 -63.32
N LYS A 1131 -18.01 55.82 -63.48
CA LYS A 1131 -17.75 56.48 -64.76
C LYS A 1131 -16.26 56.51 -65.07
N ASN A 1132 -15.43 56.87 -64.10
CA ASN A 1132 -14.00 56.89 -64.33
C ASN A 1132 -13.46 55.50 -64.61
N VAL A 1133 -13.98 54.50 -63.89
CA VAL A 1133 -13.54 53.12 -64.13
C VAL A 1133 -13.90 52.70 -65.55
N ALA A 1134 -15.11 53.03 -66.00
CA ALA A 1134 -15.51 52.67 -67.36
C ALA A 1134 -14.65 53.39 -68.39
N GLU A 1135 -14.35 54.67 -68.16
CA GLU A 1135 -13.50 55.42 -69.08
C GLU A 1135 -12.12 54.80 -69.17
N VAL A 1136 -11.53 54.42 -68.03
CA VAL A 1136 -10.23 53.78 -68.04
C VAL A 1136 -10.30 52.44 -68.75
N GLN A 1137 -11.35 51.67 -68.49
CA GLN A 1137 -11.50 50.38 -69.15
C GLN A 1137 -11.54 50.54 -70.66
N ARG A 1138 -12.30 51.51 -71.15
CA ARG A 1138 -12.35 51.77 -72.58
C ARG A 1138 -10.99 52.19 -73.11
N ALA A 1139 -10.31 53.10 -72.41
CA ALA A 1139 -9.04 53.62 -72.90
C ALA A 1139 -8.00 52.51 -73.00
N MET A 1140 -7.92 51.64 -71.99
CA MET A 1140 -6.93 50.57 -72.01
C MET A 1140 -7.37 49.35 -72.79
N THR A 1141 -8.65 49.24 -73.15
CA THR A 1141 -9.06 48.24 -74.11
C THR A 1141 -8.69 48.67 -75.52
N ASP A 1142 -8.81 49.97 -75.81
CA ASP A 1142 -8.35 50.49 -77.09
C ASP A 1142 -6.84 50.36 -77.26
N ASN A 1143 -6.11 50.28 -76.16
CA ASN A 1143 -4.66 50.10 -76.19
C ASN A 1143 -4.25 48.64 -76.09
N GLY A 1144 -5.21 47.71 -76.03
CA GLY A 1144 -4.91 46.29 -76.02
C GLY A 1144 -4.75 45.68 -74.65
N ILE A 1145 -4.70 46.48 -73.58
CA ILE A 1145 -4.49 45.94 -72.25
C ILE A 1145 -5.71 45.10 -71.85
N LYS A 1146 -5.45 44.04 -71.07
CA LYS A 1146 -6.50 43.15 -70.60
C LYS A 1146 -6.86 43.50 -69.17
N CYS A 1147 -8.12 43.84 -68.94
CA CYS A 1147 -8.60 44.29 -67.64
C CYS A 1147 -9.88 43.57 -67.28
N THR A 1148 -10.04 43.30 -65.99
CA THR A 1148 -11.22 42.65 -65.44
C THR A 1148 -11.97 43.62 -64.54
N LEU A 1149 -13.25 43.81 -64.81
CA LEU A 1149 -14.09 44.73 -64.06
C LEU A 1149 -14.82 43.95 -62.96
N LEU A 1150 -14.74 44.45 -61.73
CA LEU A 1150 -15.37 43.83 -60.58
C LEU A 1150 -16.38 44.79 -59.98
N LYS A 1151 -17.61 44.32 -59.81
CA LYS A 1151 -18.67 45.11 -59.20
C LYS A 1151 -18.75 44.79 -57.72
N LEU A 1152 -18.65 45.82 -56.88
CA LEU A 1152 -18.63 45.67 -55.44
C LEU A 1152 -19.64 46.61 -54.81
N PRO A 1153 -20.20 46.26 -53.65
CA PRO A 1153 -21.08 47.19 -52.94
C PRO A 1153 -20.29 48.23 -52.18
N PHE A 1154 -19.14 47.84 -51.64
CA PHE A 1154 -18.23 48.76 -50.96
C PHE A 1154 -16.81 48.45 -51.40
N ALA A 1155 -16.04 49.50 -51.70
CA ALA A 1155 -14.69 49.37 -52.23
C ALA A 1155 -13.72 49.93 -51.19
N PHE A 1156 -13.09 49.06 -50.42
CA PHE A 1156 -12.06 49.48 -49.50
C PHE A 1156 -10.82 49.91 -50.26
N HIS A 1157 -9.93 50.63 -49.56
CA HIS A 1157 -8.69 51.12 -50.15
C HIS A 1157 -8.97 52.09 -51.29
N SER A 1158 -10.12 52.76 -51.25
CA SER A 1158 -10.54 53.71 -52.25
C SER A 1158 -10.99 54.99 -51.55
N ALA A 1159 -11.38 55.98 -52.34
CA ALA A 1159 -11.89 57.23 -51.78
C ALA A 1159 -13.27 57.07 -51.14
N GLN A 1160 -13.92 55.92 -51.32
CA GLN A 1160 -15.25 55.72 -50.77
C GLN A 1160 -15.24 55.60 -49.25
N VAL A 1161 -14.08 55.36 -48.63
CA VAL A 1161 -13.99 55.14 -47.20
C VAL A 1161 -13.35 56.32 -46.48
N GLN A 1162 -13.25 57.47 -47.14
CA GLN A 1162 -12.73 58.65 -46.46
C GLN A 1162 -13.57 59.08 -45.27
N PRO A 1163 -14.90 59.16 -45.35
CA PRO A 1163 -15.67 59.73 -44.23
C PRO A 1163 -15.49 58.99 -42.92
N ILE A 1164 -15.25 57.68 -42.94
CA ILE A 1164 -15.25 56.88 -41.72
C ILE A 1164 -13.87 56.82 -41.12
N LEU A 1165 -12.91 57.55 -41.70
CA LEU A 1165 -11.53 57.46 -41.22
C LEU A 1165 -11.39 58.02 -39.80
N ASP A 1166 -11.89 59.23 -39.56
CA ASP A 1166 -11.74 59.84 -38.25
C ASP A 1166 -12.55 59.11 -37.20
N ASP A 1167 -13.78 58.71 -37.54
CA ASP A 1167 -14.60 57.97 -36.58
C ASP A 1167 -13.95 56.63 -36.22
N PHE A 1168 -13.40 55.94 -37.22
CA PHE A 1168 -12.83 54.63 -36.96
C PHE A 1168 -11.55 54.74 -36.13
N GLU A 1169 -10.79 55.81 -36.29
CA GLU A 1169 -9.57 55.97 -35.49
C GLU A 1169 -9.89 56.22 -34.02
N ALA A 1170 -11.01 56.90 -33.74
CA ALA A 1170 -11.42 57.11 -32.36
C ALA A 1170 -11.86 55.81 -31.70
N LEU A 1171 -12.59 54.97 -32.44
CA LEU A 1171 -13.05 53.70 -31.89
C LEU A 1171 -11.87 52.77 -31.61
N ALA A 1172 -10.86 52.80 -32.47
CA ALA A 1172 -9.71 51.91 -32.30
C ALA A 1172 -8.89 52.23 -31.06
N GLN A 1173 -9.14 53.37 -30.41
CA GLN A 1173 -8.41 53.70 -29.19
C GLN A 1173 -8.73 52.72 -28.07
N GLY A 1174 -9.91 52.12 -28.09
CA GLY A 1174 -10.31 51.19 -27.05
C GLY A 1174 -9.70 49.82 -27.13
N ALA A 1175 -9.04 49.49 -28.23
CA ALA A 1175 -8.42 48.19 -28.40
C ALA A 1175 -7.00 48.20 -27.87
N THR A 1176 -6.58 47.08 -27.30
CA THR A 1176 -5.24 46.95 -26.73
C THR A 1176 -4.31 46.35 -27.78
N PHE A 1177 -3.34 47.15 -28.22
CA PHE A 1177 -2.33 46.70 -29.16
C PHE A 1177 -1.10 46.26 -28.36
N ALA A 1178 -0.82 44.97 -28.37
CA ALA A 1178 0.29 44.40 -27.61
C ALA A 1178 1.52 44.26 -28.49
N LYS A 1179 2.61 43.81 -27.89
CA LYS A 1179 3.85 43.64 -28.62
C LYS A 1179 3.73 42.41 -29.52
N PRO A 1180 4.12 42.51 -30.80
CA PRO A 1180 4.07 41.32 -31.65
C PRO A 1180 4.90 40.19 -31.08
N GLN A 1181 4.34 38.98 -31.14
CA GLN A 1181 5.05 37.78 -30.73
C GLN A 1181 5.84 37.16 -31.87
N LEU A 1182 5.55 37.55 -33.11
CA LEU A 1182 6.26 37.05 -34.27
C LEU A 1182 6.19 38.12 -35.36
N LEU A 1183 7.05 37.97 -36.36
CA LEU A 1183 7.15 38.98 -37.41
C LEU A 1183 5.82 39.16 -38.12
N ILE A 1184 5.51 40.42 -38.45
CA ILE A 1184 4.33 40.76 -39.23
C ILE A 1184 4.79 41.48 -40.47
N LEU A 1185 4.35 41.01 -41.63
CA LEU A 1185 4.65 41.66 -42.90
C LEU A 1185 3.57 42.69 -43.18
N SER A 1186 3.99 43.94 -43.38
CA SER A 1186 3.06 45.06 -43.51
C SER A 1186 3.00 45.52 -44.95
N PRO A 1187 1.95 45.19 -45.71
CA PRO A 1187 1.81 45.79 -47.04
C PRO A 1187 1.61 47.29 -47.00
N LEU A 1188 1.16 47.84 -45.87
CA LEU A 1188 0.97 49.28 -45.77
C LEU A 1188 2.30 50.01 -45.67
N LEU A 1189 3.11 49.66 -44.68
CA LEU A 1189 4.45 50.24 -44.56
C LEU A 1189 5.45 49.61 -45.52
N ARG A 1190 5.08 48.52 -46.19
CA ARG A 1190 5.97 47.84 -47.12
C ARG A 1190 7.25 47.37 -46.43
N THR A 1191 7.18 47.16 -45.12
CA THR A 1191 8.32 46.67 -44.35
C THR A 1191 7.81 45.77 -43.24
N GLU A 1192 8.70 45.36 -42.36
CA GLU A 1192 8.36 44.45 -41.28
C GLU A 1192 8.05 45.21 -40.00
N ILE A 1193 7.29 44.57 -39.12
CA ILE A 1193 6.94 45.10 -37.82
C ILE A 1193 7.47 44.15 -36.76
N HIS A 1194 8.34 44.64 -35.89
CA HIS A 1194 8.85 43.83 -34.80
C HIS A 1194 8.95 44.60 -33.48
N GLU A 1195 8.34 45.77 -33.38
CA GLU A 1195 8.34 46.57 -32.17
C GLU A 1195 6.91 46.70 -31.65
N GLN A 1196 6.76 47.42 -30.54
CA GLN A 1196 5.47 47.56 -29.87
C GLN A 1196 4.62 48.67 -30.48
N GLY A 1197 5.22 49.84 -30.70
CA GLY A 1197 4.46 51.03 -31.05
C GLY A 1197 4.11 51.22 -32.51
N VAL A 1198 4.50 50.31 -33.40
CA VAL A 1198 4.26 50.51 -34.82
C VAL A 1198 2.77 50.36 -35.13
N VAL A 1199 2.14 49.32 -34.59
CA VAL A 1199 0.73 49.04 -34.84
C VAL A 1199 -0.09 49.80 -33.79
N THR A 1200 -0.87 50.77 -34.23
CA THR A 1200 -1.63 51.64 -33.34
C THR A 1200 -2.97 51.96 -33.98
N PRO A 1201 -3.84 52.70 -33.31
CA PRO A 1201 -5.08 53.14 -33.97
C PRO A 1201 -4.84 53.99 -35.20
N SER A 1202 -3.67 54.62 -35.31
CA SER A 1202 -3.36 55.37 -36.53
C SER A 1202 -2.99 54.43 -37.67
N TYR A 1203 -2.30 53.33 -37.37
CA TYR A 1203 -1.99 52.33 -38.39
C TYR A 1203 -3.26 51.71 -38.95
N VAL A 1204 -4.16 51.30 -38.06
CA VAL A 1204 -5.36 50.60 -38.50
C VAL A 1204 -6.26 51.52 -39.31
N ALA A 1205 -6.18 52.83 -39.08
CA ALA A 1205 -7.01 53.77 -39.84
C ALA A 1205 -6.47 53.93 -41.25
N GLN A 1206 -5.16 54.05 -41.40
CA GLN A 1206 -4.57 54.19 -42.73
C GLN A 1206 -4.72 52.91 -43.54
N HIS A 1207 -4.68 51.76 -42.88
CA HIS A 1207 -4.70 50.48 -43.59
C HIS A 1207 -5.94 50.34 -44.46
N CYS A 1208 -7.10 50.74 -43.93
CA CYS A 1208 -8.36 50.58 -44.65
C CYS A 1208 -8.53 51.59 -45.78
N ARG A 1209 -7.65 52.59 -45.88
CA ARG A 1209 -7.78 53.64 -46.89
C ARG A 1209 -6.69 53.63 -47.95
N HIS A 1210 -5.47 53.22 -47.59
CA HIS A 1210 -4.36 53.27 -48.52
C HIS A 1210 -4.26 51.95 -49.28
N THR A 1211 -3.22 51.82 -50.10
CA THR A 1211 -3.11 50.70 -51.02
C THR A 1211 -2.45 49.51 -50.37
N VAL A 1212 -2.87 48.32 -50.78
CA VAL A 1212 -2.30 47.07 -50.31
C VAL A 1212 -1.16 46.70 -51.25
N ASP A 1213 0.07 46.91 -50.80
CA ASP A 1213 1.26 46.57 -51.57
C ASP A 1213 1.81 45.22 -51.11
N MET A 1214 1.04 44.18 -51.40
CA MET A 1214 1.46 42.83 -51.03
C MET A 1214 2.76 42.46 -51.72
N ALA A 1215 2.90 42.82 -52.99
CA ALA A 1215 4.11 42.47 -53.74
C ALA A 1215 5.35 43.08 -53.09
N GLN A 1216 5.27 44.36 -52.72
CA GLN A 1216 6.42 45.01 -52.12
C GLN A 1216 6.74 44.43 -50.75
N ALA A 1217 5.72 44.11 -49.96
CA ALA A 1217 5.97 43.49 -48.66
C ALA A 1217 6.68 42.16 -48.81
N LEU A 1218 6.19 41.32 -49.73
CA LEU A 1218 6.84 40.03 -49.95
C LEU A 1218 8.26 40.21 -50.47
N ARG A 1219 8.46 41.15 -51.40
CA ARG A 1219 9.80 41.38 -51.93
C ARG A 1219 10.75 41.82 -50.83
N SER A 1220 10.33 42.77 -50.00
CA SER A 1220 11.20 43.26 -48.94
C SER A 1220 11.50 42.15 -47.93
N ALA A 1221 10.51 41.31 -47.63
CA ALA A 1221 10.77 40.18 -46.74
C ALA A 1221 11.80 39.23 -47.35
N ARG A 1222 11.71 39.01 -48.66
CA ARG A 1222 12.68 38.14 -49.32
C ARG A 1222 14.08 38.73 -49.28
N GLU A 1223 14.22 40.03 -49.57
CA GLU A 1223 15.55 40.63 -49.59
C GLU A 1223 16.20 40.58 -48.22
N LYS A 1224 15.44 40.84 -47.16
CA LYS A 1224 15.99 40.83 -45.82
C LYS A 1224 16.35 39.44 -45.32
N GLY A 1225 16.17 38.41 -46.15
CA GLY A 1225 16.48 37.05 -45.73
C GLY A 1225 15.48 36.44 -44.78
N LEU A 1226 14.33 37.07 -44.57
CA LEU A 1226 13.37 36.58 -43.60
C LEU A 1226 12.59 35.38 -44.15
N ILE A 1227 12.32 35.36 -45.45
CA ILE A 1227 11.70 34.21 -46.09
C ILE A 1227 12.53 33.83 -47.31
N ASP A 1228 12.87 32.55 -47.42
CA ASP A 1228 13.58 32.01 -48.56
C ASP A 1228 12.59 31.31 -49.47
N ASP A 1229 13.09 30.64 -50.51
CA ASP A 1229 12.23 29.86 -51.38
C ASP A 1229 11.83 28.53 -50.76
N LYS A 1230 12.62 27.99 -49.85
CA LYS A 1230 12.27 26.74 -49.16
C LYS A 1230 11.53 27.00 -47.85
N THR A 1231 10.45 27.78 -47.91
CA THR A 1231 9.59 28.01 -46.76
C THR A 1231 8.17 27.60 -47.12
N LEU A 1232 7.43 27.10 -46.14
CA LEU A 1232 6.07 26.65 -46.36
C LEU A 1232 5.11 27.81 -46.14
N VAL A 1233 4.40 28.20 -47.19
CA VAL A 1233 3.39 29.24 -47.12
C VAL A 1233 2.04 28.54 -46.94
N ILE A 1234 1.54 28.51 -45.72
CA ILE A 1234 0.25 27.93 -45.41
C ILE A 1234 -0.80 29.02 -45.57
N GLU A 1235 -1.74 28.82 -46.48
CA GLU A 1235 -2.73 29.83 -46.84
C GLU A 1235 -4.01 29.56 -46.08
N LEU A 1236 -4.27 30.38 -45.06
CA LEU A 1236 -5.47 30.26 -44.25
C LEU A 1236 -6.53 31.21 -44.81
N GLY A 1237 -7.68 30.65 -45.15
CA GLY A 1237 -8.76 31.44 -45.70
C GLY A 1237 -9.74 30.57 -46.47
N PRO A 1238 -10.85 31.17 -46.90
CA PRO A 1238 -11.87 30.37 -47.61
C PRO A 1238 -11.45 29.95 -49.01
N LYS A 1239 -10.42 30.54 -49.57
CA LYS A 1239 -10.08 30.29 -50.96
C LYS A 1239 -8.66 30.78 -51.24
N PRO A 1240 -7.79 29.97 -51.85
CA PRO A 1240 -6.41 30.42 -52.03
C PRO A 1240 -6.28 31.49 -53.11
N LEU A 1241 -6.07 32.73 -52.67
CA LEU A 1241 -5.83 33.85 -53.58
C LEU A 1241 -4.45 34.45 -53.43
N ILE A 1242 -3.88 34.45 -52.23
CA ILE A 1242 -2.50 34.90 -52.04
C ILE A 1242 -1.50 33.88 -52.55
N SER A 1243 -1.92 32.65 -52.80
CA SER A 1243 -1.03 31.67 -53.41
C SER A 1243 -0.58 32.13 -54.79
N GLY A 1244 -1.52 32.61 -55.60
CA GLY A 1244 -1.15 33.16 -56.88
C GLY A 1244 -0.26 34.39 -56.75
N MET A 1245 -0.54 35.23 -55.77
CA MET A 1245 0.29 36.41 -55.54
C MET A 1245 1.73 36.00 -55.24
N VAL A 1246 1.90 35.02 -54.34
CA VAL A 1246 3.24 34.57 -53.98
C VAL A 1246 3.93 33.95 -55.17
N LYS A 1247 3.21 33.13 -55.94
CA LYS A 1247 3.81 32.50 -57.11
C LYS A 1247 4.27 33.53 -58.12
N MET A 1248 3.46 34.56 -58.35
CA MET A 1248 3.80 35.56 -59.36
C MET A 1248 4.90 36.51 -58.87
N THR A 1249 4.99 36.73 -57.56
CA THR A 1249 5.96 37.68 -57.04
C THR A 1249 7.33 37.04 -56.79
N LEU A 1250 7.37 35.88 -56.15
CA LEU A 1250 8.61 35.26 -55.71
C LEU A 1250 9.11 34.20 -56.69
N GLY A 1251 8.27 33.26 -57.08
CA GLY A 1251 8.66 32.25 -58.04
C GLY A 1251 7.90 30.96 -57.81
N ASP A 1252 8.26 29.96 -58.62
CA ASP A 1252 7.65 28.64 -58.55
C ASP A 1252 8.35 27.71 -57.58
N LYS A 1253 9.46 28.14 -56.99
CA LYS A 1253 10.22 27.30 -56.08
C LYS A 1253 9.68 27.34 -54.65
N ILE A 1254 8.64 28.10 -54.38
CA ILE A 1254 8.08 28.25 -53.05
C ILE A 1254 6.78 27.47 -52.97
N SER A 1255 6.63 26.69 -51.91
CA SER A 1255 5.50 25.78 -51.75
C SER A 1255 4.38 26.50 -51.01
N THR A 1256 3.21 26.60 -51.65
CA THR A 1256 2.03 27.19 -51.06
C THR A 1256 1.00 26.10 -50.81
N LEU A 1257 0.47 26.06 -49.59
CA LEU A 1257 -0.43 24.99 -49.16
C LEU A 1257 -1.80 25.55 -48.79
N PRO A 1258 -2.80 25.42 -49.66
CA PRO A 1258 -4.13 25.89 -49.29
C PRO A 1258 -4.76 25.05 -48.19
N THR A 1259 -5.81 25.59 -47.60
CA THR A 1259 -6.56 24.92 -46.55
C THR A 1259 -7.96 24.51 -47.00
N LEU A 1260 -8.75 25.46 -47.48
CA LEU A 1260 -10.12 25.21 -47.93
C LEU A 1260 -10.25 25.55 -49.41
N ALA A 1261 -11.32 25.04 -50.01
CA ALA A 1261 -11.66 25.34 -51.40
C ALA A 1261 -13.15 25.10 -51.58
N PRO A 1262 -13.79 25.77 -52.55
CA PRO A 1262 -15.25 25.69 -52.66
C PRO A 1262 -15.80 24.27 -52.79
N ASN A 1263 -15.37 23.52 -53.79
CA ASN A 1263 -15.89 22.18 -54.06
C ASN A 1263 -14.73 21.21 -54.01
N LYS A 1264 -14.41 20.72 -52.82
CA LYS A 1264 -13.28 19.84 -52.62
C LYS A 1264 -13.43 19.15 -51.27
N ALA A 1265 -12.60 18.14 -51.05
CA ALA A 1265 -12.51 17.48 -49.75
C ALA A 1265 -11.33 18.06 -48.98
N ILE A 1266 -11.53 18.25 -47.67
CA ILE A 1266 -10.48 18.86 -46.87
C ILE A 1266 -9.30 17.92 -46.69
N TRP A 1267 -9.55 16.62 -46.63
CA TRP A 1267 -8.51 15.69 -46.19
C TRP A 1267 -7.26 15.74 -47.06
N PRO A 1268 -7.34 15.76 -48.39
CA PRO A 1268 -6.10 15.92 -49.16
C PRO A 1268 -5.30 17.15 -48.77
N SER A 1269 -5.95 18.30 -48.62
CA SER A 1269 -5.24 19.54 -48.31
C SER A 1269 -4.68 19.53 -46.90
N LEU A 1270 -5.50 19.17 -45.92
CA LEU A 1270 -5.04 19.12 -44.55
C LEU A 1270 -3.89 18.15 -44.40
N GLN A 1271 -4.01 16.98 -45.01
CA GLN A 1271 -2.95 15.98 -44.92
C GLN A 1271 -1.69 16.41 -45.65
N LYS A 1272 -1.83 17.16 -46.75
CA LYS A 1272 -0.64 17.71 -47.40
C LYS A 1272 0.07 18.71 -46.50
N ILE A 1273 -0.70 19.56 -45.81
CA ILE A 1273 -0.08 20.50 -44.87
C ILE A 1273 0.68 19.72 -43.79
N LEU A 1274 0.01 18.75 -43.18
CA LEU A 1274 0.63 18.00 -42.09
C LEU A 1274 1.86 17.25 -42.57
N THR A 1275 1.78 16.65 -43.76
CA THR A 1275 2.90 15.89 -44.30
C THR A 1275 4.09 16.81 -44.60
N SER A 1276 3.83 17.98 -45.18
CA SER A 1276 4.93 18.90 -45.48
C SER A 1276 5.60 19.39 -44.21
N VAL A 1277 4.80 19.77 -43.21
CA VAL A 1277 5.39 20.23 -41.96
C VAL A 1277 6.18 19.10 -41.29
N TYR A 1278 5.62 17.89 -41.29
CA TYR A 1278 6.26 16.75 -40.66
C TYR A 1278 7.57 16.38 -41.35
N THR A 1279 7.59 16.42 -42.68
CA THR A 1279 8.81 16.07 -43.40
C THR A 1279 9.84 17.19 -43.33
N GLY A 1280 9.41 18.43 -43.12
CA GLY A 1280 10.36 19.51 -42.92
C GLY A 1280 11.23 19.30 -41.70
N GLY A 1281 10.70 18.67 -40.66
CA GLY A 1281 11.46 18.38 -39.47
C GLY A 1281 10.75 18.78 -38.20
N TRP A 1282 9.58 19.40 -38.33
CA TRP A 1282 8.84 19.88 -37.17
C TRP A 1282 8.01 18.77 -36.56
N ASP A 1283 7.61 18.97 -35.31
CA ASP A 1283 6.85 17.99 -34.56
C ASP A 1283 5.37 18.31 -34.63
N ILE A 1284 4.57 17.31 -34.95
CA ILE A 1284 3.12 17.42 -35.05
C ILE A 1284 2.51 16.83 -33.79
N ASN A 1285 1.42 17.44 -33.32
CA ASN A 1285 0.62 16.85 -32.25
C ASN A 1285 -0.32 15.83 -32.88
N TRP A 1286 0.26 14.69 -33.25
CA TRP A 1286 -0.48 13.67 -33.96
C TRP A 1286 -1.67 13.16 -33.15
N LYS A 1287 -1.60 13.26 -31.82
CA LYS A 1287 -2.73 12.84 -31.01
C LYS A 1287 -3.95 13.73 -31.22
N LYS A 1288 -3.74 15.00 -31.52
CA LYS A 1288 -4.86 15.89 -31.81
C LYS A 1288 -5.42 15.66 -33.20
N TYR A 1289 -4.61 15.17 -34.13
CA TYR A 1289 -5.09 14.89 -35.48
C TYR A 1289 -5.95 13.64 -35.53
N HIS A 1290 -5.68 12.67 -34.65
CA HIS A 1290 -6.46 11.44 -34.56
C HIS A 1290 -7.54 11.50 -33.50
N ALA A 1291 -7.58 12.56 -32.69
CA ALA A 1291 -8.42 12.55 -31.49
C ALA A 1291 -9.89 12.30 -31.79
N PRO A 1292 -10.52 12.96 -32.76
CA PRO A 1292 -11.97 12.83 -32.93
C PRO A 1292 -12.44 11.55 -33.62
N PHE A 1293 -11.57 10.55 -33.78
CA PHE A 1293 -11.93 9.30 -34.46
C PHE A 1293 -11.53 8.16 -33.54
N ALA A 1294 -12.46 7.73 -32.68
CA ALA A 1294 -12.16 6.71 -31.69
C ALA A 1294 -12.02 5.33 -32.28
N SER A 1295 -12.57 5.09 -33.47
CA SER A 1295 -12.49 3.76 -34.07
C SER A 1295 -11.05 3.38 -34.36
N SER A 1296 -10.24 4.33 -34.81
CA SER A 1296 -8.88 4.06 -35.25
C SER A 1296 -7.87 4.07 -34.11
N GLN A 1297 -8.31 4.28 -32.87
CA GLN A 1297 -7.40 4.43 -31.74
C GLN A 1297 -7.09 3.08 -31.11
N LYS A 1298 -6.44 2.22 -31.90
CA LYS A 1298 -6.02 0.90 -31.47
C LYS A 1298 -4.62 0.63 -32.00
N VAL A 1299 -3.78 0.02 -31.18
CA VAL A 1299 -2.40 -0.21 -31.54
C VAL A 1299 -2.31 -1.47 -32.39
N VAL A 1300 -1.72 -1.34 -33.56
CA VAL A 1300 -1.47 -2.46 -34.45
C VAL A 1300 -0.06 -2.98 -34.19
N ASP A 1301 0.12 -4.29 -34.27
CA ASP A 1301 1.40 -4.92 -34.02
C ASP A 1301 2.23 -4.90 -35.30
N LEU A 1302 3.07 -3.88 -35.45
CA LEU A 1302 3.94 -3.74 -36.60
C LEU A 1302 5.31 -4.34 -36.30
N PRO A 1303 6.15 -4.49 -37.31
CA PRO A 1303 7.51 -5.01 -37.07
C PRO A 1303 8.24 -4.17 -36.04
N SER A 1304 9.38 -4.70 -35.59
CA SER A 1304 10.20 -4.01 -34.60
C SER A 1304 11.17 -3.09 -35.29
N TYR A 1305 11.86 -2.27 -34.49
CA TYR A 1305 12.74 -1.24 -35.04
C TYR A 1305 13.84 -1.88 -35.87
N GLY A 1306 14.18 -1.22 -36.97
CA GLY A 1306 15.24 -1.68 -37.83
C GLY A 1306 16.61 -1.27 -37.32
N TRP A 1307 17.08 -1.96 -36.28
CA TRP A 1307 18.33 -1.60 -35.63
C TRP A 1307 19.47 -1.62 -36.65
N ASP A 1308 20.35 -0.63 -36.55
CA ASP A 1308 21.55 -0.57 -37.37
C ASP A 1308 22.66 -1.33 -36.63
N LEU A 1309 22.62 -2.65 -36.77
CA LEU A 1309 23.42 -3.53 -35.94
C LEU A 1309 24.84 -3.65 -36.45
N LYS A 1310 25.79 -3.68 -35.52
CA LYS A 1310 27.19 -3.93 -35.82
C LYS A 1310 27.76 -4.82 -34.74
N ASP A 1311 28.83 -5.56 -35.07
CA ASP A 1311 29.43 -6.53 -34.17
C ASP A 1311 30.51 -5.84 -33.35
N TYR A 1312 30.15 -5.42 -32.13
CA TYR A 1312 31.11 -4.84 -31.20
C TYR A 1312 31.67 -5.89 -30.23
N TYR A 1313 32.18 -6.99 -30.78
CA TYR A 1313 32.78 -8.04 -29.97
C TYR A 1313 34.23 -7.70 -29.68
N ILE A 1314 34.60 -7.74 -28.41
CA ILE A 1314 35.98 -7.46 -27.98
C ILE A 1314 36.77 -8.76 -28.05
N PRO A 1315 37.94 -8.79 -28.70
CA PRO A 1315 38.69 -10.05 -28.80
C PRO A 1315 39.24 -10.51 -27.45
N GLN B 64 -39.97 23.51 14.13
CA GLN B 64 -38.85 22.77 14.77
C GLN B 64 -37.51 23.31 14.30
N SER B 65 -36.45 22.96 15.03
CA SER B 65 -35.11 23.42 14.68
C SER B 65 -34.68 22.88 13.33
N ARG B 66 -33.81 23.63 12.66
CA ARG B 66 -33.22 23.20 11.41
C ARG B 66 -31.73 23.49 11.44
N GLN B 67 -31.03 22.99 10.43
CA GLN B 67 -29.62 23.25 10.24
C GLN B 67 -29.41 23.90 8.89
N LEU B 68 -28.52 24.88 8.84
CA LEU B 68 -28.13 25.56 7.62
C LEU B 68 -26.68 25.21 7.32
N PHE B 69 -26.43 24.67 6.14
CA PHE B 69 -25.07 24.42 5.67
C PHE B 69 -24.72 25.50 4.66
N LEU B 70 -23.62 26.19 4.91
CA LEU B 70 -23.17 27.30 4.08
C LEU B 70 -21.84 26.95 3.43
N PHE B 71 -21.72 27.27 2.15
CA PHE B 71 -20.49 27.05 1.41
C PHE B 71 -20.07 28.37 0.78
N GLY B 72 -18.78 28.70 0.89
CA GLY B 72 -18.26 29.97 0.45
C GLY B 72 -17.64 29.91 -0.93
N ASP B 73 -17.13 31.06 -1.37
CA ASP B 73 -16.61 31.25 -2.70
C ASP B 73 -15.08 31.18 -2.68
N GLN B 74 -14.45 31.50 -3.83
CA GLN B 74 -13.01 31.34 -3.97
C GLN B 74 -12.22 32.33 -3.13
N THR B 75 -12.85 33.37 -2.58
CA THR B 75 -12.11 34.37 -1.83
C THR B 75 -11.54 33.82 -0.53
N ALA B 76 -12.00 32.66 -0.09
CA ALA B 76 -11.58 32.11 1.19
C ALA B 76 -10.13 31.67 1.17
N ASP B 77 -9.56 31.54 2.36
CA ASP B 77 -8.20 31.01 2.54
C ASP B 77 -8.33 29.51 2.83
N PHE B 78 -8.01 28.69 1.84
CA PHE B 78 -8.26 27.26 1.91
C PHE B 78 -6.99 26.42 2.10
N VAL B 79 -5.81 26.97 1.87
CA VAL B 79 -4.60 26.16 1.96
C VAL B 79 -4.38 25.59 3.36
N PRO B 80 -4.50 26.38 4.44
CA PRO B 80 -4.35 25.76 5.77
C PRO B 80 -5.38 24.68 6.06
N LYS B 81 -6.65 24.94 5.76
CA LYS B 81 -7.69 23.95 6.00
C LYS B 81 -7.47 22.70 5.17
N LEU B 82 -7.06 22.87 3.91
CA LEU B 82 -6.78 21.71 3.06
C LEU B 82 -5.60 20.93 3.60
N ARG B 83 -4.58 21.61 4.09
CA ARG B 83 -3.45 20.93 4.71
C ARG B 83 -3.89 20.15 5.94
N SER B 84 -4.89 20.66 6.67
CA SER B 84 -5.45 19.89 7.78
C SER B 84 -6.07 18.59 7.32
N LEU B 85 -6.82 18.63 6.21
CA LEU B 85 -7.52 17.44 5.73
C LEU B 85 -6.52 16.35 5.32
N LEU B 86 -5.41 16.73 4.71
CA LEU B 86 -4.46 15.75 4.22
C LEU B 86 -3.75 15.02 5.35
N SER B 87 -3.91 15.45 6.60
CA SER B 87 -3.24 14.84 7.74
C SER B 87 -4.16 13.99 8.60
N VAL B 88 -5.46 13.95 8.30
CA VAL B 88 -6.38 13.12 9.08
C VAL B 88 -6.04 11.65 8.86
N GLN B 89 -6.36 10.81 9.84
CA GLN B 89 -5.80 9.46 9.88
C GLN B 89 -6.81 8.32 9.98
N ASP B 90 -7.95 8.54 10.63
CA ASP B 90 -8.90 7.47 10.88
C ASP B 90 -10.23 7.73 10.19
N SER B 91 -10.17 8.21 8.95
CA SER B 91 -11.36 8.50 8.16
C SER B 91 -11.21 7.82 6.80
N PRO B 92 -11.88 6.68 6.56
CA PRO B 92 -11.72 6.02 5.27
C PRO B 92 -12.36 6.76 4.11
N ILE B 93 -13.56 7.31 4.30
CA ILE B 93 -14.26 7.97 3.20
C ILE B 93 -13.53 9.24 2.80
N LEU B 94 -12.96 9.97 3.77
CA LEU B 94 -12.21 11.18 3.43
C LEU B 94 -10.96 10.85 2.61
N ALA B 95 -10.22 9.82 3.00
CA ALA B 95 -9.04 9.42 2.23
C ALA B 95 -9.45 9.00 0.82
N ALA B 96 -10.53 8.22 0.70
CA ALA B 96 -11.00 7.83 -0.62
C ALA B 96 -11.40 9.05 -1.45
N PHE B 97 -12.08 10.02 -0.83
CA PHE B 97 -12.51 11.21 -1.53
C PHE B 97 -11.32 11.97 -2.09
N LEU B 98 -10.30 12.18 -1.27
CA LEU B 98 -9.12 12.91 -1.73
C LEU B 98 -8.44 12.18 -2.87
N ASP B 99 -8.25 10.86 -2.73
CA ASP B 99 -7.60 10.08 -3.77
C ASP B 99 -8.36 10.17 -5.09
N GLN B 100 -9.67 9.95 -5.05
CA GLN B 100 -10.45 9.89 -6.27
C GLN B 100 -10.59 11.26 -6.92
N SER B 101 -10.72 12.32 -6.11
CA SER B 101 -10.77 13.66 -6.67
C SER B 101 -9.48 13.99 -7.40
N HIS B 102 -8.34 13.67 -6.80
CA HIS B 102 -7.10 13.92 -7.53
C HIS B 102 -7.05 13.11 -8.81
N TYR B 103 -7.50 11.86 -8.77
CA TYR B 103 -7.44 11.03 -9.97
C TYR B 103 -8.26 11.64 -11.10
N VAL B 104 -9.47 12.07 -10.80
CA VAL B 104 -10.35 12.60 -11.84
C VAL B 104 -9.78 13.91 -12.39
N VAL B 105 -9.26 14.78 -11.53
CA VAL B 105 -8.71 16.05 -12.02
C VAL B 105 -7.44 15.80 -12.83
N ARG B 106 -6.63 14.83 -12.41
CA ARG B 106 -5.43 14.49 -13.18
C ARG B 106 -5.80 14.01 -14.57
N ALA B 107 -6.84 13.19 -14.68
CA ALA B 107 -7.31 12.78 -16.01
C ALA B 107 -7.76 13.98 -16.82
N GLN B 108 -8.54 14.87 -16.21
CA GLN B 108 -9.15 15.96 -16.96
C GLN B 108 -8.13 17.00 -17.41
N MET B 109 -7.07 17.22 -16.64
CA MET B 109 -6.17 18.33 -16.93
C MET B 109 -5.22 18.05 -18.09
N LEU B 110 -5.13 16.81 -18.56
CA LEU B 110 -4.32 16.54 -19.75
C LEU B 110 -5.06 16.97 -21.02
N GLN B 111 -6.38 16.80 -21.03
CA GLN B 111 -7.17 17.13 -22.22
C GLN B 111 -7.22 18.63 -22.46
N SER B 112 -7.32 19.42 -21.40
CA SER B 112 -7.66 20.84 -21.50
C SER B 112 -6.47 21.75 -21.22
N MET B 113 -5.24 21.24 -21.31
CA MET B 113 -4.05 22.02 -21.06
C MET B 113 -3.07 21.81 -22.20
N ASN B 114 -2.31 22.85 -22.52
CA ASN B 114 -1.30 22.71 -23.56
C ASN B 114 -0.04 22.07 -22.99
N THR B 115 0.85 21.63 -23.88
CA THR B 115 1.97 20.80 -23.46
C THR B 115 2.88 21.53 -22.49
N VAL B 116 3.15 22.82 -22.74
CA VAL B 116 4.06 23.56 -21.88
C VAL B 116 3.43 23.82 -20.52
N ASP B 117 2.15 24.16 -20.49
CA ASP B 117 1.50 24.48 -19.22
C ASP B 117 1.22 23.24 -18.40
N HIS B 118 1.06 22.08 -19.06
CA HIS B 118 0.79 20.84 -18.33
C HIS B 118 2.05 20.34 -17.62
N LYS B 119 3.22 20.49 -18.26
CA LYS B 119 4.45 19.98 -17.65
C LYS B 119 4.77 20.71 -16.36
N LEU B 120 4.47 22.01 -16.29
CA LEU B 120 4.74 22.75 -15.07
C LEU B 120 3.81 22.34 -13.94
N ALA B 121 2.58 21.93 -14.24
CA ALA B 121 1.57 21.66 -13.24
C ALA B 121 1.35 20.18 -12.98
N ARG B 122 2.12 19.29 -13.59
CA ARG B 122 1.85 17.86 -13.46
C ARG B 122 2.15 17.39 -12.04
N THR B 123 1.20 16.67 -11.44
CA THR B 123 1.33 16.20 -10.08
C THR B 123 0.88 14.74 -9.99
N ALA B 124 1.51 14.00 -9.09
CA ALA B 124 1.18 12.60 -8.86
C ALA B 124 0.24 12.38 -7.69
N ASP B 125 0.07 13.37 -6.81
CA ASP B 125 -0.73 13.23 -5.60
C ASP B 125 -1.31 14.58 -5.24
N LEU B 126 -2.31 14.56 -4.37
CA LEU B 126 -2.97 15.80 -3.97
C LEU B 126 -2.08 16.69 -3.13
N ARG B 127 -1.18 16.11 -2.34
CA ARG B 127 -0.26 16.92 -1.56
C ARG B 127 0.68 17.71 -2.46
N GLN B 128 1.17 17.08 -3.53
CA GLN B 128 1.99 17.82 -4.49
C GLN B 128 1.17 18.88 -5.22
N MET B 129 -0.11 18.63 -5.49
CA MET B 129 -0.94 19.65 -6.09
C MET B 129 -1.07 20.86 -5.17
N VAL B 130 -1.31 20.63 -3.89
CA VAL B 130 -1.43 21.72 -2.94
C VAL B 130 -0.11 22.45 -2.80
N GLN B 131 1.02 21.74 -2.89
CA GLN B 131 2.32 22.41 -2.88
C GLN B 131 2.48 23.31 -4.09
N LYS B 132 2.23 22.78 -5.29
CA LYS B 132 2.45 23.53 -6.50
C LYS B 132 1.49 24.71 -6.64
N TYR B 133 0.32 24.65 -6.00
CA TYR B 133 -0.58 25.80 -6.04
C TYR B 133 0.05 27.00 -5.34
N VAL B 134 0.62 26.80 -4.15
CA VAL B 134 1.21 27.92 -3.41
C VAL B 134 2.49 28.42 -4.02
N ASP B 135 3.09 27.67 -4.95
CA ASP B 135 4.30 28.09 -5.64
C ASP B 135 4.01 28.81 -6.95
N GLY B 136 2.74 29.02 -7.29
CA GLY B 136 2.41 29.65 -8.55
C GLY B 136 2.75 28.83 -9.77
N LYS B 137 2.62 27.51 -9.69
CA LYS B 137 2.88 26.62 -10.81
C LYS B 137 1.60 26.08 -11.42
N LEU B 138 0.44 26.47 -10.92
CA LEU B 138 -0.86 26.09 -11.45
C LEU B 138 -1.49 27.32 -12.09
N THR B 139 -2.73 27.19 -12.53
CA THR B 139 -3.49 28.27 -13.11
C THR B 139 -4.69 28.61 -12.23
N PRO B 140 -5.35 29.74 -12.51
CA PRO B 140 -6.55 30.08 -11.71
C PRO B 140 -7.66 29.06 -11.79
N ALA B 141 -7.66 28.19 -12.80
CA ALA B 141 -8.69 27.16 -12.90
C ALA B 141 -8.59 26.16 -11.75
N PHE B 142 -7.37 25.90 -11.26
CA PHE B 142 -7.19 24.98 -10.16
C PHE B 142 -7.74 25.53 -8.84
N ARG B 143 -7.83 26.85 -8.71
CA ARG B 143 -8.33 27.42 -7.46
C ARG B 143 -9.80 27.05 -7.24
N THR B 144 -10.62 27.12 -8.28
CA THR B 144 -12.02 26.72 -8.16
C THR B 144 -12.13 25.26 -7.71
N ALA B 145 -11.39 24.38 -8.39
CA ALA B 145 -11.43 22.96 -8.06
C ALA B 145 -10.99 22.72 -6.63
N LEU B 146 -9.90 23.36 -6.20
CA LEU B 146 -9.37 23.11 -4.87
C LEU B 146 -10.27 23.68 -3.79
N VAL B 147 -10.94 24.81 -4.05
CA VAL B 147 -11.85 25.35 -3.05
C VAL B 147 -13.08 24.46 -2.89
N CYS B 148 -13.65 23.98 -4.01
CA CYS B 148 -14.76 23.04 -3.91
C CYS B 148 -14.32 21.76 -3.19
N LEU B 149 -13.13 21.28 -3.52
CA LEU B 149 -12.61 20.07 -2.88
C LEU B 149 -12.42 20.27 -1.39
N CYS B 150 -11.92 21.44 -0.98
CA CYS B 150 -11.75 21.73 0.44
C CYS B 150 -13.09 21.78 1.15
N GLN B 151 -14.10 22.41 0.54
CA GLN B 151 -15.41 22.48 1.19
C GLN B 151 -16.01 21.10 1.36
N LEU B 152 -15.95 20.27 0.32
CA LEU B 152 -16.52 18.94 0.40
C LEU B 152 -15.76 18.07 1.39
N GLY B 153 -14.43 18.18 1.41
CA GLY B 153 -13.64 17.44 2.38
C GLY B 153 -13.90 17.88 3.81
N CYS B 154 -14.12 19.17 4.02
CA CYS B 154 -14.45 19.66 5.36
C CYS B 154 -15.79 19.10 5.82
N PHE B 155 -16.79 19.10 4.95
CA PHE B 155 -18.07 18.49 5.29
C PHE B 155 -17.88 17.02 5.61
N ILE B 156 -17.13 16.31 4.77
CA ILE B 156 -16.94 14.88 4.95
C ILE B 156 -16.28 14.59 6.29
N ARG B 157 -15.24 15.34 6.63
CA ARG B 157 -14.56 15.14 7.91
C ARG B 157 -15.47 15.46 9.08
N GLU B 158 -16.21 16.56 9.00
CA GLU B 158 -17.08 16.93 10.10
C GLU B 158 -18.09 15.83 10.39
N TYR B 159 -18.63 15.19 9.36
CA TYR B 159 -19.63 14.16 9.60
C TYR B 159 -19.05 12.76 9.72
N GLU B 160 -17.78 12.57 9.39
CA GLU B 160 -17.13 11.28 9.56
C GLU B 160 -16.42 11.16 10.89
N GLU B 161 -16.19 12.27 11.59
CA GLU B 161 -15.53 12.25 12.87
C GLU B 161 -16.49 12.34 14.05
N SER B 162 -17.62 13.00 13.88
CA SER B 162 -18.60 13.09 14.95
C SER B 162 -19.54 11.90 14.99
N GLY B 163 -19.64 11.15 13.90
CA GLY B 163 -20.56 10.03 13.85
C GLY B 163 -22.02 10.42 13.83
N ASN B 164 -22.32 11.68 13.50
CA ASN B 164 -23.69 12.16 13.52
C ASN B 164 -24.50 11.53 12.39
N MET B 165 -25.81 11.54 12.57
CA MET B 165 -26.71 11.14 11.50
C MET B 165 -26.60 12.11 10.33
N TYR B 166 -26.54 11.55 9.12
CA TYR B 166 -26.37 12.36 7.93
C TYR B 166 -27.55 13.34 7.79
N PRO B 167 -27.31 14.53 7.24
CA PRO B 167 -28.40 15.50 7.10
C PRO B 167 -29.56 14.95 6.29
N GLN B 168 -30.77 15.31 6.67
CA GLN B 168 -31.99 14.74 6.13
C GLN B 168 -32.89 15.82 5.53
N PRO B 169 -33.76 15.45 4.60
CA PRO B 169 -34.56 16.47 3.91
C PRO B 169 -35.43 17.31 4.83
N SER B 170 -35.96 16.73 5.90
CA SER B 170 -36.97 17.39 6.71
C SER B 170 -36.39 18.26 7.81
N ASP B 171 -35.07 18.28 7.99
CA ASP B 171 -34.47 19.02 9.08
C ASP B 171 -33.20 19.74 8.66
N SER B 172 -33.09 20.11 7.38
CA SER B 172 -31.84 20.66 6.88
C SER B 172 -32.11 21.56 5.68
N TYR B 173 -31.20 22.51 5.48
CA TYR B 173 -31.18 23.38 4.31
C TYR B 173 -29.74 23.53 3.86
N VAL B 174 -29.55 23.87 2.60
CA VAL B 174 -28.23 24.00 2.02
C VAL B 174 -28.17 25.29 1.21
N LEU B 175 -27.08 26.03 1.34
CA LEU B 175 -26.91 27.31 0.65
C LEU B 175 -25.44 27.48 0.29
N GLY B 176 -25.20 27.99 -0.91
CA GLY B 176 -23.84 28.22 -1.37
C GLY B 176 -23.76 29.55 -2.08
N PHE B 177 -22.57 30.16 -2.02
CA PHE B 177 -22.33 31.49 -2.55
C PHE B 177 -21.27 31.43 -3.65
N CYS B 178 -21.58 31.99 -4.81
CA CYS B 178 -20.60 32.33 -5.82
C CYS B 178 -19.62 31.18 -6.05
N MET B 179 -20.15 30.10 -6.61
CA MET B 179 -19.47 28.84 -6.91
C MET B 179 -19.34 27.95 -5.68
N GLY B 180 -19.73 28.41 -4.50
CA GLY B 180 -19.95 27.50 -3.40
C GLY B 180 -21.23 26.72 -3.50
N SER B 181 -21.99 26.92 -4.57
CA SER B 181 -23.24 26.20 -4.78
C SER B 181 -23.06 24.81 -5.33
N LEU B 182 -21.90 24.51 -5.93
CA LEU B 182 -21.65 23.16 -6.43
C LEU B 182 -21.61 22.15 -5.29
N ALA B 183 -20.88 22.47 -4.22
CA ALA B 183 -20.82 21.59 -3.07
C ALA B 183 -22.19 21.48 -2.41
N ALA B 184 -22.95 22.57 -2.39
CA ALA B 184 -24.29 22.50 -1.85
C ALA B 184 -25.17 21.54 -2.64
N VAL B 185 -25.08 21.58 -3.97
CA VAL B 185 -25.85 20.66 -4.80
C VAL B 185 -25.41 19.22 -4.52
N ALA B 186 -24.10 18.98 -4.46
CA ALA B 186 -23.63 17.63 -4.21
C ALA B 186 -24.12 17.10 -2.86
N VAL B 187 -24.07 17.94 -1.83
CA VAL B 187 -24.48 17.50 -0.50
C VAL B 187 -25.98 17.27 -0.44
N SER B 188 -26.75 18.10 -1.14
CA SER B 188 -28.21 17.98 -1.06
C SER B 188 -28.73 16.74 -1.78
N CYS B 189 -27.93 16.12 -2.64
CA CYS B 189 -28.37 14.99 -3.46
C CYS B 189 -27.85 13.66 -2.92
N SER B 190 -27.79 13.50 -1.60
CA SER B 190 -27.27 12.29 -0.99
C SER B 190 -28.08 11.96 0.25
N ARG B 191 -28.07 10.67 0.60
CA ARG B 191 -28.73 10.18 1.80
C ARG B 191 -27.76 9.66 2.85
N SER B 192 -26.54 9.33 2.46
CA SER B 192 -25.52 8.88 3.39
C SER B 192 -24.16 9.27 2.85
N LEU B 193 -23.14 9.17 3.70
CA LEU B 193 -21.79 9.51 3.28
C LEU B 193 -21.24 8.57 2.23
N SER B 194 -21.82 7.37 2.10
CA SER B 194 -21.36 6.44 1.08
C SER B 194 -21.88 6.82 -0.29
N GLU B 195 -23.11 7.33 -0.37
CA GLU B 195 -23.64 7.84 -1.62
C GLU B 195 -23.02 9.16 -2.03
N LEU B 196 -22.52 9.93 -1.06
CA LEU B 196 -21.96 11.25 -1.36
C LEU B 196 -20.56 11.18 -1.95
N LEU B 197 -19.84 10.06 -1.80
CA LEU B 197 -18.46 10.03 -2.28
C LEU B 197 -18.38 10.15 -3.80
N PRO B 198 -19.03 9.28 -4.59
CA PRO B 198 -18.94 9.44 -6.05
C PRO B 198 -19.51 10.77 -6.53
N ILE B 199 -20.59 11.22 -5.91
CA ILE B 199 -21.21 12.47 -6.31
C ILE B 199 -20.27 13.64 -6.08
N ALA B 200 -19.57 13.62 -4.95
CA ALA B 200 -18.61 14.69 -4.64
C ALA B 200 -17.42 14.66 -5.59
N VAL B 201 -16.94 13.47 -5.96
CA VAL B 201 -15.85 13.41 -6.93
C VAL B 201 -16.29 13.99 -8.28
N GLN B 202 -17.50 13.64 -8.71
CA GLN B 202 -18.04 14.22 -9.95
C GLN B 202 -18.17 15.74 -9.83
N THR B 203 -18.61 16.22 -8.67
CA THR B 203 -18.77 17.66 -8.48
C THR B 203 -17.43 18.38 -8.52
N VAL B 204 -16.39 17.76 -7.98
CA VAL B 204 -15.05 18.35 -8.07
C VAL B 204 -14.60 18.42 -9.51
N LEU B 205 -14.90 17.38 -10.30
CA LEU B 205 -14.59 17.44 -11.72
C LEU B 205 -15.31 18.60 -12.41
N ILE B 206 -16.59 18.76 -12.12
CA ILE B 206 -17.37 19.84 -12.75
C ILE B 206 -16.84 21.21 -12.31
N ALA B 207 -16.39 21.33 -11.06
CA ALA B 207 -15.83 22.59 -10.59
C ALA B 207 -14.50 22.89 -11.27
N PHE B 208 -13.70 21.86 -11.54
CA PHE B 208 -12.49 22.08 -12.31
C PHE B 208 -12.82 22.51 -13.74
N ARG B 209 -13.88 21.95 -14.31
CA ARG B 209 -14.28 22.34 -15.66
C ARG B 209 -14.86 23.75 -15.69
N LEU B 210 -15.52 24.17 -14.60
CA LEU B 210 -16.01 25.55 -14.53
C LEU B 210 -14.87 26.55 -14.55
N GLY B 211 -13.77 26.23 -13.86
CA GLY B 211 -12.63 27.13 -13.84
C GLY B 211 -11.95 27.26 -15.18
N LEU B 212 -11.90 26.16 -15.95
CA LEU B 212 -11.28 26.21 -17.27
C LEU B 212 -12.11 27.06 -18.23
N CYS B 213 -13.44 27.01 -18.11
CA CYS B 213 -14.29 27.82 -18.96
C CYS B 213 -14.09 29.31 -18.70
N ALA B 214 -13.91 29.70 -17.43
CA ALA B 214 -13.72 31.11 -17.10
C ALA B 214 -12.33 31.59 -17.47
N LEU B 215 -11.32 30.71 -17.37
CA LEU B 215 -9.98 31.08 -17.82
C LEU B 215 -9.97 31.35 -19.32
N GLU B 216 -10.67 30.53 -20.09
CA GLU B 216 -10.74 30.73 -21.52
C GLU B 216 -11.40 32.06 -21.86
N MET B 217 -12.46 32.42 -21.13
CA MET B 217 -13.12 33.70 -21.40
C MET B 217 -12.24 34.87 -20.97
N ARG B 218 -11.48 34.70 -19.90
CA ARG B 218 -10.52 35.73 -19.51
C ARG B 218 -9.52 35.97 -20.62
N ASP B 219 -9.01 34.91 -21.23
CA ASP B 219 -8.06 35.08 -22.32
C ASP B 219 -8.73 35.55 -23.60
N ARG B 220 -10.01 35.22 -23.80
CA ARG B 220 -10.72 35.68 -24.98
C ARG B 220 -10.99 37.17 -24.90
N VAL B 221 -11.17 37.71 -23.70
CA VAL B 221 -11.41 39.14 -23.56
C VAL B 221 -10.09 39.90 -23.50
N ASP B 222 -9.12 39.41 -22.74
CA ASP B 222 -7.81 40.07 -22.59
C ASP B 222 -6.71 39.05 -22.86
N GLY B 223 -6.34 38.88 -24.12
CA GLY B 223 -5.22 38.02 -24.44
C GLY B 223 -3.89 38.57 -23.97
N CYS B 224 -3.78 39.89 -23.81
CA CYS B 224 -2.63 40.54 -23.21
C CYS B 224 -2.66 40.47 -21.68
N SER B 225 -3.54 39.66 -21.10
CA SER B 225 -3.62 39.49 -19.65
C SER B 225 -3.22 38.09 -19.21
N ASP B 226 -2.38 37.41 -19.99
CA ASP B 226 -1.78 36.18 -19.49
C ASP B 226 -0.94 36.47 -18.25
N ASP B 227 -0.30 37.64 -18.21
CA ASP B 227 0.42 38.09 -17.03
C ASP B 227 -0.45 38.95 -16.12
N ARG B 228 -1.37 39.73 -16.68
CA ARG B 228 -2.29 40.54 -15.89
C ARG B 228 -3.35 39.62 -15.29
N GLY B 229 -2.96 38.94 -14.22
CA GLY B 229 -3.90 38.25 -13.37
C GLY B 229 -4.31 39.16 -12.23
N ASP B 230 -4.35 40.46 -12.53
CA ASP B 230 -4.69 41.44 -11.51
C ASP B 230 -6.14 41.28 -11.10
N PRO B 231 -6.52 41.81 -9.93
CA PRO B 231 -7.90 41.67 -9.46
C PRO B 231 -8.93 42.05 -10.51
N TRP B 232 -9.71 41.08 -10.96
CA TRP B 232 -10.80 41.35 -11.89
C TRP B 232 -12.02 41.90 -11.17
N SER B 233 -11.93 42.19 -9.88
CA SER B 233 -13.05 42.67 -9.11
C SER B 233 -12.56 43.55 -7.97
N THR B 234 -13.46 44.39 -7.47
CA THR B 234 -13.19 45.23 -6.30
C THR B 234 -14.50 45.47 -5.57
N ILE B 235 -14.38 45.83 -4.29
CA ILE B 235 -15.54 46.14 -3.45
C ILE B 235 -15.59 47.64 -3.23
N VAL B 236 -16.74 48.23 -3.50
CA VAL B 236 -16.95 49.67 -3.37
C VAL B 236 -18.07 49.88 -2.36
N TRP B 237 -17.78 50.63 -1.30
CA TRP B 237 -18.71 50.82 -0.20
C TRP B 237 -19.49 52.12 -0.37
N GLY B 238 -20.76 52.09 0.04
CA GLY B 238 -21.58 53.27 -0.02
C GLY B 238 -21.90 53.75 -1.42
N LEU B 239 -22.19 52.84 -2.34
CA LEU B 239 -22.54 53.17 -3.71
C LEU B 239 -23.83 52.45 -4.07
N ASP B 240 -24.84 53.21 -4.46
CA ASP B 240 -26.10 52.61 -4.87
C ASP B 240 -25.93 51.86 -6.18
N PRO B 241 -26.62 50.73 -6.38
CA PRO B 241 -26.49 50.03 -7.67
C PRO B 241 -26.88 50.88 -8.86
N GLN B 242 -27.94 51.68 -8.75
CA GLN B 242 -28.39 52.49 -9.89
C GLN B 242 -27.39 53.58 -10.22
N GLN B 243 -26.85 54.25 -9.19
CA GLN B 243 -25.84 55.27 -9.43
C GLN B 243 -24.60 54.67 -10.07
N ALA B 244 -24.18 53.50 -9.59
CA ALA B 244 -23.05 52.81 -10.20
C ALA B 244 -23.33 52.46 -11.65
N ARG B 245 -24.54 52.01 -11.94
CA ARG B 245 -24.90 51.68 -13.32
C ARG B 245 -24.80 52.91 -14.21
N ASP B 246 -25.36 54.02 -13.77
CA ASP B 246 -25.33 55.24 -14.58
C ASP B 246 -23.92 55.73 -14.77
N GLN B 247 -23.09 55.69 -13.72
CA GLN B 247 -21.71 56.13 -13.86
C GLN B 247 -20.94 55.23 -14.82
N ILE B 248 -21.18 53.92 -14.74
CA ILE B 248 -20.53 53.00 -15.68
C ILE B 248 -20.93 53.36 -17.10
N GLU B 249 -22.22 53.58 -17.32
CA GLU B 249 -22.70 53.92 -18.66
C GLU B 249 -22.03 55.18 -19.18
N VAL B 250 -21.99 56.22 -18.36
CA VAL B 250 -21.41 57.49 -18.79
C VAL B 250 -19.92 57.34 -19.08
N PHE B 251 -19.21 56.65 -18.19
CA PHE B 251 -17.77 56.47 -18.39
C PHE B 251 -17.48 55.69 -19.65
N CYS B 252 -18.26 54.64 -19.91
CA CYS B 252 -18.03 53.84 -21.11
C CYS B 252 -18.38 54.60 -22.38
N ARG B 253 -19.44 55.40 -22.34
CA ARG B 253 -19.78 56.21 -23.50
C ARG B 253 -18.71 57.26 -23.78
N THR B 254 -18.18 57.89 -22.74
CA THR B 254 -17.22 58.98 -22.94
C THR B 254 -15.86 58.45 -23.36
N THR B 255 -15.40 57.35 -22.75
CA THR B 255 -14.06 56.85 -22.99
C THR B 255 -13.97 55.92 -24.20
N ASN B 256 -15.11 55.56 -24.81
CA ASN B 256 -15.13 54.67 -25.97
C ASN B 256 -14.46 53.33 -25.63
N VAL B 257 -15.08 52.61 -24.72
CA VAL B 257 -14.61 51.29 -24.31
C VAL B 257 -15.44 50.23 -25.04
N PRO B 258 -14.83 49.22 -25.64
CA PRO B 258 -15.62 48.18 -26.32
C PRO B 258 -16.60 47.50 -25.38
N GLN B 259 -17.71 47.04 -25.95
CA GLN B 259 -18.80 46.51 -25.14
C GLN B 259 -18.35 45.35 -24.26
N THR B 260 -17.32 44.63 -24.67
CA THR B 260 -16.87 43.47 -23.91
C THR B 260 -16.00 43.84 -22.72
N ARG B 261 -15.49 45.07 -22.65
CA ARG B 261 -14.62 45.51 -21.58
C ARG B 261 -15.33 46.37 -20.55
N ARG B 262 -16.65 46.51 -20.64
CA ARG B 262 -17.38 47.36 -19.72
C ARG B 262 -17.37 46.75 -18.31
N PRO B 263 -17.36 47.58 -17.27
CA PRO B 263 -17.54 47.05 -15.92
C PRO B 263 -18.96 46.56 -15.71
N TRP B 264 -19.09 45.59 -14.81
CA TRP B 264 -20.40 45.08 -14.40
C TRP B 264 -20.38 44.80 -12.91
N ILE B 265 -21.56 44.89 -12.29
CA ILE B 265 -21.70 44.66 -10.86
C ILE B 265 -21.92 43.17 -10.63
N SER B 266 -20.96 42.53 -9.97
CA SER B 266 -21.05 41.09 -9.72
C SER B 266 -21.98 40.80 -8.56
N CYS B 267 -21.83 41.51 -7.45
CA CYS B 267 -22.60 41.29 -6.25
C CYS B 267 -23.23 42.60 -5.77
N ILE B 268 -24.40 42.49 -5.17
CA ILE B 268 -25.12 43.63 -4.60
C ILE B 268 -25.44 43.27 -3.15
N SER B 269 -24.56 43.65 -2.23
CA SER B 269 -24.85 43.56 -0.81
C SER B 269 -25.59 44.81 -0.36
N LYS B 270 -25.84 44.92 0.94
CA LYS B 270 -26.58 46.07 1.46
C LYS B 270 -25.68 47.29 1.63
N ASN B 271 -24.52 47.12 2.25
CA ASN B 271 -23.60 48.21 2.49
C ASN B 271 -22.53 48.34 1.42
N ALA B 272 -22.54 47.49 0.40
CA ALA B 272 -21.50 47.50 -0.61
C ALA B 272 -22.03 46.85 -1.88
N ILE B 273 -21.29 47.07 -2.96
CA ILE B 273 -21.46 46.32 -4.21
C ILE B 273 -20.07 45.90 -4.66
N THR B 274 -20.03 44.88 -5.50
CA THR B 274 -18.80 44.41 -6.11
C THR B 274 -18.83 44.73 -7.58
N LEU B 275 -17.75 45.32 -8.09
CA LEU B 275 -17.62 45.68 -9.49
C LEU B 275 -16.56 44.78 -10.11
N SER B 276 -16.93 44.10 -11.19
CA SER B 276 -16.03 43.22 -11.91
C SER B 276 -15.77 43.76 -13.30
N GLY B 277 -14.63 43.40 -13.86
CA GLY B 277 -14.25 43.85 -15.18
C GLY B 277 -12.80 43.55 -15.43
N SER B 278 -12.34 43.98 -16.58
CA SER B 278 -10.92 43.89 -16.88
C SER B 278 -10.15 44.82 -15.95
N PRO B 279 -9.00 44.39 -15.44
CA PRO B 279 -8.28 45.25 -14.49
C PRO B 279 -7.97 46.65 -15.01
N SER B 280 -7.64 46.78 -16.29
CA SER B 280 -7.25 48.09 -16.82
C SER B 280 -8.42 49.06 -16.80
N THR B 281 -9.58 48.63 -17.29
CA THR B 281 -10.73 49.52 -17.33
C THR B 281 -11.34 49.69 -15.95
N LEU B 282 -11.34 48.63 -15.13
CA LEU B 282 -11.91 48.71 -13.80
C LEU B 282 -11.16 49.72 -12.94
N ARG B 283 -9.82 49.66 -12.95
CA ARG B 283 -9.04 50.59 -12.15
C ARG B 283 -9.18 52.02 -12.66
N ALA B 284 -9.23 52.20 -13.98
CA ALA B 284 -9.40 53.54 -14.54
C ALA B 284 -10.76 54.10 -14.16
N PHE B 285 -11.78 53.25 -14.08
CA PHE B 285 -13.11 53.70 -13.68
C PHE B 285 -13.12 54.07 -12.20
N CYS B 286 -12.56 53.22 -11.35
CA CYS B 286 -12.52 53.52 -9.92
C CYS B 286 -11.60 54.69 -9.63
N ALA B 287 -10.44 54.74 -10.29
CA ALA B 287 -9.46 55.80 -10.07
C ALA B 287 -9.83 57.01 -10.93
N MET B 288 -10.92 57.65 -10.54
CA MET B 288 -11.42 58.85 -11.22
C MET B 288 -12.31 59.61 -10.26
N PRO B 289 -12.55 60.89 -10.52
CA PRO B 289 -13.43 61.66 -9.63
C PRO B 289 -14.85 61.12 -9.65
N GLN B 290 -15.59 61.44 -8.61
CA GLN B 290 -16.94 60.95 -8.32
C GLN B 290 -16.90 59.56 -7.69
N MET B 291 -15.72 58.96 -7.53
CA MET B 291 -15.57 57.74 -6.76
C MET B 291 -14.48 57.83 -5.71
N ALA B 292 -13.80 58.98 -5.59
CA ALA B 292 -12.77 59.12 -4.58
C ALA B 292 -13.33 59.01 -3.18
N GLN B 293 -14.57 59.47 -2.97
CA GLN B 293 -15.16 59.43 -1.64
C GLN B 293 -15.27 58.00 -1.13
N HIS B 294 -15.68 57.08 -2.00
CA HIS B 294 -15.92 55.71 -1.58
C HIS B 294 -14.61 54.99 -1.29
N ARG B 295 -14.60 54.19 -0.24
CA ARG B 295 -13.46 53.32 0.06
C ARG B 295 -13.58 52.05 -0.76
N THR B 296 -12.46 51.62 -1.32
CA THR B 296 -12.42 50.45 -2.20
C THR B 296 -11.41 49.44 -1.69
N ALA B 297 -11.65 48.18 -2.01
CA ALA B 297 -10.75 47.09 -1.66
C ALA B 297 -10.73 46.07 -2.79
N PRO B 298 -9.59 45.81 -3.42
CA PRO B 298 -9.55 44.79 -4.47
C PRO B 298 -9.82 43.40 -3.92
N ILE B 299 -10.50 42.59 -4.73
CA ILE B 299 -10.68 41.16 -4.46
C ILE B 299 -9.68 40.39 -5.31
N PRO B 300 -8.87 39.51 -4.71
CA PRO B 300 -7.75 38.91 -5.46
C PRO B 300 -8.17 37.85 -6.48
N ILE B 301 -9.45 37.70 -6.79
CA ILE B 301 -9.90 36.78 -7.83
C ILE B 301 -9.60 37.41 -9.19
N CYS B 302 -9.17 36.59 -10.14
CA CYS B 302 -8.79 37.06 -11.46
C CYS B 302 -9.49 36.28 -12.56
N LEU B 303 -10.78 36.03 -12.40
CA LEU B 303 -11.58 35.37 -13.42
C LEU B 303 -12.90 36.10 -13.58
N PRO B 304 -13.46 36.11 -14.79
CA PRO B 304 -14.83 36.63 -14.96
C PRO B 304 -15.86 35.69 -14.36
N ALA B 305 -17.04 36.26 -14.09
CA ALA B 305 -18.19 35.49 -13.62
C ALA B 305 -19.35 36.46 -13.45
N HIS B 306 -20.55 35.90 -13.30
CA HIS B 306 -21.77 36.66 -13.01
C HIS B 306 -22.01 37.73 -14.08
N ASN B 307 -21.85 37.34 -15.34
CA ASN B 307 -22.05 38.25 -16.47
C ASN B 307 -22.84 37.50 -17.54
N GLY B 308 -24.13 37.79 -17.64
CA GLY B 308 -24.94 37.22 -18.70
C GLY B 308 -24.72 37.84 -20.06
N ALA B 309 -23.95 38.92 -20.12
CA ALA B 309 -23.56 39.53 -21.38
C ALA B 309 -22.27 38.96 -21.94
N LEU B 310 -21.60 38.09 -21.21
CA LEU B 310 -20.40 37.40 -21.67
C LEU B 310 -20.59 35.90 -21.78
N PHE B 311 -21.28 35.28 -20.83
CA PHE B 311 -21.52 33.85 -20.84
C PHE B 311 -22.92 33.57 -21.37
N THR B 312 -23.15 32.32 -21.75
CA THR B 312 -24.43 31.90 -22.32
C THR B 312 -24.72 30.48 -21.89
N GLN B 313 -25.96 30.05 -22.11
CA GLN B 313 -26.32 28.67 -21.82
C GLN B 313 -25.40 27.70 -22.54
N ALA B 314 -24.89 28.09 -23.70
CA ALA B 314 -23.99 27.24 -24.46
C ALA B 314 -22.64 27.05 -23.77
N ASP B 315 -22.28 27.94 -22.86
CA ASP B 315 -21.05 27.74 -22.09
C ASP B 315 -21.26 26.66 -21.03
N ILE B 316 -22.45 26.63 -20.42
CA ILE B 316 -22.76 25.61 -19.42
C ILE B 316 -22.87 24.24 -20.07
N THR B 317 -23.43 24.18 -21.29
CA THR B 317 -23.57 22.91 -21.99
C THR B 317 -22.22 22.29 -22.29
N THR B 318 -21.18 23.11 -22.51
CA THR B 318 -19.85 22.56 -22.70
C THR B 318 -19.26 22.08 -21.38
N ILE B 319 -19.61 22.71 -20.26
CA ILE B 319 -19.12 22.25 -18.96
C ILE B 319 -19.70 20.87 -18.64
N LEU B 320 -21.00 20.72 -18.84
CA LEU B 320 -21.68 19.46 -18.54
C LEU B 320 -21.65 18.51 -19.74
N ASP B 321 -20.47 18.30 -20.30
CA ASP B 321 -20.31 17.45 -21.47
C ASP B 321 -19.97 16.01 -21.10
N THR B 322 -18.93 15.84 -20.29
CA THR B 322 -18.50 14.51 -19.86
C THR B 322 -19.18 14.12 -18.55
N THR B 323 -20.50 14.28 -18.49
CA THR B 323 -21.27 13.97 -17.29
C THR B 323 -22.66 13.51 -17.68
N PRO B 324 -22.77 12.33 -18.29
CA PRO B 324 -24.08 11.70 -18.45
C PRO B 324 -24.31 10.67 -17.38
N THR B 325 -25.52 10.60 -16.83
CA THR B 325 -25.97 9.43 -16.08
C THR B 325 -27.27 8.96 -16.72
N THR B 326 -27.40 7.65 -16.89
CA THR B 326 -28.46 7.10 -17.74
C THR B 326 -29.82 7.67 -17.39
N PRO B 327 -30.29 7.63 -16.14
CA PRO B 327 -31.47 8.42 -15.78
C PRO B 327 -31.04 9.77 -15.25
N TRP B 328 -31.58 10.86 -15.80
CA TRP B 328 -31.23 12.16 -15.23
C TRP B 328 -31.47 12.16 -13.73
N GLU B 329 -32.49 11.44 -13.28
CA GLU B 329 -32.80 11.26 -11.86
C GLU B 329 -32.07 10.07 -11.25
N GLN B 330 -30.93 9.66 -11.81
CA GLN B 330 -30.11 8.69 -11.12
C GLN B 330 -29.88 9.13 -9.69
N LEU B 331 -29.65 10.43 -9.50
CA LEU B 331 -29.56 11.03 -8.18
C LEU B 331 -30.65 12.09 -8.06
N PRO B 332 -31.77 11.80 -7.41
CA PRO B 332 -32.71 12.87 -7.08
C PRO B 332 -32.17 13.75 -5.96
N GLY B 333 -32.86 14.86 -5.73
CA GLY B 333 -32.48 15.77 -4.66
C GLY B 333 -33.26 15.47 -3.40
N GLN B 334 -32.59 15.61 -2.25
CA GLN B 334 -33.20 15.33 -0.96
C GLN B 334 -33.34 16.57 -0.09
N ILE B 335 -32.25 17.25 0.21
CA ILE B 335 -32.29 18.41 1.12
C ILE B 335 -32.68 19.64 0.31
N PRO B 336 -33.60 20.47 0.80
CA PRO B 336 -34.00 21.65 0.03
C PRO B 336 -32.84 22.59 -0.23
N TYR B 337 -32.89 23.25 -1.39
CA TYR B 337 -31.79 24.03 -1.92
C TYR B 337 -32.23 25.48 -2.07
N ILE B 338 -31.38 26.40 -1.61
CA ILE B 338 -31.67 27.83 -1.62
C ILE B 338 -30.73 28.51 -2.60
N SER B 339 -31.29 29.43 -3.39
CA SER B 339 -30.52 30.14 -4.41
C SER B 339 -29.91 31.42 -3.84
N HIS B 340 -28.65 31.66 -4.20
CA HIS B 340 -27.95 32.86 -3.77
C HIS B 340 -28.16 34.04 -4.73
N VAL B 341 -28.97 33.86 -5.77
CA VAL B 341 -29.34 34.95 -6.66
C VAL B 341 -30.81 35.31 -6.56
N THR B 342 -31.60 34.54 -5.81
CA THR B 342 -33.03 34.81 -5.67
C THR B 342 -33.43 34.87 -4.20
N GLY B 343 -32.77 34.06 -3.37
CA GLY B 343 -33.17 33.93 -1.99
C GLY B 343 -34.35 33.02 -1.74
N ASN B 344 -34.76 32.25 -2.73
CA ASN B 344 -35.88 31.33 -2.62
C ASN B 344 -35.41 29.89 -2.73
N VAL B 345 -36.31 28.97 -2.44
CA VAL B 345 -36.03 27.54 -2.53
C VAL B 345 -36.19 27.09 -3.98
N VAL B 346 -35.16 26.44 -4.50
CA VAL B 346 -35.20 25.98 -5.89
C VAL B 346 -36.11 24.76 -6.00
N GLN B 347 -36.91 24.72 -7.07
CA GLN B 347 -37.83 23.61 -7.26
C GLN B 347 -37.07 22.30 -7.33
N THR B 348 -37.57 21.29 -6.62
CA THR B 348 -36.84 20.03 -6.49
C THR B 348 -36.60 19.39 -7.85
N SER B 349 -35.39 18.88 -8.05
CA SER B 349 -34.99 18.32 -9.32
C SER B 349 -34.00 17.19 -9.04
N ASN B 350 -33.26 16.78 -10.07
CA ASN B 350 -32.24 15.75 -9.92
C ASN B 350 -30.87 16.41 -9.90
N TYR B 351 -29.83 15.58 -9.86
CA TYR B 351 -28.47 16.10 -9.72
C TYR B 351 -28.10 16.95 -10.92
N ARG B 352 -28.26 16.43 -12.13
CA ARG B 352 -27.79 17.12 -13.32
C ARG B 352 -28.54 18.42 -13.54
N ASP B 353 -29.85 18.42 -13.31
CA ASP B 353 -30.64 19.64 -13.46
C ASP B 353 -30.32 20.67 -12.39
N LEU B 354 -29.72 20.25 -11.28
CA LEU B 354 -29.35 21.18 -10.22
C LEU B 354 -27.94 21.72 -10.39
N ILE B 355 -27.04 20.93 -10.97
CA ILE B 355 -25.72 21.45 -11.30
C ILE B 355 -25.82 22.50 -12.39
N GLU B 356 -26.71 22.29 -13.36
CA GLU B 356 -26.90 23.28 -14.41
C GLU B 356 -27.43 24.58 -13.85
N VAL B 357 -28.33 24.51 -12.86
CA VAL B 357 -28.83 25.71 -12.20
C VAL B 357 -27.70 26.42 -11.47
N ALA B 358 -26.84 25.65 -10.79
CA ALA B 358 -25.72 26.25 -10.08
C ALA B 358 -24.79 26.98 -11.04
N LEU B 359 -24.47 26.35 -12.18
CA LEU B 359 -23.57 26.99 -13.13
C LEU B 359 -24.22 28.20 -13.79
N SER B 360 -25.53 28.15 -14.04
CA SER B 360 -26.23 29.32 -14.54
C SER B 360 -26.14 30.47 -13.55
N GLU B 361 -26.36 30.19 -12.27
CA GLU B 361 -26.26 31.25 -11.27
C GLU B 361 -24.84 31.78 -11.17
N THR B 362 -23.84 30.91 -11.31
CA THR B 362 -22.46 31.34 -11.17
C THR B 362 -22.01 32.20 -12.34
N LEU B 363 -22.38 31.84 -13.57
CA LEU B 363 -21.82 32.48 -14.74
C LEU B 363 -22.75 33.47 -15.42
N LEU B 364 -24.06 33.39 -15.18
CA LEU B 364 -25.03 34.15 -15.95
C LEU B 364 -25.79 35.19 -15.15
N GLU B 365 -25.70 35.18 -13.82
CA GLU B 365 -26.60 35.96 -12.99
C GLU B 365 -25.83 36.71 -11.91
N GLN B 366 -26.48 37.76 -11.40
CA GLN B 366 -25.95 38.54 -10.28
C GLN B 366 -26.26 37.84 -8.97
N VAL B 367 -25.27 37.82 -8.07
CA VAL B 367 -25.46 37.27 -6.74
C VAL B 367 -26.03 38.37 -5.87
N ARG B 368 -27.28 38.17 -5.41
CA ARG B 368 -28.02 39.18 -4.67
C ARG B 368 -28.05 38.80 -3.20
N LEU B 369 -27.04 39.25 -2.46
CA LEU B 369 -26.95 38.91 -1.05
C LEU B 369 -28.02 39.61 -0.23
N ASP B 370 -28.44 40.81 -0.63
CA ASP B 370 -29.53 41.48 0.07
C ASP B 370 -30.83 40.70 -0.05
N LEU B 371 -31.12 40.19 -1.25
CA LEU B 371 -32.30 39.34 -1.43
C LEU B 371 -32.17 38.07 -0.60
N VAL B 372 -30.97 37.51 -0.50
CA VAL B 372 -30.77 36.33 0.35
C VAL B 372 -31.10 36.67 1.79
N GLU B 373 -30.56 37.78 2.28
CA GLU B 373 -30.79 38.16 3.68
C GLU B 373 -32.26 38.43 3.95
N THR B 374 -32.98 38.98 2.99
CA THR B 374 -34.40 39.25 3.20
C THR B 374 -35.24 37.99 3.10
N GLY B 375 -34.87 37.06 2.21
CA GLY B 375 -35.70 35.90 1.95
C GLY B 375 -35.46 34.70 2.83
N LEU B 376 -34.24 34.55 3.34
CA LEU B 376 -33.98 33.43 4.25
C LEU B 376 -34.80 33.51 5.52
N PRO B 377 -34.83 34.64 6.25
CA PRO B 377 -35.74 34.72 7.40
C PRO B 377 -37.19 34.45 7.05
N ARG B 378 -37.67 34.92 5.90
CA ARG B 378 -39.06 34.69 5.53
C ARG B 378 -39.31 33.25 5.15
N LEU B 379 -38.30 32.57 4.59
CA LEU B 379 -38.48 31.18 4.22
C LEU B 379 -38.76 30.31 5.43
N LEU B 380 -38.03 30.54 6.52
CA LEU B 380 -38.23 29.77 7.75
C LEU B 380 -39.53 30.17 8.45
N GLN B 381 -39.86 31.45 8.42
CA GLN B 381 -41.06 31.92 9.11
C GLN B 381 -42.32 31.27 8.54
N SER B 382 -42.40 31.12 7.23
CA SER B 382 -43.56 30.48 6.62
C SER B 382 -43.60 28.99 6.91
N ARG B 383 -42.48 28.38 7.27
CA ARG B 383 -42.40 26.94 7.51
C ARG B 383 -42.59 26.58 8.98
N GLN B 384 -41.81 27.21 9.86
CA GLN B 384 -41.88 26.85 11.28
C GLN B 384 -43.19 27.31 11.91
N VAL B 385 -43.82 28.34 11.36
CA VAL B 385 -45.10 28.79 11.90
C VAL B 385 -46.13 27.67 11.78
N LYS B 386 -46.13 26.97 10.64
CA LYS B 386 -46.97 25.79 10.51
C LYS B 386 -46.51 24.65 11.41
N SER B 387 -45.27 24.69 11.88
CA SER B 387 -44.71 23.69 12.77
C SER B 387 -44.94 24.12 14.22
N VAL B 388 -44.24 23.48 15.15
CA VAL B 388 -44.40 23.78 16.57
C VAL B 388 -44.19 25.28 16.82
N THR B 389 -42.99 25.77 16.53
CA THR B 389 -42.64 27.16 16.72
C THR B 389 -41.30 27.42 16.03
N ILE B 390 -40.95 28.70 15.92
CA ILE B 390 -39.62 29.06 15.43
C ILE B 390 -38.61 28.81 16.53
N VAL B 391 -37.58 28.01 16.22
CA VAL B 391 -36.62 27.57 17.23
C VAL B 391 -35.22 27.85 16.71
N PRO B 392 -34.17 27.70 17.54
CA PRO B 392 -32.82 28.05 17.09
C PRO B 392 -32.43 27.42 15.77
N PHE B 393 -31.34 27.91 15.19
CA PHE B 393 -30.83 27.39 13.94
C PHE B 393 -29.36 27.07 14.11
N LEU B 394 -29.00 25.81 13.97
CA LEU B 394 -27.61 25.43 13.88
C LEU B 394 -27.09 25.87 12.52
N THR B 395 -25.98 26.58 12.52
CA THR B 395 -25.35 27.05 11.28
C THR B 395 -24.02 26.34 11.13
N ARG B 396 -23.88 25.59 10.03
CA ARG B 396 -22.66 24.88 9.71
C ARG B 396 -22.01 25.58 8.54
N MET B 397 -20.75 25.98 8.70
CA MET B 397 -20.05 26.82 7.73
C MET B 397 -18.82 26.12 7.22
N ASN B 398 -18.37 26.56 6.06
CA ASN B 398 -17.17 26.02 5.45
C ASN B 398 -16.11 27.07 5.17
N GLU B 399 -16.50 28.26 4.70
CA GLU B 399 -15.53 29.34 4.62
C GLU B 399 -15.91 30.59 5.39
N THR B 400 -17.10 31.14 5.18
CA THR B 400 -17.50 32.37 5.87
C THR B 400 -18.99 32.61 5.64
N MET B 401 -19.44 33.81 6.03
CA MET B 401 -20.80 34.35 5.95
C MET B 401 -21.66 33.91 7.13
N SER B 402 -21.10 33.21 8.12
CA SER B 402 -21.85 32.98 9.35
C SER B 402 -22.15 34.31 10.02
N ASN B 403 -21.08 35.02 10.42
CA ASN B 403 -21.22 36.20 11.29
C ASN B 403 -22.34 37.13 10.85
N ILE B 404 -22.64 37.18 9.55
CA ILE B 404 -23.75 37.99 9.08
C ILE B 404 -25.08 37.41 9.56
N LEU B 405 -25.20 36.09 9.55
CA LEU B 405 -26.49 35.46 9.81
C LEU B 405 -26.97 35.63 11.25
N PRO B 406 -26.15 35.45 12.29
CA PRO B 406 -26.67 35.67 13.64
C PRO B 406 -27.16 37.09 13.88
N ASP B 407 -26.57 38.07 13.22
CA ASP B 407 -27.05 39.44 13.37
C ASP B 407 -28.40 39.63 12.70
N SER B 408 -28.57 39.14 11.48
CA SER B 408 -29.86 39.22 10.82
C SER B 408 -30.89 38.31 11.47
N PHE B 409 -30.46 37.38 12.31
CA PHE B 409 -31.34 36.40 12.90
C PHE B 409 -31.70 36.69 14.35
N ILE B 410 -30.90 37.48 15.07
CA ILE B 410 -31.17 37.70 16.48
C ILE B 410 -32.61 38.11 16.73
N SER B 411 -33.33 38.57 15.71
CA SER B 411 -34.78 38.62 15.80
C SER B 411 -35.37 37.26 16.15
N THR B 412 -34.73 36.18 15.72
CA THR B 412 -35.04 34.82 16.17
C THR B 412 -33.95 33.83 15.77
N GLU B 413 -33.62 32.91 16.67
CA GLU B 413 -32.99 31.62 16.34
C GLU B 413 -31.60 31.71 15.70
N THR B 414 -30.59 31.08 16.31
CA THR B 414 -29.28 30.91 15.69
C THR B 414 -28.37 30.12 16.63
N ARG B 415 -27.33 29.50 16.05
CA ARG B 415 -26.37 28.68 16.78
C ARG B 415 -25.24 28.29 15.82
N THR B 416 -24.18 27.68 16.36
CA THR B 416 -23.10 27.12 15.54
C THR B 416 -22.65 25.74 16.03
N ASP B 417 -21.64 25.14 15.40
CA ASP B 417 -21.39 23.70 15.52
C ASP B 417 -19.91 23.39 15.72
N THR B 418 -19.66 22.21 16.31
CA THR B 418 -18.34 21.57 16.35
C THR B 418 -18.41 20.20 17.04
N GLY B 419 -17.50 19.27 16.71
CA GLY B 419 -17.49 17.97 17.37
C GLY B 419 -16.70 16.83 16.72
N ARG B 420 -16.08 15.97 17.56
CA ARG B 420 -15.32 14.79 17.13
C ARG B 420 -15.39 13.76 18.28
N ALA B 421 -16.40 12.90 18.26
CA ALA B 421 -16.73 12.12 19.44
C ALA B 421 -17.14 10.68 19.12
N ILE B 422 -16.41 10.00 18.25
CA ILE B 422 -16.66 8.57 18.07
C ILE B 422 -15.55 7.78 18.75
N PRO B 423 -15.78 6.53 19.12
CA PRO B 423 -14.74 5.77 19.81
C PRO B 423 -13.49 5.63 18.95
N ALA B 424 -12.35 5.51 19.62
CA ALA B 424 -11.10 5.28 18.92
C ALA B 424 -11.17 3.95 18.18
N SER B 425 -10.16 3.68 17.37
CA SER B 425 -10.15 2.48 16.55
C SER B 425 -8.86 1.68 16.77
N GLY B 426 -8.64 0.67 15.92
CA GLY B 426 -7.30 0.14 15.76
C GLY B 426 -6.46 1.09 14.92
N ARG B 427 -5.19 1.23 15.31
CA ARG B 427 -4.28 2.19 14.71
C ARG B 427 -4.36 2.14 13.20
N PRO B 428 -4.00 3.23 12.49
CA PRO B 428 -3.85 3.15 11.04
C PRO B 428 -3.15 1.88 10.56
N GLY B 429 -3.61 1.35 9.42
CA GLY B 429 -3.18 0.04 8.96
C GLY B 429 -1.73 -0.03 8.59
N ALA B 430 -1.38 -0.97 7.71
CA ALA B 430 0.02 -1.14 7.31
C ALA B 430 0.55 0.12 6.62
N GLY B 431 -0.26 0.70 5.74
CA GLY B 431 0.05 2.00 5.18
C GLY B 431 -0.43 3.10 6.09
N LYS B 432 -0.25 4.34 5.62
CA LYS B 432 -0.69 5.52 6.36
C LYS B 432 -0.24 5.48 7.83
N CYS B 433 0.89 4.83 8.09
CA CYS B 433 1.38 4.65 9.44
C CYS B 433 2.89 4.76 9.46
N LYS B 434 3.41 5.17 10.61
CA LYS B 434 4.84 5.39 10.79
C LYS B 434 5.54 4.08 11.11
N LEU B 435 6.84 4.06 10.86
CA LEU B 435 7.68 2.90 11.09
C LEU B 435 8.67 3.21 12.19
N ALA B 436 8.72 2.36 13.21
CA ALA B 436 9.56 2.56 14.37
C ALA B 436 10.86 1.78 14.22
N ILE B 437 11.98 2.46 14.44
CA ILE B 437 13.29 1.82 14.49
C ILE B 437 13.51 1.40 15.94
N VAL B 438 13.57 0.09 16.18
CA VAL B 438 13.59 -0.43 17.54
C VAL B 438 14.99 -0.77 18.03
N SER B 439 15.93 -1.02 17.13
CA SER B 439 17.30 -1.30 17.54
C SER B 439 18.22 -1.01 16.37
N MET B 440 19.52 -1.06 16.64
CA MET B 440 20.53 -0.82 15.63
C MET B 440 21.83 -1.45 16.09
N SER B 441 22.73 -1.63 15.13
CA SER B 441 24.09 -2.07 15.43
C SER B 441 24.91 -1.86 14.18
N GLY B 442 26.21 -2.08 14.29
CA GLY B 442 27.08 -1.98 13.15
C GLY B 442 28.53 -1.95 13.57
N ARG B 443 29.38 -1.88 12.55
CA ARG B 443 30.82 -1.76 12.73
C ARG B 443 31.30 -0.62 11.84
N PHE B 444 32.13 0.26 12.39
CA PHE B 444 32.63 1.44 11.70
C PHE B 444 34.11 1.56 11.95
N PRO B 445 34.82 2.36 11.16
CA PRO B 445 36.27 2.46 11.31
C PRO B 445 36.66 2.87 12.74
N GLU B 446 37.54 2.08 13.35
CA GLU B 446 38.00 2.25 14.71
C GLU B 446 36.88 2.16 15.74
N SER B 447 35.68 1.74 15.34
CA SER B 447 34.51 1.70 16.21
C SER B 447 33.86 0.34 16.13
N PRO B 448 34.34 -0.64 16.91
CA PRO B 448 33.70 -1.96 16.91
C PRO B 448 32.31 -1.98 17.55
N THR B 449 31.78 -0.84 17.97
CA THR B 449 30.46 -0.73 18.55
C THR B 449 29.85 0.59 18.12
N THR B 450 28.57 0.77 18.41
CA THR B 450 27.95 2.07 18.20
C THR B 450 28.34 3.07 19.28
N GLU B 451 28.82 2.60 20.43
CA GLU B 451 29.28 3.50 21.47
C GLU B 451 30.59 4.16 21.09
N SER B 452 31.53 3.37 20.56
CA SER B 452 32.80 3.96 20.11
C SER B 452 32.58 4.91 18.96
N PHE B 453 31.62 4.59 18.07
CA PHE B 453 31.31 5.48 16.97
C PHE B 453 30.84 6.83 17.47
N TRP B 454 29.96 6.84 18.48
CA TRP B 454 29.53 8.11 19.05
C TRP B 454 30.68 8.83 19.74
N ASP B 455 31.48 8.12 20.51
CA ASP B 455 32.60 8.77 21.18
C ASP B 455 33.53 9.42 20.17
N LEU B 456 33.66 8.83 18.98
CA LEU B 456 34.47 9.43 17.93
C LEU B 456 33.77 10.62 17.27
N LEU B 457 32.44 10.55 17.12
CA LEU B 457 31.70 11.68 16.56
C LEU B 457 31.76 12.88 17.48
N TYR B 458 31.72 12.63 18.79
CA TYR B 458 31.53 13.70 19.77
C TYR B 458 32.67 14.70 19.74
N LYS B 459 33.91 14.21 19.65
CA LYS B 459 35.06 15.10 19.65
C LYS B 459 35.45 15.54 18.25
N GLY B 460 34.77 15.04 17.22
CA GLY B 460 35.07 15.42 15.85
C GLY B 460 36.40 14.90 15.38
N LEU B 461 36.57 13.58 15.38
CA LEU B 461 37.80 12.96 14.90
C LEU B 461 37.62 12.46 13.48
N ASP B 462 38.69 12.51 12.71
CA ASP B 462 38.76 11.90 11.39
C ASP B 462 39.80 10.78 11.43
N VAL B 463 39.46 9.65 10.82
CA VAL B 463 40.30 8.46 10.95
C VAL B 463 40.82 8.00 9.60
N CYS B 464 40.98 8.94 8.66
CA CYS B 464 41.62 8.61 7.40
C CYS B 464 43.02 8.07 7.64
N LYS B 465 43.33 6.92 7.02
CA LYS B 465 44.57 6.23 7.31
C LYS B 465 44.95 5.38 6.11
N GLU B 466 46.23 5.03 6.04
CA GLU B 466 46.77 4.23 4.95
C GLU B 466 46.65 2.74 5.27
N VAL B 467 46.94 1.92 4.27
CA VAL B 467 46.78 0.47 4.41
C VAL B 467 47.90 -0.08 5.27
N PRO B 468 47.61 -0.96 6.24
CA PRO B 468 48.70 -1.62 6.99
C PRO B 468 49.16 -2.90 6.33
N ARG B 469 50.21 -3.52 6.86
CA ARG B 469 50.69 -4.78 6.32
C ARG B 469 49.69 -5.91 6.52
N ARG B 470 48.74 -5.75 7.46
CA ARG B 470 47.78 -6.82 7.73
C ARG B 470 46.95 -7.13 6.49
N ARG B 471 46.50 -6.09 5.77
CA ARG B 471 45.72 -6.30 4.56
C ARG B 471 46.64 -6.50 3.34
N TRP B 472 47.51 -5.55 3.07
CA TRP B 472 48.42 -5.63 1.95
C TRP B 472 49.49 -4.54 2.10
N ASP B 473 50.73 -4.88 1.75
CA ASP B 473 51.85 -3.96 1.86
C ASP B 473 52.08 -3.27 0.53
N ILE B 474 52.08 -1.94 0.55
CA ILE B 474 52.36 -1.17 -0.67
C ILE B 474 53.79 -1.38 -1.12
N ASN B 475 54.73 -1.53 -0.18
CA ASN B 475 56.12 -1.72 -0.56
C ASN B 475 56.31 -2.93 -1.46
N THR B 476 55.44 -3.93 -1.35
CA THR B 476 55.48 -5.07 -2.26
C THR B 476 54.95 -4.71 -3.64
N HIS B 477 54.19 -3.62 -3.75
CA HIS B 477 53.65 -3.16 -5.02
C HIS B 477 54.50 -2.06 -5.66
N VAL B 478 55.67 -1.76 -5.09
CA VAL B 478 56.53 -0.74 -5.67
C VAL B 478 56.86 -1.12 -7.10
N ASP B 479 56.49 -0.26 -8.04
CA ASP B 479 56.63 -0.54 -9.47
C ASP B 479 56.30 0.74 -10.22
N PRO B 480 56.84 0.92 -11.44
CA PRO B 480 56.47 2.09 -12.24
C PRO B 480 54.99 2.10 -12.60
N SER B 481 54.58 3.08 -13.40
CA SER B 481 53.17 3.27 -13.75
C SER B 481 52.48 1.93 -13.98
N GLY B 482 51.35 1.75 -13.30
CA GLY B 482 50.68 0.46 -13.25
C GLY B 482 49.88 0.11 -14.50
N LYS B 483 50.58 -0.21 -15.59
CA LYS B 483 49.93 -0.65 -16.82
C LYS B 483 49.64 -2.15 -16.81
N ALA B 484 50.06 -2.89 -15.78
CA ALA B 484 49.83 -4.31 -15.71
C ALA B 484 48.52 -4.60 -14.97
N ARG B 485 48.29 -5.86 -14.65
CA ARG B 485 47.10 -6.25 -13.92
C ARG B 485 47.28 -6.03 -12.42
N ASN B 486 46.20 -5.65 -11.75
CA ASN B 486 46.18 -5.46 -10.30
C ASN B 486 47.28 -4.48 -9.87
N LYS B 487 47.23 -3.28 -10.45
CA LYS B 487 48.15 -2.20 -10.10
C LYS B 487 47.34 -1.08 -9.48
N GLY B 488 47.73 -0.66 -8.28
CA GLY B 488 47.01 0.40 -7.59
C GLY B 488 47.51 1.79 -7.95
N ALA B 489 46.65 2.78 -7.66
CA ALA B 489 46.98 4.18 -7.89
C ALA B 489 46.70 5.06 -6.68
N THR B 490 46.07 4.55 -5.63
CA THR B 490 45.82 5.29 -4.41
C THR B 490 46.13 4.39 -3.23
N LYS B 491 46.49 5.01 -2.10
CA LYS B 491 46.91 4.28 -0.91
C LYS B 491 46.01 4.46 0.29
N TRP B 492 45.12 5.46 0.28
CA TRP B 492 44.27 5.72 1.43
C TRP B 492 43.16 4.67 1.50
N GLY B 493 42.37 4.74 2.58
CA GLY B 493 41.27 3.81 2.78
C GLY B 493 41.06 3.53 4.26
N CYS B 494 39.81 3.51 4.70
CA CYS B 494 39.47 3.26 6.10
C CYS B 494 38.90 1.85 6.22
N TRP B 495 39.80 0.89 6.44
CA TRP B 495 39.43 -0.49 6.69
C TRP B 495 39.08 -0.70 8.16
N LEU B 496 38.53 -1.87 8.46
CA LEU B 496 38.25 -2.29 9.83
C LEU B 496 39.31 -3.30 10.26
N ASP B 497 40.05 -2.97 11.32
CA ASP B 497 41.09 -3.88 11.79
C ASP B 497 40.50 -5.19 12.29
N PHE B 498 39.29 -5.15 12.84
CA PHE B 498 38.66 -6.28 13.52
C PHE B 498 37.77 -7.07 12.55
N SER B 499 38.34 -7.46 11.42
CA SER B 499 37.54 -8.08 10.37
C SER B 499 37.52 -9.61 10.46
N GLY B 500 38.57 -10.22 11.00
CA GLY B 500 38.63 -11.66 11.06
C GLY B 500 37.90 -12.28 12.23
N ASP B 501 37.52 -11.48 13.23
CA ASP B 501 36.90 -12.03 14.44
C ASP B 501 35.51 -12.57 14.14
N PHE B 502 35.22 -13.76 14.66
CA PHE B 502 33.93 -14.38 14.45
C PHE B 502 33.69 -15.42 15.53
N ASP B 503 32.42 -15.77 15.71
CA ASP B 503 31.99 -16.84 16.60
C ASP B 503 31.15 -17.80 15.77
N PRO B 504 31.78 -18.74 15.06
CA PRO B 504 31.01 -19.62 14.18
C PRO B 504 30.09 -20.59 14.93
N ARG B 505 30.48 -21.04 16.12
CA ARG B 505 29.68 -22.03 16.82
C ARG B 505 28.32 -21.48 17.21
N PHE B 506 28.22 -20.19 17.52
CA PHE B 506 26.94 -19.59 17.84
C PHE B 506 25.96 -19.74 16.68
N PHE B 507 26.45 -19.73 15.45
CA PHE B 507 25.63 -19.76 14.25
C PHE B 507 25.58 -21.14 13.60
N GLY B 508 26.07 -22.16 14.29
CA GLY B 508 26.03 -23.51 13.76
C GLY B 508 26.89 -23.70 12.52
N ILE B 509 28.07 -23.09 12.50
CA ILE B 509 28.97 -23.13 11.36
C ILE B 509 30.27 -23.78 11.80
N SER B 510 30.78 -24.69 10.98
CA SER B 510 32.01 -25.37 11.31
C SER B 510 33.18 -24.40 11.30
N PRO B 511 34.15 -24.53 12.22
CA PRO B 511 35.31 -23.64 12.17
C PRO B 511 36.13 -23.79 10.90
N LYS B 512 36.00 -24.90 10.19
CA LYS B 512 36.65 -25.03 8.90
C LYS B 512 35.95 -24.21 7.83
N GLU B 513 34.63 -24.08 7.94
CA GLU B 513 33.86 -23.27 7.00
C GLU B 513 34.03 -21.78 7.21
N ALA B 514 34.42 -21.35 8.41
CA ALA B 514 34.45 -19.92 8.72
C ALA B 514 35.44 -19.15 7.86
N PRO B 515 36.67 -19.59 7.65
CA PRO B 515 37.59 -18.79 6.83
C PRO B 515 37.12 -18.59 5.40
N GLN B 516 36.31 -19.49 4.86
CA GLN B 516 35.79 -19.34 3.50
C GLN B 516 34.61 -18.41 3.41
N MET B 517 34.04 -17.98 4.53
CA MET B 517 32.93 -17.04 4.51
C MET B 517 33.45 -15.64 4.21
N ASP B 518 32.58 -14.82 3.62
CA ASP B 518 32.91 -13.43 3.39
C ASP B 518 32.90 -12.67 4.71
N PRO B 519 33.96 -11.93 5.05
CA PRO B 519 33.97 -11.24 6.36
C PRO B 519 32.76 -10.35 6.57
N ALA B 520 32.30 -9.68 5.52
CA ALA B 520 31.11 -8.85 5.65
C ALA B 520 29.92 -9.67 6.10
N GLN B 521 29.80 -10.91 5.61
CA GLN B 521 28.70 -11.77 6.01
C GLN B 521 28.76 -12.09 7.50
N ARG B 522 29.95 -12.38 8.01
CA ARG B 522 30.10 -12.73 9.42
C ARG B 522 29.81 -11.53 10.32
N MET B 523 30.33 -10.36 9.94
CA MET B 523 30.05 -9.17 10.72
C MET B 523 28.57 -8.81 10.66
N ALA B 524 27.92 -9.03 9.51
CA ALA B 524 26.49 -8.81 9.41
C ALA B 524 25.72 -9.75 10.33
N LEU B 525 26.16 -11.01 10.42
CA LEU B 525 25.51 -11.96 11.32
C LEU B 525 25.60 -11.48 12.77
N MET B 526 26.81 -11.14 13.21
CA MET B 526 26.98 -10.71 14.60
C MET B 526 26.22 -9.41 14.88
N SER B 527 26.28 -8.44 13.95
CA SER B 527 25.57 -7.19 14.14
C SER B 527 24.06 -7.41 14.18
N THR B 528 23.55 -8.32 13.34
CA THR B 528 22.13 -8.62 13.35
C THR B 528 21.71 -9.20 14.69
N TYR B 529 22.52 -10.12 15.24
CA TYR B 529 22.15 -10.65 16.54
C TYR B 529 22.19 -9.56 17.60
N GLU B 530 23.20 -8.68 17.55
CA GLU B 530 23.29 -7.60 18.53
C GLU B 530 22.09 -6.67 18.45
N ALA B 531 21.65 -6.34 17.23
CA ALA B 531 20.46 -5.50 17.08
C ALA B 531 19.23 -6.22 17.60
N MET B 532 19.13 -7.53 17.36
CA MET B 532 18.01 -8.30 17.88
C MET B 532 18.01 -8.32 19.40
N GLU B 533 19.19 -8.42 20.00
CA GLU B 533 19.30 -8.39 21.46
C GLU B 533 18.88 -7.03 22.02
N ARG B 534 19.27 -5.95 21.35
CA ARG B 534 19.00 -4.60 21.86
C ARG B 534 17.52 -4.25 21.85
N ALA B 535 16.73 -4.90 21.01
CA ALA B 535 15.29 -4.69 21.00
C ALA B 535 14.54 -5.67 21.89
N GLY B 536 15.25 -6.62 22.51
CA GLY B 536 14.57 -7.64 23.29
C GLY B 536 13.66 -8.51 22.45
N LEU B 537 14.09 -8.88 21.25
CA LEU B 537 13.27 -9.56 20.28
C LEU B 537 13.58 -11.06 20.32
N VAL B 538 12.55 -11.86 20.61
CA VAL B 538 12.64 -13.31 20.66
C VAL B 538 11.65 -13.86 19.64
N PRO B 539 12.09 -14.58 18.62
CA PRO B 539 11.15 -15.04 17.59
C PRO B 539 10.06 -15.94 18.13
N ASP B 540 8.87 -15.82 17.54
CA ASP B 540 7.71 -16.65 17.85
C ASP B 540 7.13 -16.37 19.23
N THR B 541 7.32 -15.15 19.75
CA THR B 541 6.78 -14.79 21.06
C THR B 541 5.72 -13.71 21.01
N THR B 542 5.63 -12.96 19.92
CA THR B 542 4.62 -11.93 19.73
C THR B 542 4.06 -12.07 18.32
N PRO B 543 2.90 -11.47 18.04
CA PRO B 543 2.34 -11.61 16.68
C PRO B 543 3.27 -11.12 15.60
N SER B 544 4.02 -10.04 15.86
CA SER B 544 4.88 -9.44 14.87
C SER B 544 6.23 -10.14 14.74
N THR B 545 6.54 -11.09 15.63
CA THR B 545 7.83 -11.76 15.61
C THR B 545 7.71 -13.25 15.28
N GLN B 546 6.62 -13.65 14.64
CA GLN B 546 6.55 -15.00 14.09
C GLN B 546 7.57 -15.13 12.97
N ARG B 547 8.26 -16.27 12.93
CA ARG B 547 9.41 -16.41 12.05
C ARG B 547 9.07 -16.16 10.59
N ASP B 548 7.82 -16.38 10.21
CA ASP B 548 7.38 -16.22 8.83
C ASP B 548 6.96 -14.78 8.51
N ARG B 549 7.08 -13.86 9.47
CA ARG B 549 6.73 -12.46 9.26
C ARG B 549 7.94 -11.53 9.34
N ILE B 550 9.14 -12.08 9.25
CA ILE B 550 10.38 -11.31 9.38
C ILE B 550 11.12 -11.39 8.06
N GLY B 551 11.37 -10.23 7.44
CA GLY B 551 12.11 -10.16 6.20
C GLY B 551 13.49 -9.55 6.36
N VAL B 552 14.37 -9.76 5.38
CA VAL B 552 15.72 -9.23 5.42
C VAL B 552 15.95 -8.44 4.13
N PHE B 553 16.37 -7.18 4.28
CA PHE B 553 16.59 -6.27 3.16
C PHE B 553 18.01 -5.73 3.26
N HIS B 554 18.93 -6.31 2.51
CA HIS B 554 20.32 -5.88 2.53
C HIS B 554 20.65 -5.02 1.32
N GLY B 555 21.55 -4.07 1.53
CA GLY B 555 22.05 -3.24 0.44
C GLY B 555 23.55 -3.34 0.31
N VAL B 556 24.03 -3.93 -0.77
CA VAL B 556 25.45 -4.14 -1.00
C VAL B 556 25.73 -3.87 -2.47
N THR B 557 26.86 -3.24 -2.76
CA THR B 557 27.23 -2.89 -4.12
C THR B 557 28.53 -3.53 -4.58
N SER B 558 29.53 -3.64 -3.70
CA SER B 558 30.81 -4.23 -4.05
C SER B 558 31.15 -5.31 -3.03
N ASN B 559 31.39 -6.53 -3.52
CA ASN B 559 31.70 -7.68 -2.69
C ASN B 559 33.16 -8.05 -2.90
N ASP B 560 33.97 -7.93 -1.84
CA ASP B 560 35.41 -8.14 -1.92
C ASP B 560 35.75 -9.50 -1.33
N TRP B 561 36.45 -10.32 -2.11
CA TRP B 561 36.86 -11.67 -1.69
C TRP B 561 35.67 -12.46 -1.16
N MET B 562 34.54 -12.32 -1.85
CA MET B 562 33.32 -13.07 -1.56
C MET B 562 33.03 -14.14 -2.59
N GLU B 563 33.33 -13.87 -3.86
CA GLU B 563 32.98 -14.78 -4.95
C GLU B 563 34.07 -14.96 -5.99
N THR B 564 35.11 -14.12 -6.01
CA THR B 564 36.06 -14.11 -7.13
C THR B 564 37.50 -14.41 -6.71
N ASN B 565 38.02 -13.74 -5.68
CA ASN B 565 39.46 -13.75 -5.47
C ASN B 565 39.99 -15.12 -5.05
N THR B 566 39.34 -15.75 -4.08
CA THR B 566 39.88 -16.94 -3.42
C THR B 566 40.57 -17.94 -4.33
N ALA B 567 41.84 -18.23 -4.02
CA ALA B 567 42.62 -19.21 -4.78
C ALA B 567 43.39 -20.20 -3.92
N GLN B 568 43.70 -19.87 -2.65
CA GLN B 568 44.47 -20.78 -1.83
C GLN B 568 43.73 -22.10 -1.62
N ASN B 569 42.43 -22.03 -1.37
CA ASN B 569 41.60 -23.21 -1.16
C ASN B 569 40.30 -23.06 -1.92
N ILE B 570 39.83 -24.16 -2.50
CA ILE B 570 38.55 -24.21 -3.20
C ILE B 570 37.87 -25.53 -2.85
N ASP B 571 36.56 -25.46 -2.60
CA ASP B 571 35.76 -26.64 -2.31
C ASP B 571 34.42 -26.50 -3.03
N THR B 572 33.57 -27.51 -2.89
CA THR B 572 32.25 -27.46 -3.53
C THR B 572 31.40 -26.33 -2.93
N TYR B 573 31.48 -26.13 -1.62
CA TYR B 573 30.74 -25.06 -0.95
C TYR B 573 31.57 -23.78 -0.90
N PHE B 574 31.99 -23.33 -2.09
CA PHE B 574 32.77 -22.11 -2.24
C PHE B 574 31.98 -21.00 -2.91
N ILE B 575 31.45 -21.25 -4.10
CA ILE B 575 30.60 -20.26 -4.76
C ILE B 575 29.18 -20.34 -4.23
N THR B 576 28.72 -21.54 -3.92
CA THR B 576 27.41 -21.71 -3.30
C THR B 576 27.47 -21.24 -1.86
N GLY B 577 26.53 -20.38 -1.48
CA GLY B 577 26.47 -19.83 -0.13
C GLY B 577 26.97 -18.41 -0.01
N GLY B 578 27.63 -17.88 -1.03
CA GLY B 578 28.20 -16.55 -0.93
C GLY B 578 28.21 -15.73 -2.21
N ASN B 579 27.36 -16.04 -3.19
CA ASN B 579 27.49 -15.39 -4.49
C ASN B 579 27.31 -13.88 -4.36
N ARG B 580 26.07 -13.40 -4.20
CA ARG B 580 25.84 -12.10 -3.56
C ARG B 580 24.53 -12.10 -2.77
N GLY B 581 23.59 -12.95 -3.17
CA GLY B 581 22.28 -13.02 -2.56
C GLY B 581 22.24 -13.81 -1.29
N PHE B 582 23.38 -14.34 -0.87
CA PHE B 582 23.47 -15.17 0.32
C PHE B 582 23.76 -14.37 1.57
N ILE B 583 23.91 -13.05 1.48
CA ILE B 583 24.02 -12.25 2.70
C ILE B 583 22.63 -12.28 3.35
N PRO B 584 21.59 -11.71 2.72
CA PRO B 584 20.26 -11.86 3.30
C PRO B 584 19.79 -13.30 3.37
N GLY B 585 20.19 -14.15 2.41
CA GLY B 585 19.82 -15.54 2.47
C GLY B 585 20.42 -16.27 3.66
N ARG B 586 21.70 -16.03 3.93
CA ARG B 586 22.33 -16.64 5.09
C ARG B 586 21.77 -16.07 6.39
N ILE B 587 21.42 -14.78 6.42
CA ILE B 587 20.75 -14.25 7.60
C ILE B 587 19.42 -14.95 7.80
N ASN B 588 18.68 -15.17 6.70
CA ASN B 588 17.40 -15.86 6.80
C ASN B 588 17.57 -17.28 7.34
N PHE B 589 18.58 -18.00 6.85
CA PHE B 589 18.76 -19.38 7.29
C PHE B 589 19.28 -19.45 8.71
N CYS B 590 20.28 -18.64 9.03
CA CYS B 590 20.91 -18.72 10.35
C CYS B 590 19.94 -18.34 11.46
N PHE B 591 19.13 -17.31 11.24
CA PHE B 591 18.16 -16.87 12.24
C PHE B 591 16.78 -17.46 12.02
N GLU B 592 16.59 -18.23 10.95
CA GLU B 592 15.31 -18.89 10.66
C GLU B 592 14.21 -17.87 10.40
N PHE B 593 14.55 -16.84 9.63
CA PHE B 593 13.57 -15.85 9.19
C PHE B 593 12.99 -16.31 7.86
N ALA B 594 11.67 -16.52 7.83
CA ALA B 594 11.02 -17.13 6.69
C ALA B 594 10.16 -16.14 5.90
N GLY B 595 10.46 -14.85 5.99
CA GLY B 595 9.78 -13.84 5.22
C GLY B 595 10.56 -13.48 3.98
N PRO B 596 10.14 -12.43 3.29
CA PRO B 596 10.83 -12.03 2.05
C PRO B 596 12.27 -11.62 2.30
N SER B 597 13.09 -11.74 1.25
CA SER B 597 14.52 -11.49 1.34
C SER B 597 15.00 -10.87 0.04
N TYR B 598 15.72 -9.76 0.13
CA TYR B 598 16.13 -8.99 -1.03
C TYR B 598 17.54 -8.46 -0.83
N THR B 599 18.20 -8.18 -1.96
CA THR B 599 19.46 -7.44 -1.98
C THR B 599 19.36 -6.35 -3.03
N ASN B 600 20.00 -5.21 -2.76
CA ASN B 600 19.89 -4.02 -3.59
C ASN B 600 21.27 -3.54 -4.00
N ASP B 601 21.38 -3.06 -5.25
CA ASP B 601 22.61 -2.51 -5.80
C ASP B 601 22.26 -1.18 -6.46
N THR B 602 22.51 -0.09 -5.73
CA THR B 602 22.15 1.27 -6.13
C THR B 602 23.34 2.16 -5.78
N ALA B 603 24.50 1.84 -6.36
CA ALA B 603 25.76 1.70 -5.64
C ALA B 603 25.95 2.55 -4.39
N CYS B 604 25.89 3.87 -4.48
CA CYS B 604 26.20 4.69 -3.31
C CYS B 604 24.99 5.00 -2.45
N SER B 605 23.81 4.49 -2.81
CA SER B 605 22.63 4.59 -1.97
C SER B 605 21.97 3.24 -1.80
N SER B 606 22.77 2.17 -1.81
CA SER B 606 22.20 0.82 -1.70
C SER B 606 21.52 0.60 -0.36
N SER B 607 22.13 1.04 0.74
CA SER B 607 21.56 0.80 2.06
C SER B 607 20.30 1.63 2.28
N LEU B 608 20.31 2.89 1.87
CA LEU B 608 19.12 3.71 2.07
C LEU B 608 17.99 3.27 1.15
N ALA B 609 18.32 2.84 -0.08
CA ALA B 609 17.30 2.28 -0.96
C ALA B 609 16.79 0.94 -0.45
N ALA B 610 17.64 0.14 0.19
CA ALA B 610 17.19 -1.09 0.83
C ALA B 610 16.28 -0.81 2.01
N ILE B 611 16.58 0.25 2.77
CA ILE B 611 15.66 0.68 3.83
C ILE B 611 14.33 1.13 3.24
N HIS B 612 14.38 1.79 2.08
CA HIS B 612 13.16 2.17 1.39
C HIS B 612 12.35 0.93 0.99
N LEU B 613 13.03 -0.11 0.48
CA LEU B 613 12.35 -1.34 0.12
C LEU B 613 11.75 -2.03 1.34
N ALA B 614 12.47 -2.04 2.45
CA ALA B 614 11.95 -2.61 3.69
C ALA B 614 10.72 -1.85 4.16
N CYS B 615 10.77 -0.52 4.08
CA CYS B 615 9.62 0.29 4.46
C CYS B 615 8.44 0.00 3.55
N ASN B 616 8.70 -0.20 2.26
CA ASN B 616 7.63 -0.51 1.32
C ASN B 616 7.00 -1.86 1.64
N SER B 617 7.83 -2.86 1.99
CA SER B 617 7.30 -4.16 2.39
C SER B 617 6.46 -4.05 3.65
N LEU B 618 6.89 -3.23 4.61
CA LEU B 618 6.11 -3.06 5.84
C LEU B 618 4.81 -2.30 5.57
N TRP B 619 4.83 -1.34 4.65
CA TRP B 619 3.62 -0.59 4.33
C TRP B 619 2.65 -1.43 3.51
N ARG B 620 3.15 -2.37 2.71
CA ARG B 620 2.28 -3.26 1.96
C ARG B 620 1.70 -4.36 2.82
N GLY B 621 2.44 -4.82 3.83
CA GLY B 621 2.03 -5.93 4.65
C GLY B 621 2.76 -7.23 4.40
N ASP B 622 3.79 -7.22 3.55
CA ASP B 622 4.52 -8.45 3.27
C ASP B 622 5.25 -8.99 4.49
N CYS B 623 5.56 -8.14 5.45
CA CYS B 623 6.25 -8.57 6.67
C CYS B 623 5.74 -7.74 7.84
N ASP B 624 6.02 -8.23 9.05
CA ASP B 624 5.72 -7.50 10.28
C ASP B 624 6.97 -6.92 10.91
N THR B 625 8.15 -7.47 10.61
CA THR B 625 9.42 -6.97 11.11
C THR B 625 10.41 -7.04 9.97
N ALA B 626 11.24 -6.01 9.83
CA ALA B 626 12.22 -5.93 8.76
C ALA B 626 13.61 -5.77 9.34
N VAL B 627 14.57 -6.44 8.72
CA VAL B 627 15.98 -6.29 9.07
C VAL B 627 16.68 -5.62 7.91
N ALA B 628 16.80 -4.30 7.96
CA ALA B 628 17.42 -3.52 6.90
C ALA B 628 18.85 -3.16 7.30
N GLY B 629 19.79 -3.37 6.40
CA GLY B 629 21.17 -3.07 6.68
C GLY B 629 21.95 -2.86 5.41
N GLY B 630 23.27 -2.82 5.57
CA GLY B 630 24.16 -2.71 4.43
C GLY B 630 25.57 -2.98 4.85
N THR B 631 26.39 -3.37 3.88
CA THR B 631 27.80 -3.62 4.11
C THR B 631 28.61 -3.00 3.00
N ASN B 632 29.86 -2.68 3.29
CA ASN B 632 30.81 -2.26 2.27
C ASN B 632 32.18 -2.75 2.68
N MET B 633 32.80 -3.57 1.84
CA MET B 633 34.11 -4.13 2.10
C MET B 633 35.03 -3.80 0.94
N ILE B 634 36.30 -3.52 1.25
CA ILE B 634 37.29 -3.20 0.23
C ILE B 634 38.42 -4.21 0.33
N TYR B 635 38.09 -5.45 0.71
CA TYR B 635 39.13 -6.45 0.96
C TYR B 635 40.06 -6.59 -0.24
N THR B 636 39.53 -6.46 -1.45
CA THR B 636 40.36 -6.40 -2.65
C THR B 636 40.54 -4.94 -3.02
N PRO B 637 41.75 -4.39 -2.98
CA PRO B 637 41.94 -2.97 -3.32
C PRO B 637 41.94 -2.67 -4.80
N ASP B 638 41.49 -3.61 -5.65
CA ASP B 638 41.45 -3.35 -7.08
C ASP B 638 40.56 -2.16 -7.41
N GLY B 639 39.52 -1.92 -6.62
CA GLY B 639 38.62 -0.81 -6.87
C GLY B 639 39.29 0.54 -6.84
N HIS B 640 40.44 0.65 -6.17
CA HIS B 640 41.14 1.93 -6.10
C HIS B 640 41.57 2.39 -7.49
N THR B 641 42.08 1.47 -8.31
CA THR B 641 42.63 1.85 -9.61
C THR B 641 41.56 2.45 -10.52
N GLY B 642 40.37 1.84 -10.55
CA GLY B 642 39.36 2.26 -11.50
C GLY B 642 38.90 3.69 -11.29
N LEU B 643 38.63 4.05 -10.03
CA LEU B 643 38.10 5.38 -9.75
C LEU B 643 39.15 6.48 -9.89
N ASP B 644 40.42 6.15 -9.65
CA ASP B 644 41.49 7.16 -9.67
C ASP B 644 41.99 7.41 -11.10
N LYS B 645 41.07 7.73 -12.00
CA LYS B 645 41.42 8.03 -13.38
C LYS B 645 40.85 9.36 -13.85
N GLY B 646 39.63 9.70 -13.44
CA GLY B 646 39.03 10.97 -13.79
C GLY B 646 39.15 11.99 -12.66
N PHE B 647 40.08 11.74 -11.74
CA PHE B 647 40.27 12.53 -10.53
C PHE B 647 39.12 12.38 -9.55
N PHE B 648 38.28 11.36 -9.72
CA PHE B 648 37.15 11.18 -8.82
C PHE B 648 37.62 10.88 -7.40
N LEU B 649 38.63 10.02 -7.26
CA LEU B 649 39.15 9.68 -5.95
C LEU B 649 40.07 10.80 -5.43
N SER B 650 40.50 10.64 -4.19
CA SER B 650 41.30 11.64 -3.50
C SER B 650 42.71 11.11 -3.22
N ARG B 651 43.70 11.97 -3.41
CA ARG B 651 45.09 11.69 -3.05
C ARG B 651 45.46 12.33 -1.71
N THR B 652 44.48 12.45 -0.81
CA THR B 652 44.65 13.17 0.45
C THR B 652 43.83 12.44 1.51
N GLY B 653 43.45 13.16 2.57
CA GLY B 653 42.84 12.53 3.73
C GLY B 653 41.38 12.19 3.55
N ASN B 654 40.58 12.49 4.56
CA ASN B 654 39.19 12.04 4.60
C ASN B 654 38.36 12.84 3.58
N CYS B 655 37.03 12.67 3.65
CA CYS B 655 36.16 13.23 2.63
C CYS B 655 36.29 14.74 2.55
N LYS B 656 36.38 15.41 3.70
CA LYS B 656 36.44 16.86 3.72
C LYS B 656 35.27 17.45 2.95
N PRO B 657 34.04 17.40 3.49
CA PRO B 657 32.88 17.91 2.75
C PRO B 657 32.93 19.41 2.53
N TYR B 658 31.85 19.96 1.98
CA TYR B 658 31.82 21.30 1.40
C TYR B 658 32.74 22.29 2.11
N ASP B 659 33.62 22.91 1.35
CA ASP B 659 34.57 23.92 1.79
C ASP B 659 35.36 24.33 0.55
N ASP B 660 36.19 25.36 0.69
CA ASP B 660 37.16 25.69 -0.35
C ASP B 660 38.45 24.91 -0.17
N LYS B 661 38.31 23.60 0.07
CA LYS B 661 39.45 22.71 0.20
C LYS B 661 39.19 21.32 -0.35
N ALA B 662 38.03 21.06 -0.96
CA ALA B 662 37.64 19.71 -1.34
C ALA B 662 38.40 19.24 -2.57
N ASP B 663 38.86 17.99 -2.54
CA ASP B 663 39.54 17.39 -3.68
C ASP B 663 39.11 15.95 -3.95
N GLY B 664 38.25 15.36 -3.15
CA GLY B 664 37.83 13.99 -3.36
C GLY B 664 37.34 13.37 -2.06
N TYR B 665 37.17 12.06 -2.10
CA TYR B 665 36.71 11.29 -0.95
C TYR B 665 37.56 10.03 -0.80
N CYS B 666 37.59 9.52 0.43
CA CYS B 666 38.33 8.31 0.78
C CYS B 666 37.34 7.19 1.05
N ARG B 667 37.55 6.04 0.41
CA ARG B 667 36.68 4.90 0.60
C ARG B 667 36.81 4.34 2.01
N ALA B 668 35.71 3.81 2.54
CA ALA B 668 35.66 3.25 3.88
C ALA B 668 34.79 2.00 3.88
N GLU B 669 35.07 1.11 4.82
CA GLU B 669 34.27 -0.09 5.03
C GLU B 669 33.34 0.11 6.22
N GLY B 670 32.37 -0.79 6.34
CA GLY B 670 31.48 -0.74 7.49
C GLY B 670 30.37 -1.76 7.38
N VAL B 671 29.68 -1.94 8.49
CA VAL B 671 28.48 -2.75 8.60
C VAL B 671 27.44 -1.94 9.36
N GLY B 672 26.18 -2.22 9.09
CA GLY B 672 25.12 -1.50 9.77
C GLY B 672 23.80 -2.21 9.67
N THR B 673 23.09 -2.30 10.78
CA THR B 673 21.82 -3.00 10.86
C THR B 673 20.84 -2.15 11.64
N VAL B 674 19.58 -2.18 11.25
CA VAL B 674 18.49 -1.61 12.03
C VAL B 674 17.30 -2.55 11.94
N PHE B 675 16.54 -2.64 13.02
CA PHE B 675 15.30 -3.40 13.04
C PHE B 675 14.13 -2.43 12.96
N ILE B 676 13.22 -2.68 12.04
CA ILE B 676 12.09 -1.79 11.79
C ILE B 676 10.80 -2.58 11.94
N LYS B 677 9.83 -1.98 12.61
CA LYS B 677 8.47 -2.49 12.70
C LYS B 677 7.53 -1.35 12.33
N ARG B 678 6.24 -1.65 12.34
CA ARG B 678 5.25 -0.59 12.38
C ARG B 678 5.11 -0.11 13.82
N LEU B 679 4.83 1.18 13.97
CA LEU B 679 4.82 1.77 15.31
C LEU B 679 3.84 1.06 16.23
N GLU B 680 2.71 0.59 15.70
CA GLU B 680 1.74 -0.12 16.51
C GLU B 680 2.34 -1.38 17.12
N ASP B 681 3.08 -2.15 16.32
CA ASP B 681 3.64 -3.41 16.80
C ASP B 681 4.73 -3.17 17.83
N ALA B 682 5.52 -2.11 17.67
CA ALA B 682 6.55 -1.80 18.64
C ALA B 682 5.96 -1.26 19.93
N LEU B 683 4.86 -0.52 19.85
CA LEU B 683 4.19 -0.07 21.06
C LEU B 683 3.54 -1.22 21.81
N ALA B 684 2.99 -2.19 21.09
CA ALA B 684 2.36 -3.33 21.75
C ALA B 684 3.37 -4.27 22.36
N ASP B 685 4.57 -4.36 21.79
CA ASP B 685 5.60 -5.26 22.27
C ASP B 685 6.47 -4.66 23.37
N ASN B 686 6.21 -3.41 23.76
CA ASN B 686 7.03 -2.72 24.76
C ASN B 686 8.48 -2.62 24.30
N ASP B 687 8.66 -2.35 23.01
CA ASP B 687 9.99 -2.32 22.44
C ASP B 687 10.65 -0.95 22.64
N PRO B 688 11.98 -0.89 22.67
CA PRO B 688 12.68 0.40 22.81
C PRO B 688 12.82 1.17 21.50
N ILE B 689 11.82 1.99 21.17
CA ILE B 689 11.86 2.75 19.92
C ILE B 689 12.98 3.79 19.98
N LEU B 690 13.84 3.76 18.95
CA LEU B 690 14.94 4.71 18.82
C LEU B 690 14.54 5.96 18.05
N GLY B 691 13.69 5.79 17.03
CA GLY B 691 13.22 6.88 16.21
C GLY B 691 12.13 6.35 15.31
N VAL B 692 11.51 7.25 14.56
CA VAL B 692 10.38 6.93 13.70
C VAL B 692 10.68 7.40 12.29
N ILE B 693 10.45 6.52 11.30
CA ILE B 693 10.56 6.89 9.89
C ILE B 693 9.21 7.39 9.41
N LEU B 694 9.22 8.55 8.77
CA LEU B 694 8.00 9.16 8.25
C LEU B 694 7.83 8.97 6.75
N ASP B 695 8.92 9.00 5.98
CA ASP B 695 8.82 8.90 4.54
C ASP B 695 10.16 8.50 3.95
N ALA B 696 10.11 7.68 2.92
CA ALA B 696 11.26 7.36 2.08
C ALA B 696 10.88 7.68 0.65
N LYS B 697 11.83 8.24 -0.10
CA LYS B 697 11.57 8.69 -1.47
C LYS B 697 12.81 8.41 -2.31
N THR B 698 12.57 7.99 -3.55
CA THR B 698 13.65 7.70 -4.49
C THR B 698 13.27 8.22 -5.87
N ASN B 699 14.25 8.83 -6.56
CA ASN B 699 14.06 9.24 -7.94
C ASN B 699 15.41 9.18 -8.63
N HIS B 700 15.43 9.60 -9.89
CA HIS B 700 16.62 9.53 -10.72
C HIS B 700 16.87 10.88 -11.36
N SER B 701 18.14 11.28 -11.41
CA SER B 701 18.55 12.50 -12.09
C SER B 701 18.90 12.18 -13.54
N ALA B 702 17.89 11.67 -14.25
CA ALA B 702 18.08 11.18 -15.61
C ALA B 702 18.22 12.30 -16.62
N MET B 703 17.63 13.46 -16.34
CA MET B 703 17.71 14.60 -17.25
C MET B 703 18.92 15.47 -16.90
N SER B 704 20.08 14.84 -16.93
CA SER B 704 21.34 15.50 -16.64
C SER B 704 22.30 15.30 -17.81
N GLU B 705 23.32 16.16 -17.87
CA GLU B 705 24.32 16.04 -18.93
C GLU B 705 24.96 14.66 -18.92
N SER B 706 25.16 14.10 -17.72
CA SER B 706 25.70 12.77 -17.57
C SER B 706 25.15 12.17 -16.28
N MET B 707 25.24 10.84 -16.18
CA MET B 707 24.80 10.18 -14.95
C MET B 707 25.62 10.64 -13.76
N THR B 708 26.93 10.81 -13.94
CA THR B 708 27.79 11.24 -12.86
C THR B 708 27.41 12.63 -12.37
N ARG B 709 27.12 13.55 -13.29
CA ARG B 709 26.83 14.92 -12.90
C ARG B 709 25.56 14.98 -12.07
N PRO B 710 25.57 15.60 -10.90
CA PRO B 710 24.34 15.74 -10.14
C PRO B 710 23.49 16.90 -10.65
N HIS B 711 22.18 16.74 -10.52
CA HIS B 711 21.21 17.69 -11.01
C HIS B 711 20.51 18.34 -9.81
N VAL B 712 20.56 19.67 -9.75
CA VAL B 712 19.94 20.37 -8.62
C VAL B 712 18.43 20.18 -8.63
N GLY B 713 17.82 20.20 -9.82
CA GLY B 713 16.38 20.05 -9.91
C GLY B 713 15.89 18.72 -9.40
N ALA B 714 16.61 17.63 -9.72
CA ALA B 714 16.19 16.31 -9.28
C ALA B 714 16.25 16.18 -7.76
N GLN B 715 17.32 16.65 -7.14
CA GLN B 715 17.43 16.59 -5.69
C GLN B 715 16.38 17.47 -5.02
N ILE B 716 16.13 18.65 -5.57
CA ILE B 716 15.07 19.50 -5.04
C ILE B 716 13.74 18.78 -5.12
N ASP B 717 13.47 18.12 -6.25
CA ASP B 717 12.21 17.40 -6.41
C ASP B 717 12.09 16.27 -5.40
N ASN B 718 13.17 15.55 -5.15
CA ASN B 718 13.11 14.45 -4.18
C ASN B 718 12.85 14.96 -2.77
N MET B 719 13.58 15.99 -2.34
CA MET B 719 13.37 16.52 -1.00
C MET B 719 11.98 17.11 -0.85
N THR B 720 11.50 17.80 -1.89
CA THR B 720 10.15 18.35 -1.86
C THR B 720 9.10 17.25 -1.81
N ALA B 721 9.34 16.14 -2.51
CA ALA B 721 8.40 15.03 -2.45
C ALA B 721 8.32 14.46 -1.05
N ALA B 722 9.47 14.28 -0.39
CA ALA B 722 9.47 13.79 0.97
C ALA B 722 8.73 14.74 1.89
N LEU B 723 9.00 16.05 1.75
CA LEU B 723 8.32 17.04 2.59
C LEU B 723 6.82 17.04 2.36
N ASN B 724 6.39 16.97 1.10
CA ASN B 724 4.97 16.94 0.80
C ASN B 724 4.31 15.72 1.42
N THR B 725 4.97 14.57 1.33
CA THR B 725 4.39 13.35 1.89
C THR B 725 4.24 13.46 3.40
N THR B 726 5.26 13.97 4.09
CA THR B 726 5.17 14.05 5.54
C THR B 726 4.26 15.16 6.02
N GLY B 727 4.03 16.19 5.21
CA GLY B 727 3.19 17.29 5.62
C GLY B 727 3.83 18.25 6.59
N LEU B 728 5.16 18.31 6.62
CA LEU B 728 5.89 19.15 7.55
C LEU B 728 6.41 20.39 6.84
N HIS B 729 6.56 21.47 7.60
CA HIS B 729 7.13 22.69 7.10
C HIS B 729 8.66 22.61 7.12
N PRO B 730 9.36 23.32 6.24
CA PRO B 730 10.83 23.29 6.29
C PRO B 730 11.42 23.81 7.60
N ASN B 731 10.64 24.51 8.42
CA ASN B 731 11.13 25.04 9.68
C ASN B 731 11.02 24.05 10.82
N ASP B 732 10.41 22.88 10.60
CA ASP B 732 10.33 21.84 11.61
C ASP B 732 11.60 21.01 11.70
N PHE B 733 12.56 21.25 10.81
CA PHE B 733 13.77 20.43 10.73
C PHE B 733 14.92 21.19 11.38
N SER B 734 15.58 20.56 12.34
CA SER B 734 16.69 21.15 13.06
C SER B 734 18.04 20.65 12.59
N TYR B 735 18.08 19.60 11.78
CA TYR B 735 19.33 19.05 11.29
C TYR B 735 19.11 18.47 9.91
N ILE B 736 20.09 18.65 9.03
CA ILE B 736 20.13 17.99 7.73
C ILE B 736 21.40 17.16 7.70
N GLU B 737 21.25 15.86 7.54
CA GLU B 737 22.38 14.94 7.38
C GLU B 737 22.64 14.84 5.89
N MET B 738 23.68 15.52 5.43
CA MET B 738 23.94 15.65 4.00
C MET B 738 24.79 14.49 3.50
N HIS B 739 24.69 14.23 2.20
CA HIS B 739 25.52 13.21 1.59
C HIS B 739 26.98 13.62 1.60
N GLY B 740 27.26 14.90 1.45
CA GLY B 740 28.61 15.43 1.54
C GLY B 740 29.64 14.59 0.81
N THR B 741 29.43 14.39 -0.49
CA THR B 741 30.28 13.47 -1.25
C THR B 741 31.76 13.83 -1.12
N GLY B 742 32.08 15.11 -0.93
CA GLY B 742 33.44 15.55 -0.77
C GLY B 742 34.08 16.11 -2.02
N THR B 743 33.40 16.06 -3.16
CA THR B 743 33.91 16.66 -4.38
C THR B 743 33.77 18.18 -4.31
N GLN B 744 34.64 18.87 -5.04
CA GLN B 744 34.63 20.33 -5.02
C GLN B 744 33.31 20.87 -5.57
N VAL B 745 32.79 20.26 -6.64
CA VAL B 745 31.55 20.73 -7.25
C VAL B 745 30.39 19.88 -6.76
N GLY B 746 30.67 18.64 -6.36
CA GLY B 746 29.60 17.76 -5.93
C GLY B 746 28.83 18.32 -4.76
N ASP B 747 29.54 18.88 -3.77
CA ASP B 747 28.86 19.40 -2.59
C ASP B 747 28.16 20.72 -2.89
N ALA B 748 28.65 21.47 -3.88
CA ALA B 748 28.01 22.74 -4.21
C ALA B 748 26.57 22.53 -4.66
N VAL B 749 26.32 21.53 -5.49
CA VAL B 749 24.97 21.27 -5.98
C VAL B 749 24.04 20.92 -4.83
N GLU B 750 24.50 20.09 -3.90
CA GLU B 750 23.67 19.67 -2.79
C GLU B 750 23.37 20.82 -1.84
N MET B 751 24.32 21.74 -1.67
CA MET B 751 24.09 22.85 -0.76
C MET B 751 23.00 23.79 -1.27
N GLU B 752 23.01 24.11 -2.57
CA GLU B 752 21.95 24.96 -3.09
C GLU B 752 20.60 24.24 -3.08
N SER B 753 20.59 22.93 -3.29
CA SER B 753 19.35 22.17 -3.14
C SER B 753 18.82 22.28 -1.73
N VAL B 754 19.70 22.09 -0.73
CA VAL B 754 19.29 22.16 0.66
C VAL B 754 18.74 23.55 0.98
N LEU B 755 19.46 24.59 0.58
CA LEU B 755 19.02 25.95 0.88
C LEU B 755 17.71 26.28 0.17
N SER B 756 17.57 25.87 -1.09
CA SER B 756 16.33 26.12 -1.80
C SER B 756 15.16 25.44 -1.12
N VAL B 757 15.38 24.25 -0.57
CA VAL B 757 14.28 23.55 0.09
C VAL B 757 14.04 24.08 1.50
N PHE B 758 15.12 24.35 2.25
CA PHE B 758 15.00 24.54 3.70
C PHE B 758 15.26 25.96 4.17
N ALA B 759 16.24 26.67 3.63
CA ALA B 759 16.52 28.05 4.00
C ALA B 759 16.60 28.89 2.74
N PRO B 760 15.46 29.12 2.09
CA PRO B 760 15.49 29.73 0.74
C PRO B 760 16.07 31.14 0.70
N SER B 761 15.96 31.91 1.77
CA SER B 761 16.35 33.31 1.71
C SER B 761 16.72 33.80 3.10
N GLU B 762 17.33 34.98 3.15
CA GLU B 762 17.49 35.68 4.41
C GLU B 762 16.12 36.19 4.85
N THR B 763 15.91 36.24 6.16
CA THR B 763 14.60 36.52 6.72
C THR B 763 13.56 35.52 6.24
N ALA B 764 14.00 34.36 5.76
CA ALA B 764 13.09 33.28 5.45
C ALA B 764 12.44 32.87 6.76
N ARG B 765 11.53 31.89 6.71
CA ARG B 765 10.80 31.53 7.91
C ARG B 765 11.74 31.20 9.07
N LYS B 766 13.05 31.02 8.81
CA LYS B 766 14.03 30.92 9.87
C LYS B 766 14.24 32.23 10.61
N ALA B 767 13.74 32.31 11.85
CA ALA B 767 13.86 33.50 12.67
C ALA B 767 14.68 33.25 13.92
N ASP B 768 14.30 32.26 14.73
CA ASP B 768 15.04 31.87 15.93
C ASP B 768 15.20 30.36 15.98
N GLN B 769 15.00 29.68 14.85
CA GLN B 769 15.05 28.22 14.76
C GLN B 769 16.20 27.87 13.82
N PRO B 770 17.41 27.68 14.33
CA PRO B 770 18.54 27.42 13.45
C PRO B 770 18.46 26.07 12.77
N LEU B 771 19.08 25.98 11.60
CA LEU B 771 19.26 24.74 10.89
C LEU B 771 20.74 24.42 10.84
N PHE B 772 21.10 23.23 11.29
CA PHE B 772 22.48 22.76 11.22
C PHE B 772 22.60 21.70 10.14
N VAL B 773 23.78 21.62 9.55
CA VAL B 773 24.07 20.65 8.51
C VAL B 773 25.38 19.96 8.83
N GLY B 774 25.52 18.75 8.31
CA GLY B 774 26.74 17.99 8.52
C GLY B 774 26.59 16.64 7.88
N SER B 775 27.63 15.83 8.02
CA SER B 775 27.61 14.51 7.42
C SER B 775 28.59 13.60 8.16
N ALA B 776 28.21 12.34 8.32
CA ALA B 776 29.12 11.35 8.88
C ALA B 776 30.30 11.06 7.96
N LYS B 777 30.24 11.51 6.71
CA LYS B 777 31.37 11.33 5.80
C LYS B 777 32.59 12.13 6.23
N ALA B 778 32.41 13.13 7.07
CA ALA B 778 33.56 13.89 7.58
C ALA B 778 34.31 13.11 8.65
N ASN B 779 33.63 12.21 9.37
CA ASN B 779 34.23 11.50 10.48
C ASN B 779 34.78 10.13 10.08
N VAL B 780 34.07 9.39 9.23
CA VAL B 780 34.42 8.01 8.92
C VAL B 780 34.71 7.78 7.45
N GLY B 781 34.43 8.74 6.57
CA GLY B 781 34.66 8.57 5.15
C GLY B 781 33.40 8.21 4.41
N HIS B 782 33.58 7.84 3.14
CA HIS B 782 32.48 7.53 2.25
C HIS B 782 32.30 6.00 2.18
N GLY B 783 31.13 5.54 2.62
CA GLY B 783 30.89 4.12 2.75
C GLY B 783 30.42 3.42 1.49
N GLU B 784 29.91 4.18 0.52
CA GLU B 784 29.61 3.64 -0.81
C GLU B 784 28.70 2.42 -0.73
N GLY B 785 27.70 2.47 0.14
CA GLY B 785 26.84 1.33 0.34
C GLY B 785 26.44 1.13 1.78
N VAL B 786 27.27 1.62 2.71
CA VAL B 786 26.87 1.77 4.11
C VAL B 786 26.65 3.23 4.47
N SER B 787 26.72 4.14 3.49
CA SER B 787 26.53 5.55 3.81
C SER B 787 25.15 5.81 4.40
N GLY B 788 24.13 5.15 3.85
CA GLY B 788 22.78 5.39 4.35
C GLY B 788 22.58 4.86 5.76
N VAL B 789 22.98 3.62 6.01
CA VAL B 789 22.86 3.08 7.36
C VAL B 789 23.78 3.83 8.31
N THR B 790 24.98 4.17 7.86
CA THR B 790 25.90 4.92 8.72
C THR B 790 25.28 6.24 9.14
N SER B 791 24.69 6.95 8.19
CA SER B 791 24.08 8.25 8.49
C SER B 791 22.87 8.09 9.39
N LEU B 792 22.04 7.08 9.16
CA LEU B 792 20.90 6.85 10.02
C LEU B 792 21.33 6.51 11.45
N ILE B 793 22.36 5.67 11.58
CA ILE B 793 22.85 5.31 12.92
C ILE B 793 23.42 6.53 13.62
N LYS B 794 24.16 7.37 12.89
CA LYS B 794 24.67 8.60 13.47
C LYS B 794 23.53 9.49 13.96
N VAL B 795 22.47 9.61 13.15
CA VAL B 795 21.37 10.51 13.52
C VAL B 795 20.62 9.96 14.73
N LEU B 796 20.46 8.64 14.81
CA LEU B 796 19.76 8.06 15.95
C LEU B 796 20.55 8.24 17.23
N MET B 797 21.88 8.23 17.15
CA MET B 797 22.73 8.44 18.31
C MET B 797 22.87 9.90 18.69
N MET B 798 22.47 10.82 17.81
CA MET B 798 22.36 12.22 18.21
C MET B 798 21.13 12.45 19.07
N MET B 799 20.01 11.84 18.71
CA MET B 799 18.82 11.92 19.55
C MET B 799 19.05 11.23 20.89
N GLN B 800 19.87 10.19 20.91
CA GLN B 800 20.15 9.49 22.16
C GLN B 800 20.88 10.38 23.15
N HIS B 801 21.88 11.11 22.68
CA HIS B 801 22.74 11.91 23.54
C HIS B 801 22.38 13.38 23.54
N ASP B 802 21.35 13.79 22.81
CA ASP B 802 20.88 15.17 22.78
C ASP B 802 22.03 16.13 22.51
N THR B 803 22.73 15.91 21.41
CA THR B 803 23.90 16.70 21.07
C THR B 803 24.10 16.70 19.57
N ILE B 804 24.28 17.87 18.98
CA ILE B 804 24.70 18.01 17.59
C ILE B 804 26.23 18.00 17.57
N PRO B 805 26.86 17.02 16.95
CA PRO B 805 28.32 16.92 17.04
C PRO B 805 29.01 18.02 16.25
N PRO B 806 30.23 18.37 16.60
CA PRO B 806 30.98 19.34 15.79
C PRO B 806 31.27 18.80 14.40
N HIS B 807 31.37 19.72 13.44
CA HIS B 807 31.69 19.40 12.07
C HIS B 807 33.17 19.60 11.84
N CYS B 808 33.84 18.56 11.33
CA CYS B 808 35.28 18.55 11.19
C CYS B 808 35.75 18.81 9.76
N GLY B 809 34.83 19.15 8.85
CA GLY B 809 35.23 19.40 7.48
C GLY B 809 36.10 20.63 7.31
N ILE B 810 35.81 21.69 8.07
CA ILE B 810 36.49 22.97 7.94
C ILE B 810 37.43 23.13 9.14
N LYS B 811 38.69 23.48 8.86
CA LYS B 811 39.63 23.74 9.92
C LYS B 811 39.34 25.09 10.57
N PRO B 812 39.76 25.29 11.82
CA PRO B 812 39.51 26.59 12.47
C PRO B 812 40.12 27.76 11.71
N GLY B 813 41.29 27.57 11.12
CA GLY B 813 41.94 28.60 10.34
C GLY B 813 41.51 28.69 8.89
N SER B 814 40.59 27.83 8.47
CA SER B 814 40.09 27.84 7.10
C SER B 814 38.85 28.72 7.01
N LYS B 815 38.17 28.67 5.87
CA LYS B 815 36.97 29.48 5.65
C LYS B 815 35.98 28.68 4.81
N ILE B 816 34.71 29.05 4.92
CA ILE B 816 33.67 28.41 4.13
C ILE B 816 33.91 28.69 2.65
N ASN B 817 33.40 27.79 1.80
CA ASN B 817 33.53 27.99 0.37
C ASN B 817 32.82 29.26 -0.07
N ARG B 818 33.44 29.99 -1.01
CA ARG B 818 32.90 31.27 -1.44
C ARG B 818 31.53 31.14 -2.09
N ASN B 819 31.15 29.95 -2.54
CA ASN B 819 29.81 29.76 -3.09
C ASN B 819 28.75 29.77 -2.00
N PHE B 820 29.14 29.66 -0.73
CA PHE B 820 28.21 29.80 0.39
C PHE B 820 28.59 31.05 1.17
N PRO B 821 28.30 32.24 0.64
CA PRO B 821 28.88 33.45 1.25
C PRO B 821 28.21 33.84 2.56
N ASP B 822 26.90 33.67 2.67
CA ASP B 822 26.12 34.17 3.79
C ASP B 822 25.25 33.06 4.36
N LEU B 823 25.85 31.90 4.62
CA LEU B 823 25.11 30.82 5.28
C LEU B 823 24.51 31.30 6.60
N GLY B 824 25.30 32.04 7.38
CA GLY B 824 24.80 32.51 8.66
C GLY B 824 23.61 33.45 8.52
N ALA B 825 23.67 34.34 7.53
CA ALA B 825 22.57 35.29 7.34
C ALA B 825 21.26 34.59 7.07
N ARG B 826 21.31 33.35 6.59
CA ARG B 826 20.12 32.55 6.36
C ARG B 826 19.72 31.71 7.58
N ASN B 827 20.50 31.78 8.65
CA ASN B 827 20.27 30.98 9.85
C ASN B 827 20.60 29.50 9.62
N VAL B 828 21.61 29.23 8.81
CA VAL B 828 22.09 27.89 8.54
C VAL B 828 23.52 27.82 9.05
N HIS B 829 23.76 27.00 10.06
CA HIS B 829 25.04 26.96 10.75
C HIS B 829 25.68 25.58 10.62
N ILE B 830 26.98 25.55 10.89
CA ILE B 830 27.76 24.33 10.94
C ILE B 830 28.43 24.29 12.31
N ALA B 831 28.06 23.31 13.12
CA ALA B 831 28.59 23.22 14.47
C ALA B 831 30.10 23.08 14.44
N PHE B 832 30.78 23.83 15.32
CA PHE B 832 32.21 23.67 15.53
C PHE B 832 32.55 23.09 16.90
N GLU B 833 31.62 23.14 17.85
CA GLU B 833 31.74 22.48 19.13
C GLU B 833 30.43 21.75 19.39
N PRO B 834 30.44 20.72 20.23
CA PRO B 834 29.19 19.99 20.50
C PRO B 834 28.11 20.96 20.94
N LYS B 835 26.95 20.86 20.30
CA LYS B 835 25.85 21.77 20.56
C LYS B 835 24.77 21.06 21.34
N PRO B 836 24.25 21.64 22.43
CA PRO B 836 23.09 21.05 23.08
C PRO B 836 21.90 20.96 22.14
N TRP B 837 21.24 19.81 22.14
CA TRP B 837 20.12 19.51 21.26
C TRP B 837 19.03 18.86 22.09
N PRO B 838 18.47 19.60 23.05
CA PRO B 838 17.63 18.96 24.07
C PRO B 838 16.38 18.32 23.49
N ARG B 839 15.95 17.25 24.15
CA ARG B 839 14.68 16.59 23.85
C ARG B 839 13.57 17.34 24.57
N THR B 840 12.54 17.76 23.83
CA THR B 840 11.44 18.51 24.42
C THR B 840 10.11 17.91 24.02
N HIS B 841 9.01 18.63 24.28
CA HIS B 841 7.70 18.16 23.86
C HIS B 841 7.51 18.23 22.35
N THR B 842 8.37 18.97 21.64
CA THR B 842 8.28 19.07 20.19
C THR B 842 9.31 18.12 19.58
N PRO B 843 8.91 17.16 18.74
CA PRO B 843 9.89 16.21 18.21
C PRO B 843 10.92 16.89 17.31
N ARG B 844 12.11 16.32 17.28
CA ARG B 844 13.20 16.78 16.42
C ARG B 844 13.20 15.97 15.13
N ARG B 845 13.18 16.67 14.01
CA ARG B 845 13.10 16.04 12.69
C ARG B 845 14.41 16.20 11.94
N VAL B 846 14.82 15.14 11.25
CA VAL B 846 16.05 15.13 10.48
C VAL B 846 15.74 14.66 9.07
N LEU B 847 16.50 15.18 8.11
CA LEU B 847 16.46 14.75 6.72
C LEU B 847 17.79 14.12 6.38
N ILE B 848 17.75 12.91 5.81
CA ILE B 848 18.95 12.19 5.40
C ILE B 848 18.96 12.14 3.88
N ASN B 849 20.12 12.39 3.30
CA ASN B 849 20.30 12.44 1.85
C ASN B 849 21.34 11.41 1.42
N ASN B 850 21.06 10.74 0.31
CA ASN B 850 22.00 9.80 -0.27
C ASN B 850 21.90 9.89 -1.78
N PHE B 851 23.04 9.99 -2.44
CA PHE B 851 23.13 10.08 -3.89
C PHE B 851 24.12 9.04 -4.39
N SER B 852 24.01 8.72 -5.67
CA SER B 852 24.97 7.85 -6.32
C SER B 852 25.36 8.42 -7.66
N ALA B 853 26.55 8.05 -8.12
CA ALA B 853 26.99 8.40 -9.47
C ALA B 853 26.15 7.72 -10.53
N ALA B 854 25.36 6.72 -10.16
CA ALA B 854 24.40 6.12 -11.06
C ALA B 854 23.18 7.00 -11.30
N GLY B 855 23.02 8.08 -10.54
CA GLY B 855 21.95 9.02 -10.75
C GLY B 855 20.81 8.93 -9.76
N GLY B 856 20.76 7.89 -8.92
CA GLY B 856 19.65 7.73 -8.01
C GLY B 856 19.81 8.56 -6.74
N ASN B 857 18.70 9.12 -6.29
CA ASN B 857 18.66 9.93 -5.07
C ASN B 857 17.62 9.35 -4.14
N THR B 858 18.01 9.15 -2.87
CA THR B 858 17.10 8.68 -1.83
C THR B 858 17.06 9.72 -0.71
N ALA B 859 15.88 9.91 -0.13
CA ALA B 859 15.69 10.85 0.97
C ALA B 859 14.84 10.20 2.04
N LEU B 860 15.31 10.26 3.28
CA LEU B 860 14.64 9.64 4.42
C LEU B 860 14.40 10.70 5.49
N ILE B 861 13.17 10.77 5.99
CA ILE B 861 12.80 11.71 7.05
C ILE B 861 12.61 10.92 8.33
N VAL B 862 13.35 11.30 9.37
CA VAL B 862 13.35 10.61 10.66
C VAL B 862 12.85 11.57 11.72
N GLU B 863 11.94 11.11 12.55
CA GLU B 863 11.32 11.88 13.61
C GLU B 863 11.85 11.44 14.97
N ASP B 864 11.31 12.05 16.02
CA ASP B 864 11.62 11.68 17.39
C ASP B 864 10.56 10.72 17.90
N ALA B 865 10.99 9.72 18.66
CA ALA B 865 10.05 8.79 19.25
C ALA B 865 9.17 9.50 20.29
N PRO B 866 7.93 9.07 20.46
CA PRO B 866 7.08 9.67 21.49
C PRO B 866 7.46 9.18 22.88
N GLU B 867 6.82 9.77 23.88
CA GLU B 867 6.94 9.34 25.27
C GLU B 867 5.63 8.67 25.67
N ARG B 868 5.71 7.39 26.05
CA ARG B 868 4.49 6.59 26.02
C ARG B 868 3.66 6.67 27.30
N HIS B 869 4.02 5.91 28.34
CA HIS B 869 3.58 6.23 29.69
C HIS B 869 4.57 5.73 30.73
N TRP B 870 5.22 4.60 30.45
CA TRP B 870 6.09 3.90 31.38
C TRP B 870 5.46 3.89 32.78
N PRO B 871 4.50 2.99 33.03
CA PRO B 871 3.69 3.09 34.25
C PRO B 871 4.46 2.74 35.50
N THR B 872 5.17 3.71 36.07
CA THR B 872 5.90 3.50 37.31
C THR B 872 4.94 3.08 38.42
N GLU B 873 5.31 2.02 39.12
CA GLU B 873 4.52 1.49 40.23
C GLU B 873 5.34 0.39 40.89
N LYS B 874 5.24 0.30 42.22
CA LYS B 874 6.11 -0.62 42.95
C LYS B 874 5.74 -2.07 42.65
N ASP B 875 6.77 -2.90 42.53
CA ASP B 875 6.59 -4.33 42.29
C ASP B 875 6.36 -5.06 43.62
N PRO B 876 5.27 -5.82 43.75
CA PRO B 876 5.05 -6.54 45.02
C PRO B 876 6.13 -7.56 45.36
N ARG B 877 6.87 -8.06 44.38
CA ARG B 877 7.86 -9.10 44.66
C ARG B 877 8.99 -8.55 45.52
N SER B 878 9.44 -9.36 46.48
CA SER B 878 10.52 -8.97 47.37
C SER B 878 11.89 -9.30 46.80
N SER B 879 12.00 -10.34 46.00
CA SER B 879 13.24 -10.74 45.36
C SER B 879 13.00 -10.87 43.86
N HIS B 880 14.09 -10.93 43.10
CA HIS B 880 14.00 -11.03 41.65
C HIS B 880 15.04 -12.01 41.14
N ILE B 881 14.75 -12.62 39.99
CA ILE B 881 15.61 -13.59 39.34
C ILE B 881 16.35 -12.89 38.22
N VAL B 882 17.65 -13.12 38.11
CA VAL B 882 18.47 -12.61 37.03
C VAL B 882 19.11 -13.79 36.32
N ALA B 883 18.82 -13.95 35.04
CA ALA B 883 19.20 -15.12 34.26
C ALA B 883 20.28 -14.76 33.25
N LEU B 884 21.25 -15.65 33.10
CA LEU B 884 22.30 -15.52 32.10
C LEU B 884 22.48 -16.87 31.42
N SER B 885 22.88 -16.83 30.16
CA SER B 885 23.04 -18.06 29.38
C SER B 885 24.06 -17.83 28.27
N ALA B 886 24.53 -18.92 27.71
CA ALA B 886 25.55 -18.87 26.67
C ALA B 886 25.63 -20.21 25.98
N HIS B 887 26.21 -20.21 24.79
CA HIS B 887 26.37 -21.44 24.02
C HIS B 887 27.66 -22.17 24.35
N VAL B 888 28.62 -21.52 25.02
CA VAL B 888 29.84 -22.15 25.50
C VAL B 888 30.15 -21.57 26.88
N GLY B 889 31.23 -22.06 27.48
CA GLY B 889 31.62 -21.62 28.81
C GLY B 889 32.33 -20.28 28.82
N ALA B 890 33.16 -20.05 27.80
CA ALA B 890 33.87 -18.78 27.70
C ALA B 890 32.88 -17.62 27.62
N SER B 891 31.82 -17.79 26.83
CA SER B 891 30.81 -16.75 26.71
C SER B 891 30.04 -16.59 28.02
N MET B 892 29.84 -17.68 28.76
CA MET B 892 29.20 -17.57 30.07
C MET B 892 30.02 -16.67 31.00
N LYS B 893 31.33 -16.93 31.07
CA LYS B 893 32.19 -16.11 31.91
C LYS B 893 32.19 -14.66 31.43
N THR B 894 32.26 -14.44 30.12
CA THR B 894 32.30 -13.08 29.59
C THR B 894 31.01 -12.33 29.92
N ASN B 895 29.86 -12.97 29.73
CA ASN B 895 28.59 -12.31 30.01
C ASN B 895 28.43 -12.03 31.50
N LEU B 896 28.87 -12.96 32.35
CA LEU B 896 28.81 -12.72 33.79
C LEU B 896 29.64 -11.51 34.18
N GLU B 897 30.88 -11.47 33.69
CA GLU B 897 31.76 -10.34 34.00
C GLU B 897 31.15 -9.03 33.52
N ARG B 898 30.60 -9.04 32.31
CA ARG B 898 30.05 -7.81 31.74
C ARG B 898 28.86 -7.31 32.54
N LEU B 899 27.96 -8.20 32.95
CA LEU B 899 26.82 -7.74 33.73
C LEU B 899 27.26 -7.25 35.11
N HIS B 900 28.24 -7.92 35.72
CA HIS B 900 28.75 -7.46 37.01
C HIS B 900 29.34 -6.06 36.90
N GLN B 901 30.17 -5.82 35.88
CA GLN B 901 30.76 -4.50 35.71
C GLN B 901 29.69 -3.46 35.40
N TYR B 902 28.68 -3.84 34.61
CA TYR B 902 27.59 -2.91 34.30
C TYR B 902 26.86 -2.51 35.57
N LEU B 903 26.57 -3.47 36.46
CA LEU B 903 25.84 -3.15 37.67
C LEU B 903 26.67 -2.34 38.65
N LEU B 904 27.98 -2.60 38.70
CA LEU B 904 28.85 -1.75 39.50
C LEU B 904 28.85 -0.32 38.96
N LYS B 905 28.83 -0.17 37.64
CA LYS B 905 28.87 1.16 37.03
C LYS B 905 27.52 1.88 37.08
N ASN B 906 26.41 1.15 37.23
CA ASN B 906 25.08 1.74 37.28
C ASN B 906 24.34 1.18 38.49
N PRO B 907 24.78 1.52 39.70
CA PRO B 907 24.20 0.88 40.90
C PRO B 907 22.74 1.24 41.15
N HIS B 908 22.17 2.17 40.40
CA HIS B 908 20.82 2.64 40.62
C HIS B 908 19.82 2.03 39.65
N THR B 909 20.20 0.99 38.92
CA THR B 909 19.30 0.40 37.95
C THR B 909 18.09 -0.23 38.64
N ASP B 910 17.01 -0.35 37.89
CA ASP B 910 15.81 -1.01 38.37
C ASP B 910 16.03 -2.52 38.36
N LEU B 911 15.78 -3.16 39.50
CA LEU B 911 15.99 -4.60 39.61
C LEU B 911 14.89 -5.39 38.93
N ALA B 912 13.63 -4.97 39.07
CA ALA B 912 12.53 -5.69 38.44
C ALA B 912 12.64 -5.64 36.92
N GLN B 913 12.98 -4.48 36.37
CA GLN B 913 13.15 -4.38 34.92
C GLN B 913 14.38 -5.14 34.46
N LEU B 914 15.43 -5.19 35.29
CA LEU B 914 16.59 -6.01 34.95
C LEU B 914 16.20 -7.47 34.85
N SER B 915 15.41 -7.97 35.80
CA SER B 915 14.94 -9.34 35.72
C SER B 915 14.10 -9.58 34.48
N TYR B 916 13.16 -8.66 34.20
CA TYR B 916 12.32 -8.80 33.02
C TYR B 916 13.16 -8.90 31.76
N THR B 917 14.14 -8.01 31.62
CA THR B 917 14.98 -8.01 30.43
C THR B 917 15.81 -9.28 30.32
N THR B 918 16.35 -9.75 31.44
CA THR B 918 17.24 -10.91 31.38
C THR B 918 16.47 -12.20 31.12
N THR B 919 15.22 -12.29 31.56
CA THR B 919 14.45 -13.53 31.43
C THR B 919 13.50 -13.51 30.24
N ALA B 920 12.55 -12.57 30.20
CA ALA B 920 11.49 -12.64 29.21
C ALA B 920 11.94 -12.18 27.83
N ARG B 921 12.94 -11.30 27.76
CA ARG B 921 13.33 -10.68 26.51
C ARG B 921 14.63 -11.24 25.95
N ARG B 922 14.99 -12.46 26.36
CA ARG B 922 16.21 -13.10 25.90
C ARG B 922 15.91 -14.52 25.47
N TRP B 923 16.73 -15.02 24.55
CA TRP B 923 16.79 -16.44 24.25
C TRP B 923 17.77 -17.10 25.20
N HIS B 924 17.47 -18.33 25.60
CA HIS B 924 18.23 -19.03 26.62
C HIS B 924 18.95 -20.22 26.02
N TYR B 925 20.26 -20.24 26.17
CA TYR B 925 21.14 -21.21 25.52
C TYR B 925 21.47 -22.34 26.49
N LEU B 926 22.42 -23.19 26.09
CA LEU B 926 22.72 -24.40 26.86
C LEU B 926 23.21 -24.06 28.27
N HIS B 927 24.36 -23.40 28.36
CA HIS B 927 24.92 -23.04 29.66
C HIS B 927 24.07 -21.95 30.30
N ARG B 928 23.78 -22.10 31.59
CA ARG B 928 22.82 -21.23 32.27
C ARG B 928 23.28 -20.91 33.67
N VAL B 929 22.86 -19.75 34.16
CA VAL B 929 23.14 -19.30 35.53
C VAL B 929 21.93 -18.52 36.01
N SER B 930 21.69 -18.57 37.32
CA SER B 930 20.62 -17.79 37.92
C SER B 930 21.12 -17.19 39.23
N VAL B 931 20.54 -16.04 39.57
CA VAL B 931 20.89 -15.32 40.79
C VAL B 931 19.62 -14.65 41.31
N THR B 932 19.46 -14.64 42.63
CA THR B 932 18.30 -14.02 43.26
C THR B 932 18.78 -13.05 44.33
N GLY B 933 18.24 -11.84 44.30
CA GLY B 933 18.62 -10.82 45.27
C GLY B 933 17.50 -9.85 45.50
N ALA B 934 17.56 -9.18 46.64
CA ALA B 934 16.56 -8.19 47.01
C ALA B 934 16.91 -6.79 46.56
N SER B 935 18.12 -6.57 46.07
CA SER B 935 18.55 -5.26 45.60
C SER B 935 19.69 -5.47 44.62
N VAL B 936 20.03 -4.40 43.89
CA VAL B 936 21.09 -4.50 42.89
C VAL B 936 22.42 -4.85 43.54
N GLU B 937 22.64 -4.43 44.79
CA GLU B 937 23.90 -4.72 45.46
C GLU B 937 24.01 -6.20 45.83
N GLU B 938 22.92 -6.78 46.36
CA GLU B 938 22.91 -8.21 46.64
C GLU B 938 23.12 -9.02 45.37
N VAL B 939 22.46 -8.62 44.30
CA VAL B 939 22.63 -9.30 43.01
C VAL B 939 24.07 -9.17 42.53
N THR B 940 24.69 -8.01 42.75
CA THR B 940 26.08 -7.83 42.35
C THR B 940 27.01 -8.75 43.13
N ARG B 941 26.79 -8.86 44.44
CA ARG B 941 27.61 -9.78 45.24
C ARG B 941 27.43 -11.20 44.76
N LYS B 942 26.19 -11.61 44.49
CA LYS B 942 25.94 -12.99 44.07
C LYS B 942 26.53 -13.26 42.70
N LEU B 943 26.48 -12.28 41.80
CA LEU B 943 27.14 -12.43 40.50
C LEU B 943 28.64 -12.57 40.68
N GLU B 944 29.23 -11.84 41.61
CA GLU B 944 30.66 -11.99 41.87
C GLU B 944 30.98 -13.39 42.36
N MET B 945 30.16 -13.92 43.28
CA MET B 945 30.39 -15.29 43.74
C MET B 945 30.24 -16.29 42.59
N ALA B 946 29.25 -16.09 41.71
CA ALA B 946 29.07 -16.97 40.57
C ALA B 946 30.29 -16.92 39.66
N ILE B 947 30.86 -15.73 39.45
CA ILE B 947 32.08 -15.62 38.65
C ILE B 947 33.21 -16.40 39.31
N GLN B 948 33.36 -16.25 40.63
CA GLN B 948 34.49 -16.89 41.31
C GLN B 948 34.38 -18.41 41.29
N ASN B 949 33.18 -18.95 41.54
CA ASN B 949 33.02 -20.39 41.72
C ASN B 949 32.90 -21.15 40.41
N GLY B 950 32.84 -20.48 39.26
CA GLY B 950 32.51 -21.16 38.02
C GLY B 950 31.06 -20.93 37.69
N ASP B 951 30.19 -21.90 38.02
CA ASP B 951 28.75 -21.73 37.90
C ASP B 951 28.34 -21.42 36.46
N GLY B 952 28.52 -22.43 35.61
CA GLY B 952 28.01 -22.35 34.25
C GLY B 952 29.06 -22.64 33.21
N VAL B 953 30.32 -22.72 33.64
CA VAL B 953 31.42 -22.98 32.71
C VAL B 953 31.48 -24.44 32.30
N SER B 954 30.84 -25.33 33.05
CA SER B 954 30.85 -26.76 32.74
C SER B 954 29.57 -27.15 32.03
N ARG B 955 29.69 -28.07 31.08
CA ARG B 955 28.55 -28.43 30.25
C ARG B 955 27.45 -29.04 31.11
N PRO B 956 26.20 -28.69 30.89
CA PRO B 956 25.09 -29.29 31.64
C PRO B 956 24.80 -30.70 31.12
N LYS B 957 23.80 -31.35 31.71
CA LYS B 957 23.54 -32.73 31.35
C LYS B 957 22.21 -33.18 31.92
N SER B 958 21.61 -34.16 31.26
CA SER B 958 20.62 -35.11 31.74
C SER B 958 19.21 -34.53 31.87
N LYS B 959 19.02 -33.20 31.82
CA LYS B 959 17.67 -32.66 31.79
C LYS B 959 16.78 -33.33 32.83
N PRO B 960 16.89 -32.98 34.10
CA PRO B 960 16.28 -33.82 35.14
C PRO B 960 14.78 -33.98 34.98
N LYS B 961 14.30 -35.16 35.38
CA LYS B 961 12.86 -35.44 35.36
C LYS B 961 12.16 -34.65 36.45
N ILE B 962 10.86 -34.43 36.25
CA ILE B 962 10.03 -33.65 37.17
C ILE B 962 8.90 -34.53 37.67
N LEU B 963 8.77 -34.62 38.99
CA LEU B 963 7.73 -35.40 39.65
C LEU B 963 6.82 -34.45 40.42
N PHE B 964 5.52 -34.54 40.19
CA PHE B 964 4.52 -33.76 40.91
C PHE B 964 3.97 -34.61 42.04
N ALA B 965 4.11 -34.15 43.26
CA ALA B 965 3.61 -34.83 44.45
C ALA B 965 2.51 -34.01 45.08
N PHE B 966 1.40 -34.65 45.41
CA PHE B 966 0.22 -33.97 45.93
C PHE B 966 -0.05 -34.46 47.35
N THR B 967 -0.21 -33.51 48.27
CA THR B 967 -0.31 -33.79 49.69
C THR B 967 -1.71 -34.26 50.07
N GLY B 968 -1.80 -34.92 51.23
CA GLY B 968 -3.06 -35.45 51.72
C GLY B 968 -3.93 -34.39 52.36
N GLN B 969 -4.80 -34.84 53.26
CA GLN B 969 -5.85 -34.00 53.83
C GLN B 969 -5.54 -33.50 55.24
N GLY B 970 -4.30 -33.64 55.70
CA GLY B 970 -3.93 -33.13 57.01
C GLY B 970 -3.19 -31.82 56.95
N SER B 971 -3.29 -31.11 55.83
CA SER B 971 -2.49 -29.92 55.58
C SER B 971 -3.33 -28.65 55.50
N GLN B 972 -4.61 -28.70 55.84
CA GLN B 972 -5.46 -27.53 55.72
C GLN B 972 -5.13 -26.51 56.79
N TYR B 973 -5.25 -25.22 56.43
CA TYR B 973 -5.13 -24.13 57.37
C TYR B 973 -5.73 -22.89 56.74
N ALA B 974 -6.27 -22.00 57.57
CA ALA B 974 -6.93 -20.81 57.06
C ALA B 974 -5.93 -19.92 56.33
N THR B 975 -6.43 -19.16 55.36
CA THR B 975 -5.59 -18.32 54.50
C THR B 975 -4.62 -19.22 53.73
N MET B 976 -5.19 -20.16 52.99
CA MET B 976 -4.43 -21.17 52.28
C MET B 976 -4.19 -20.71 50.85
N GLY B 977 -2.92 -20.58 50.48
CA GLY B 977 -2.60 -20.14 49.13
C GLY B 977 -3.14 -18.77 48.79
N LYS B 978 -3.35 -17.92 49.79
CA LYS B 978 -3.84 -16.57 49.52
C LYS B 978 -2.79 -15.68 48.88
N GLN B 979 -1.51 -16.03 49.03
CA GLN B 979 -0.46 -15.19 48.46
C GLN B 979 -0.39 -15.34 46.95
N VAL B 980 -0.53 -16.57 46.44
CA VAL B 980 -0.61 -16.75 45.00
C VAL B 980 -1.92 -16.19 44.46
N TYR B 981 -3.00 -16.34 45.25
CA TYR B 981 -4.29 -15.79 44.86
C TYR B 981 -4.23 -14.28 44.66
N ASP B 982 -3.35 -13.59 45.40
CA ASP B 982 -3.19 -12.16 45.29
C ASP B 982 -2.10 -11.75 44.31
N ALA B 983 -1.30 -12.69 43.82
CA ALA B 983 -0.18 -12.38 42.95
C ALA B 983 -0.48 -12.58 41.47
N TYR B 984 -1.24 -13.62 41.12
CA TYR B 984 -1.45 -14.01 39.73
C TYR B 984 -2.93 -14.03 39.42
N PRO B 985 -3.43 -13.17 38.53
CA PRO B 985 -4.86 -13.22 38.18
C PRO B 985 -5.30 -14.54 37.58
N SER B 986 -4.40 -15.25 36.89
CA SER B 986 -4.78 -16.54 36.31
C SER B 986 -5.10 -17.57 37.39
N PHE B 987 -4.29 -17.61 38.45
CA PHE B 987 -4.55 -18.51 39.57
C PHE B 987 -5.88 -18.16 40.24
N ARG B 988 -6.13 -16.87 40.44
CA ARG B 988 -7.40 -16.46 41.04
C ARG B 988 -8.59 -16.86 40.18
N GLU B 989 -8.47 -16.67 38.86
CA GLU B 989 -9.56 -17.04 37.97
C GLU B 989 -9.80 -18.55 38.01
N ASP B 990 -8.73 -19.34 38.00
CA ASP B 990 -8.89 -20.80 38.08
C ASP B 990 -9.57 -21.21 39.37
N LEU B 991 -9.13 -20.63 40.50
CA LEU B 991 -9.72 -21.02 41.78
C LEU B 991 -11.19 -20.65 41.85
N GLU B 992 -11.55 -19.47 41.35
CA GLU B 992 -12.96 -19.08 41.34
C GLU B 992 -13.77 -19.95 40.39
N LYS B 993 -13.17 -20.35 39.26
CA LYS B 993 -13.83 -21.27 38.36
C LYS B 993 -14.12 -22.59 39.04
N PHE B 994 -13.15 -23.12 39.78
CA PHE B 994 -13.37 -24.39 40.49
C PHE B 994 -14.41 -24.25 41.59
N ASP B 995 -14.42 -23.11 42.29
CA ASP B 995 -15.44 -22.90 43.31
C ASP B 995 -16.84 -22.87 42.69
N ARG B 996 -16.99 -22.18 41.57
CA ARG B 996 -18.27 -22.18 40.87
C ARG B 996 -18.63 -23.57 40.36
N LEU B 997 -17.65 -24.31 39.85
CA LEU B 997 -17.90 -25.67 39.37
C LEU B 997 -18.39 -26.56 40.50
N ALA B 998 -17.78 -26.46 41.67
CA ALA B 998 -18.25 -27.23 42.82
C ALA B 998 -19.65 -26.81 43.23
N GLN B 999 -19.94 -25.52 43.18
CA GLN B 999 -21.28 -25.06 43.54
C GLN B 999 -22.33 -25.61 42.57
N SER B 1000 -22.00 -25.67 41.28
CA SER B 1000 -22.93 -26.22 40.31
C SER B 1000 -23.10 -27.73 40.45
N HIS B 1001 -22.20 -28.39 41.16
CA HIS B 1001 -22.32 -29.82 41.44
C HIS B 1001 -23.18 -30.12 42.66
N GLY B 1002 -23.63 -29.10 43.37
CA GLY B 1002 -24.46 -29.29 44.54
C GLY B 1002 -23.74 -29.20 45.87
N PHE B 1003 -22.49 -28.74 45.89
CA PHE B 1003 -21.69 -28.63 47.09
C PHE B 1003 -21.58 -27.18 47.52
N PRO B 1004 -21.34 -26.92 48.81
CA PRO B 1004 -21.16 -25.54 49.27
C PRO B 1004 -19.86 -24.94 48.76
N SER B 1005 -19.84 -23.61 48.70
CA SER B 1005 -18.66 -22.89 48.26
C SER B 1005 -17.54 -23.02 49.28
N PHE B 1006 -16.32 -23.24 48.80
CA PHE B 1006 -15.16 -23.40 49.64
C PHE B 1006 -14.19 -22.24 49.56
N LEU B 1007 -14.49 -21.20 48.77
CA LEU B 1007 -13.52 -20.14 48.53
C LEU B 1007 -13.19 -19.38 49.81
N HIS B 1008 -14.11 -19.35 50.78
CA HIS B 1008 -13.85 -18.65 52.02
C HIS B 1008 -12.72 -19.29 52.82
N VAL B 1009 -12.37 -20.54 52.52
CA VAL B 1009 -11.28 -21.19 53.24
C VAL B 1009 -9.95 -20.57 52.85
N CYS B 1010 -9.78 -20.23 51.57
CA CYS B 1010 -8.50 -19.77 51.06
C CYS B 1010 -8.30 -18.27 51.17
N THR B 1011 -9.34 -17.51 51.54
CA THR B 1011 -9.23 -16.05 51.65
C THR B 1011 -9.51 -15.56 53.05
N SER B 1012 -10.63 -15.93 53.64
CA SER B 1012 -11.00 -15.39 54.94
C SER B 1012 -10.12 -16.02 56.04
N PRO B 1013 -9.75 -15.25 57.06
CA PRO B 1013 -9.00 -15.82 58.20
C PRO B 1013 -9.86 -16.28 59.37
N LYS B 1014 -11.18 -16.35 59.22
CA LYS B 1014 -12.08 -16.66 60.32
C LYS B 1014 -12.60 -18.08 60.19
N GLY B 1015 -12.64 -18.80 61.31
CA GLY B 1015 -13.16 -20.15 61.34
C GLY B 1015 -12.14 -21.17 60.91
N ASP B 1016 -11.95 -22.24 61.69
CA ASP B 1016 -10.96 -23.25 61.38
C ASP B 1016 -11.58 -24.62 61.13
N VAL B 1017 -12.30 -25.19 62.09
CA VAL B 1017 -12.94 -26.49 61.92
C VAL B 1017 -14.37 -26.45 62.46
N GLU B 1018 -14.70 -25.41 63.24
CA GLU B 1018 -15.97 -25.39 63.95
C GLU B 1018 -17.14 -25.42 62.98
N GLU B 1019 -17.09 -24.59 61.94
CA GLU B 1019 -18.19 -24.46 60.98
C GLU B 1019 -17.93 -25.17 59.68
N MET B 1020 -16.84 -25.95 59.59
CA MET B 1020 -16.39 -26.54 58.34
C MET B 1020 -16.63 -28.04 58.35
N ALA B 1021 -17.31 -28.53 57.31
CA ALA B 1021 -17.54 -29.95 57.12
C ALA B 1021 -16.42 -30.54 56.28
N PRO B 1022 -16.30 -31.86 56.25
CA PRO B 1022 -15.23 -32.48 55.44
C PRO B 1022 -15.27 -32.08 53.98
N VAL B 1023 -16.46 -31.91 53.42
CA VAL B 1023 -16.57 -31.66 51.98
C VAL B 1023 -15.85 -30.36 51.62
N VAL B 1024 -16.07 -29.30 52.39
CA VAL B 1024 -15.51 -28.01 52.02
C VAL B 1024 -13.98 -28.05 52.06
N VAL B 1025 -13.41 -28.62 53.12
CA VAL B 1025 -11.95 -28.61 53.24
C VAL B 1025 -11.31 -29.54 52.22
N GLN B 1026 -11.91 -30.71 51.98
CA GLN B 1026 -11.37 -31.61 50.97
C GLN B 1026 -11.40 -30.97 49.59
N LEU B 1027 -12.53 -30.33 49.24
CA LEU B 1027 -12.63 -29.68 47.94
C LEU B 1027 -11.69 -28.50 47.85
N ALA B 1028 -11.52 -27.76 48.94
CA ALA B 1028 -10.56 -26.66 48.93
C ALA B 1028 -9.16 -27.14 48.63
N ILE B 1029 -8.72 -28.19 49.33
CA ILE B 1029 -7.38 -28.73 49.07
C ILE B 1029 -7.26 -29.18 47.62
N THR B 1030 -8.26 -29.93 47.14
CA THR B 1030 -8.16 -30.51 45.80
C THR B 1030 -8.15 -29.44 44.72
N CYS B 1031 -9.04 -28.44 44.83
CA CYS B 1031 -9.10 -27.40 43.83
C CYS B 1031 -7.89 -26.47 43.90
N LEU B 1032 -7.35 -26.25 45.09
CA LEU B 1032 -6.10 -25.51 45.20
C LEU B 1032 -4.97 -26.24 44.50
N GLN B 1033 -4.90 -27.56 44.67
CA GLN B 1033 -3.86 -28.33 43.98
C GLN B 1033 -4.06 -28.30 42.47
N MET B 1034 -5.30 -28.38 42.01
CA MET B 1034 -5.55 -28.31 40.56
C MET B 1034 -5.18 -26.94 40.00
N ALA B 1035 -5.51 -25.87 40.73
CA ALA B 1035 -5.12 -24.53 40.28
C ALA B 1035 -3.60 -24.39 40.26
N LEU B 1036 -2.91 -24.94 41.27
CA LEU B 1036 -1.46 -24.90 41.26
C LEU B 1036 -0.89 -25.65 40.07
N THR B 1037 -1.50 -26.79 39.73
CA THR B 1037 -1.07 -27.53 38.55
C THR B 1037 -1.22 -26.68 37.30
N ASN B 1038 -2.34 -25.99 37.17
CA ASN B 1038 -2.54 -25.12 36.01
C ASN B 1038 -1.49 -24.00 35.98
N LEU B 1039 -1.17 -23.43 37.14
CA LEU B 1039 -0.20 -22.34 37.18
C LEU B 1039 1.19 -22.82 36.78
N MET B 1040 1.61 -23.99 37.28
CA MET B 1040 2.89 -24.54 36.85
C MET B 1040 2.88 -24.86 35.36
N THR B 1041 1.74 -25.31 34.83
CA THR B 1041 1.65 -25.61 33.42
C THR B 1041 1.79 -24.34 32.58
N SER B 1042 1.25 -23.22 33.07
CA SER B 1042 1.39 -21.97 32.34
C SER B 1042 2.86 -21.53 32.26
N PHE B 1043 3.61 -21.70 33.36
CA PHE B 1043 5.03 -21.37 33.36
C PHE B 1043 5.86 -22.31 32.50
N GLY B 1044 5.26 -23.34 31.91
CA GLY B 1044 5.99 -24.25 31.05
C GLY B 1044 6.58 -25.45 31.72
N ILE B 1045 6.17 -25.76 32.95
CA ILE B 1045 6.69 -26.92 33.68
C ILE B 1045 5.76 -28.10 33.42
N ARG B 1046 6.30 -29.14 32.80
CA ARG B 1046 5.53 -30.32 32.41
C ARG B 1046 5.96 -31.50 33.26
N PRO B 1047 5.11 -32.03 34.13
CA PRO B 1047 5.52 -33.20 34.93
C PRO B 1047 5.70 -34.44 34.07
N ASP B 1048 6.65 -35.28 34.48
CA ASP B 1048 6.88 -36.58 33.86
C ASP B 1048 6.17 -37.71 34.59
N VAL B 1049 5.75 -37.48 35.83
CA VAL B 1049 5.10 -38.51 36.64
C VAL B 1049 4.41 -37.81 37.79
N THR B 1050 3.36 -38.44 38.32
CA THR B 1050 2.55 -37.86 39.39
C THR B 1050 2.32 -38.89 40.48
N VAL B 1051 2.06 -38.40 41.69
CA VAL B 1051 1.72 -39.25 42.82
C VAL B 1051 0.99 -38.42 43.86
N GLY B 1052 -0.11 -38.96 44.38
CA GLY B 1052 -0.85 -38.32 45.44
C GLY B 1052 -1.00 -39.26 46.61
N HIS B 1053 -1.09 -38.68 47.81
CA HIS B 1053 -0.99 -39.51 49.00
C HIS B 1053 -2.33 -40.17 49.36
N SER B 1054 -3.29 -39.39 49.87
CA SER B 1054 -4.60 -39.92 50.21
C SER B 1054 -5.71 -39.17 49.49
N LEU B 1055 -5.77 -37.85 49.64
CA LEU B 1055 -6.71 -37.02 48.92
C LEU B 1055 -6.07 -36.35 47.71
N GLY B 1056 -4.74 -36.38 47.61
CA GLY B 1056 -4.03 -35.87 46.47
C GLY B 1056 -3.99 -36.80 45.30
N GLU B 1057 -4.54 -38.01 45.44
CA GLU B 1057 -4.60 -38.93 44.31
C GLU B 1057 -5.47 -38.37 43.20
N PHE B 1058 -6.56 -37.71 43.56
CA PHE B 1058 -7.45 -37.14 42.55
C PHE B 1058 -6.75 -36.03 41.77
N ALA B 1059 -6.00 -35.18 42.46
CA ALA B 1059 -5.24 -34.15 41.76
C ALA B 1059 -4.18 -34.75 40.86
N ALA B 1060 -3.57 -35.86 41.29
CA ALA B 1060 -2.61 -36.55 40.44
C ALA B 1060 -3.29 -37.09 39.18
N LEU B 1061 -4.49 -37.63 39.33
CA LEU B 1061 -5.23 -38.13 38.17
C LEU B 1061 -5.61 -36.98 37.23
N TYR B 1062 -6.00 -35.84 37.79
CA TYR B 1062 -6.29 -34.68 36.95
C TYR B 1062 -5.05 -34.22 36.20
N ALA B 1063 -3.91 -34.18 36.86
CA ALA B 1063 -2.67 -33.77 36.20
C ALA B 1063 -2.25 -34.78 35.15
N ALA B 1064 -2.60 -36.06 35.34
CA ALA B 1064 -2.20 -37.11 34.42
C ALA B 1064 -3.13 -37.21 33.21
N GLY B 1065 -4.21 -36.45 33.17
CA GLY B 1065 -5.15 -36.50 32.07
C GLY B 1065 -6.22 -37.56 32.18
N VAL B 1066 -6.25 -38.32 33.29
CA VAL B 1066 -7.25 -39.36 33.44
C VAL B 1066 -8.63 -38.76 33.66
N LEU B 1067 -8.73 -37.75 34.51
CA LEU B 1067 -10.01 -37.17 34.87
C LEU B 1067 -10.05 -35.69 34.48
N SER B 1068 -11.25 -35.21 34.18
CA SER B 1068 -11.46 -33.79 33.95
C SER B 1068 -11.73 -33.08 35.27
N ALA B 1069 -11.79 -31.76 35.21
CA ALA B 1069 -11.95 -30.98 36.43
C ALA B 1069 -13.26 -31.32 37.12
N SER B 1070 -14.34 -31.52 36.36
CA SER B 1070 -15.62 -31.83 36.96
C SER B 1070 -15.66 -33.23 37.56
N ASP B 1071 -14.97 -34.17 36.93
CA ASP B 1071 -14.97 -35.54 37.45
C ASP B 1071 -14.23 -35.61 38.78
N VAL B 1072 -13.14 -34.86 38.92
CA VAL B 1072 -12.42 -34.81 40.20
C VAL B 1072 -13.30 -34.17 41.27
N VAL B 1073 -13.89 -33.01 40.95
CA VAL B 1073 -14.77 -32.34 41.91
C VAL B 1073 -15.95 -33.24 42.24
N TYR B 1074 -16.54 -33.86 41.23
CA TYR B 1074 -17.68 -34.74 41.43
C TYR B 1074 -17.34 -35.88 42.38
N LEU B 1075 -16.24 -36.58 42.10
CA LEU B 1075 -15.89 -37.74 42.92
C LEU B 1075 -15.53 -37.34 44.33
N VAL B 1076 -14.72 -36.29 44.50
CA VAL B 1076 -14.32 -35.87 45.84
C VAL B 1076 -15.53 -35.44 46.65
N GLY B 1077 -16.41 -34.62 46.05
CA GLY B 1077 -17.56 -34.15 46.79
C GLY B 1077 -18.54 -35.24 47.12
N GLN B 1078 -18.79 -36.15 46.19
CA GLN B 1078 -19.70 -37.26 46.47
C GLN B 1078 -19.14 -38.15 47.58
N ARG B 1079 -17.83 -38.43 47.54
CA ARG B 1079 -17.22 -39.23 48.60
C ARG B 1079 -17.36 -38.55 49.95
N ALA B 1080 -17.07 -37.25 50.01
CA ALA B 1080 -17.18 -36.53 51.27
C ALA B 1080 -18.61 -36.52 51.78
N GLU B 1081 -19.58 -36.31 50.88
CA GLU B 1081 -20.98 -36.27 51.31
C GLU B 1081 -21.42 -37.63 51.83
N LEU B 1082 -21.04 -38.71 51.15
CA LEU B 1082 -21.37 -40.04 51.66
C LEU B 1082 -20.75 -40.27 53.03
N LEU B 1083 -19.48 -39.87 53.19
CA LEU B 1083 -18.82 -39.99 54.48
C LEU B 1083 -19.61 -39.26 55.58
N GLN B 1084 -20.02 -38.03 55.29
CA GLN B 1084 -20.76 -37.26 56.28
C GLN B 1084 -22.09 -37.92 56.61
N GLU B 1085 -22.78 -38.43 55.59
CA GLU B 1085 -24.13 -38.93 55.80
C GLU B 1085 -24.14 -40.27 56.55
N ARG B 1086 -23.27 -41.19 56.15
CA ARG B 1086 -23.36 -42.56 56.64
C ARG B 1086 -22.54 -42.78 57.90
N CYS B 1087 -21.23 -42.57 57.82
CA CYS B 1087 -20.35 -42.86 58.95
C CYS B 1087 -20.70 -41.96 60.15
N GLN B 1088 -20.07 -42.27 61.28
CA GLN B 1088 -20.21 -41.49 62.50
C GLN B 1088 -18.88 -40.82 62.83
N ARG B 1089 -18.95 -39.60 63.33
CA ARG B 1089 -17.75 -38.84 63.61
C ARG B 1089 -17.18 -39.19 64.99
N GLY B 1090 -15.86 -39.33 65.05
CA GLY B 1090 -15.18 -39.51 66.32
C GLY B 1090 -15.13 -40.93 66.85
N THR B 1091 -15.30 -41.93 65.98
CA THR B 1091 -15.26 -43.32 66.44
C THR B 1091 -13.86 -43.91 66.30
N HIS B 1092 -13.13 -43.55 65.26
CA HIS B 1092 -11.81 -44.09 65.00
C HIS B 1092 -10.74 -43.02 65.26
N ALA B 1093 -9.48 -43.48 65.27
CA ALA B 1093 -8.35 -42.58 65.48
C ALA B 1093 -7.16 -43.16 64.75
N MET B 1094 -6.16 -42.31 64.53
CA MET B 1094 -4.94 -42.68 63.84
C MET B 1094 -3.75 -42.55 64.78
N LEU B 1095 -2.74 -43.38 64.56
CA LEU B 1095 -1.55 -43.41 65.41
C LEU B 1095 -0.31 -43.50 64.53
N ALA B 1096 0.53 -42.46 64.58
CA ALA B 1096 1.80 -42.46 63.87
C ALA B 1096 2.85 -43.10 64.76
N VAL B 1097 3.49 -44.15 64.25
CA VAL B 1097 4.42 -44.97 65.02
C VAL B 1097 5.75 -45.01 64.31
N LYS B 1098 6.84 -44.78 65.05
CA LYS B 1098 8.19 -44.87 64.50
C LYS B 1098 8.67 -46.32 64.62
N ALA B 1099 8.09 -47.17 63.79
CA ALA B 1099 8.46 -48.58 63.79
C ALA B 1099 8.14 -49.18 62.43
N THR B 1100 8.92 -50.20 62.06
CA THR B 1100 8.69 -50.90 60.81
C THR B 1100 7.33 -51.62 60.87
N PRO B 1101 6.55 -51.62 59.80
CA PRO B 1101 5.24 -52.29 59.86
C PRO B 1101 5.33 -53.76 60.21
N GLU B 1102 6.41 -54.44 59.82
CA GLU B 1102 6.56 -55.84 60.19
C GLU B 1102 6.62 -56.02 61.68
N ALA B 1103 7.36 -55.14 62.38
CA ALA B 1103 7.52 -55.26 63.81
C ALA B 1103 6.24 -55.02 64.59
N LEU B 1104 5.19 -54.53 63.94
CA LEU B 1104 3.93 -54.23 64.59
C LEU B 1104 2.86 -55.29 64.32
N SER B 1105 3.23 -56.43 63.76
CA SER B 1105 2.23 -57.43 63.41
C SER B 1105 1.48 -57.92 64.64
N GLN B 1106 2.21 -58.21 65.72
CA GLN B 1106 1.57 -58.76 66.90
C GLN B 1106 0.60 -57.75 67.53
N TRP B 1107 1.01 -56.48 67.62
CA TRP B 1107 0.17 -55.49 68.27
C TRP B 1107 -1.07 -55.15 67.45
N ILE B 1108 -1.04 -55.38 66.13
CA ILE B 1108 -2.20 -55.11 65.31
C ILE B 1108 -3.10 -56.33 65.18
N GLN B 1109 -2.54 -57.54 65.22
CA GLN B 1109 -3.34 -58.76 65.12
C GLN B 1109 -4.07 -59.10 66.41
N ASP B 1110 -3.77 -58.39 67.51
CA ASP B 1110 -4.43 -58.65 68.79
C ASP B 1110 -5.39 -57.56 69.20
N HIS B 1111 -5.17 -56.31 68.77
CA HIS B 1111 -6.04 -55.19 69.12
C HIS B 1111 -6.96 -54.77 67.97
N ASP B 1112 -7.05 -55.58 66.91
CA ASP B 1112 -7.99 -55.33 65.82
C ASP B 1112 -7.76 -53.98 65.16
N CYS B 1113 -6.50 -53.55 65.08
CA CYS B 1113 -6.16 -52.31 64.40
C CYS B 1113 -5.83 -52.61 62.93
N GLU B 1114 -5.35 -51.61 62.21
CA GLU B 1114 -4.99 -51.80 60.81
C GLU B 1114 -3.91 -50.79 60.43
N VAL B 1115 -3.19 -51.09 59.36
CA VAL B 1115 -2.16 -50.20 58.84
C VAL B 1115 -2.82 -49.24 57.86
N ALA B 1116 -2.83 -47.95 58.23
CA ALA B 1116 -3.47 -46.94 57.39
C ALA B 1116 -2.52 -46.44 56.30
N CYS B 1117 -1.35 -45.94 56.69
CA CYS B 1117 -0.38 -45.43 55.75
C CYS B 1117 1.01 -45.91 56.14
N ILE B 1118 1.83 -46.21 55.13
CA ILE B 1118 3.22 -46.58 55.32
C ILE B 1118 4.04 -45.48 54.67
N ASN B 1119 4.42 -44.48 55.46
CA ASN B 1119 5.02 -43.26 54.96
C ASN B 1119 6.55 -43.33 54.86
N GLY B 1120 7.17 -44.42 55.28
CA GLY B 1120 8.60 -44.54 55.19
C GLY B 1120 9.10 -45.89 55.67
N PRO B 1121 10.41 -46.10 55.60
CA PRO B 1121 10.97 -47.38 56.08
C PRO B 1121 10.65 -47.66 57.53
N GLU B 1122 10.58 -46.63 58.38
CA GLU B 1122 10.28 -46.81 59.79
C GLU B 1122 9.17 -45.89 60.27
N ASP B 1123 8.29 -45.45 59.36
CA ASP B 1123 7.15 -44.60 59.70
C ASP B 1123 5.88 -45.26 59.21
N THR B 1124 4.96 -45.54 60.13
CA THR B 1124 3.69 -46.16 59.79
C THR B 1124 2.58 -45.50 60.60
N VAL B 1125 1.38 -45.51 60.03
CA VAL B 1125 0.19 -44.94 60.66
C VAL B 1125 -0.81 -46.06 60.84
N LEU B 1126 -1.30 -46.22 62.06
CA LEU B 1126 -2.27 -47.26 62.38
C LEU B 1126 -3.61 -46.62 62.70
N SER B 1127 -4.69 -47.33 62.38
CA SER B 1127 -6.04 -46.84 62.57
C SER B 1127 -6.89 -47.90 63.24
N GLY B 1128 -7.91 -47.45 63.97
CA GLY B 1128 -8.80 -48.35 64.65
C GLY B 1128 -9.72 -47.57 65.57
N THR B 1129 -10.49 -48.31 66.35
CA THR B 1129 -11.37 -47.68 67.34
C THR B 1129 -10.53 -46.95 68.39
N THR B 1130 -11.17 -46.01 69.08
CA THR B 1130 -10.46 -45.24 70.09
C THR B 1130 -9.91 -46.16 71.19
N LYS B 1131 -10.71 -47.12 71.65
CA LYS B 1131 -10.26 -48.01 72.69
C LYS B 1131 -9.07 -48.83 72.24
N ASN B 1132 -9.14 -49.41 71.04
CA ASN B 1132 -8.03 -50.20 70.54
C ASN B 1132 -6.79 -49.35 70.32
N VAL B 1133 -6.97 -48.13 69.82
CA VAL B 1133 -5.83 -47.24 69.62
C VAL B 1133 -5.16 -46.92 70.95
N ALA B 1134 -5.97 -46.62 71.98
CA ALA B 1134 -5.41 -46.33 73.29
C ALA B 1134 -4.70 -47.54 73.86
N GLU B 1135 -5.27 -48.73 73.68
CA GLU B 1135 -4.63 -49.95 74.19
C GLU B 1135 -3.29 -50.17 73.50
N VAL B 1136 -3.24 -49.99 72.18
CA VAL B 1136 -1.99 -50.16 71.45
C VAL B 1136 -0.97 -49.14 71.92
N GLN B 1137 -1.40 -47.88 72.08
CA GLN B 1137 -0.48 -46.84 72.52
C GLN B 1137 0.10 -47.17 73.89
N ARG B 1138 -0.75 -47.62 74.82
CA ARG B 1138 -0.26 -48.00 76.14
C ARG B 1138 0.71 -49.17 76.05
N ALA B 1139 0.37 -50.18 75.25
CA ALA B 1139 1.21 -51.38 75.18
C ALA B 1139 2.59 -51.04 74.62
N MET B 1140 2.65 -50.35 73.49
CA MET B 1140 3.92 -50.04 72.86
C MET B 1140 4.62 -48.85 73.51
N THR B 1141 3.90 -48.03 74.27
CA THR B 1141 4.55 -46.98 75.04
C THR B 1141 5.47 -47.57 76.11
N ASP B 1142 5.01 -48.63 76.79
CA ASP B 1142 5.85 -49.28 77.78
C ASP B 1142 7.02 -50.01 77.14
N ASN B 1143 6.97 -50.25 75.84
CA ASN B 1143 8.07 -50.88 75.13
C ASN B 1143 9.07 -49.86 74.56
N GLY B 1144 8.86 -48.57 74.84
CA GLY B 1144 9.77 -47.54 74.40
C GLY B 1144 9.46 -46.92 73.06
N ILE B 1145 8.48 -47.45 72.33
CA ILE B 1145 8.17 -46.92 71.00
C ILE B 1145 7.57 -45.53 71.15
N LYS B 1146 7.93 -44.64 70.23
CA LYS B 1146 7.44 -43.26 70.23
C LYS B 1146 6.25 -43.15 69.28
N CYS B 1147 5.15 -42.61 69.79
CA CYS B 1147 3.89 -42.57 69.05
C CYS B 1147 3.28 -41.18 69.14
N THR B 1148 2.57 -40.80 68.08
CA THR B 1148 1.81 -39.56 68.05
C THR B 1148 0.35 -39.89 67.81
N LEU B 1149 -0.52 -39.44 68.72
CA LEU B 1149 -1.95 -39.71 68.63
C LEU B 1149 -2.63 -38.54 67.91
N LEU B 1150 -3.42 -38.85 66.89
CA LEU B 1150 -4.11 -37.86 66.09
C LEU B 1150 -5.61 -38.07 66.22
N LYS B 1151 -6.32 -37.02 66.62
CA LYS B 1151 -7.77 -37.06 66.75
C LYS B 1151 -8.38 -36.52 65.46
N LEU B 1152 -9.22 -37.32 64.82
CA LEU B 1152 -9.83 -36.97 63.55
C LEU B 1152 -11.33 -37.16 63.62
N PRO B 1153 -12.10 -36.41 62.84
CA PRO B 1153 -13.55 -36.65 62.80
C PRO B 1153 -13.91 -37.83 61.91
N PHE B 1154 -13.14 -38.01 60.83
CA PHE B 1154 -13.30 -39.16 59.94
C PHE B 1154 -11.93 -39.69 59.59
N ALA B 1155 -11.79 -41.01 59.63
CA ALA B 1155 -10.51 -41.68 59.41
C ALA B 1155 -10.61 -42.51 58.14
N PHE B 1156 -10.11 -41.97 57.03
CA PHE B 1156 -10.06 -42.72 55.80
C PHE B 1156 -9.03 -43.84 55.91
N HIS B 1157 -9.11 -44.79 54.98
CA HIS B 1157 -8.22 -45.95 54.96
C HIS B 1157 -8.35 -46.78 56.22
N SER B 1158 -9.52 -46.74 56.84
CA SER B 1158 -9.83 -47.49 58.05
C SER B 1158 -11.15 -48.23 57.85
N ALA B 1159 -11.55 -48.98 58.87
CA ALA B 1159 -12.82 -49.69 58.82
C ALA B 1159 -14.01 -48.75 58.92
N GLN B 1160 -13.79 -47.47 59.22
CA GLN B 1160 -14.89 -46.52 59.35
C GLN B 1160 -15.57 -46.20 58.02
N VAL B 1161 -14.93 -46.51 56.90
CA VAL B 1161 -15.44 -46.15 55.59
C VAL B 1161 -15.96 -47.38 54.83
N GLN B 1162 -16.18 -48.48 55.53
CA GLN B 1162 -16.76 -49.66 54.88
C GLN B 1162 -18.17 -49.40 54.34
N PRO B 1163 -19.09 -48.80 55.09
CA PRO B 1163 -20.47 -48.71 54.58
C PRO B 1163 -20.60 -47.99 53.25
N ILE B 1164 -19.74 -47.01 52.96
CA ILE B 1164 -19.90 -46.19 51.76
C ILE B 1164 -19.19 -46.77 50.54
N LEU B 1165 -18.58 -47.95 50.66
CA LEU B 1165 -17.80 -48.48 49.54
C LEU B 1165 -18.70 -48.82 48.35
N ASP B 1166 -19.76 -49.58 48.58
CA ASP B 1166 -20.63 -49.99 47.48
C ASP B 1166 -21.33 -48.79 46.86
N ASP B 1167 -21.83 -47.87 47.69
CA ASP B 1167 -22.50 -46.69 47.15
C ASP B 1167 -21.52 -45.85 46.34
N PHE B 1168 -20.30 -45.68 46.83
CA PHE B 1168 -19.34 -44.82 46.13
C PHE B 1168 -18.91 -45.44 44.81
N GLU B 1169 -18.84 -46.77 44.73
CA GLU B 1169 -18.46 -47.41 43.48
C GLU B 1169 -19.54 -47.24 42.41
N ALA B 1170 -20.80 -47.19 42.81
CA ALA B 1170 -21.87 -46.96 41.85
C ALA B 1170 -21.83 -45.54 41.30
N LEU B 1171 -21.55 -44.55 42.17
CA LEU B 1171 -21.48 -43.17 41.73
C LEU B 1171 -20.31 -42.95 40.78
N ALA B 1172 -19.19 -43.63 41.03
CA ALA B 1172 -18.00 -43.44 40.20
C ALA B 1172 -18.19 -43.95 38.78
N GLN B 1173 -19.29 -44.68 38.50
CA GLN B 1173 -19.52 -45.15 37.14
C GLN B 1173 -19.79 -44.01 36.18
N GLY B 1174 -20.31 -42.89 36.68
CA GLY B 1174 -20.62 -41.76 35.84
C GLY B 1174 -19.43 -40.92 35.41
N ALA B 1175 -18.26 -41.15 36.01
CA ALA B 1175 -17.06 -40.40 35.67
C ALA B 1175 -16.34 -41.07 34.51
N THR B 1176 -15.73 -40.27 33.66
CA THR B 1176 -15.00 -40.76 32.50
C THR B 1176 -13.53 -40.90 32.86
N PHE B 1177 -13.03 -42.13 32.85
CA PHE B 1177 -11.62 -42.42 33.11
C PHE B 1177 -10.92 -42.56 31.76
N ALA B 1178 -10.05 -41.61 31.44
CA ALA B 1178 -9.36 -41.60 30.18
C ALA B 1178 -7.99 -42.26 30.31
N LYS B 1179 -7.30 -42.38 29.20
CA LYS B 1179 -5.97 -42.98 29.20
C LYS B 1179 -4.98 -42.02 29.86
N PRO B 1180 -4.14 -42.49 30.78
CA PRO B 1180 -3.15 -41.57 31.38
C PRO B 1180 -2.26 -40.96 30.31
N GLN B 1181 -2.00 -39.66 30.46
CA GLN B 1181 -1.07 -38.97 29.59
C GLN B 1181 0.36 -39.01 30.10
N LEU B 1182 0.56 -39.38 31.35
CA LEU B 1182 1.88 -39.48 31.96
C LEU B 1182 1.81 -40.49 33.09
N LEU B 1183 2.97 -40.97 33.50
CA LEU B 1183 3.03 -42.04 34.50
C LEU B 1183 2.35 -41.62 35.79
N ILE B 1184 1.64 -42.56 36.40
CA ILE B 1184 1.00 -42.36 37.70
C ILE B 1184 1.55 -43.40 38.65
N LEU B 1185 2.08 -42.94 39.78
CA LEU B 1185 2.56 -43.83 40.82
C LEU B 1185 1.41 -44.19 41.73
N SER B 1186 1.16 -45.48 41.91
CA SER B 1186 -0.01 -45.95 42.64
C SER B 1186 0.41 -46.54 43.98
N PRO B 1187 0.22 -45.82 45.09
CA PRO B 1187 0.45 -46.44 46.40
C PRO B 1187 -0.49 -47.59 46.69
N LEU B 1188 -1.64 -47.66 46.01
CA LEU B 1188 -2.57 -48.76 46.24
C LEU B 1188 -2.05 -50.04 45.60
N LEU B 1189 -1.77 -50.02 44.30
CA LEU B 1189 -1.19 -51.16 43.62
C LEU B 1189 0.30 -51.32 43.87
N ARG B 1190 0.94 -50.30 44.45
CA ARG B 1190 2.38 -50.33 44.70
C ARG B 1190 3.18 -50.50 43.41
N THR B 1191 2.59 -50.07 42.29
CA THR B 1191 3.26 -50.15 41.00
C THR B 1191 2.81 -48.96 40.15
N GLU B 1192 3.22 -48.95 38.90
CA GLU B 1192 2.93 -47.85 38.00
C GLU B 1192 1.66 -48.13 37.20
N ILE B 1193 1.06 -47.06 36.69
CA ILE B 1193 -0.11 -47.14 35.83
C ILE B 1193 0.22 -46.44 34.53
N HIS B 1194 0.16 -47.19 33.42
CA HIS B 1194 0.38 -46.59 32.11
C HIS B 1194 -0.58 -47.12 31.05
N GLU B 1195 -1.67 -47.77 31.44
CA GLU B 1195 -2.68 -48.28 30.52
C GLU B 1195 -4.01 -47.59 30.79
N GLN B 1196 -4.99 -47.89 29.94
CA GLN B 1196 -6.29 -47.24 30.06
C GLN B 1196 -7.14 -47.85 31.16
N GLY B 1197 -7.20 -49.16 31.25
CA GLY B 1197 -8.18 -49.83 32.08
C GLY B 1197 -7.80 -50.04 33.53
N VAL B 1198 -6.62 -49.62 33.97
CA VAL B 1198 -6.21 -49.88 35.35
C VAL B 1198 -7.02 -49.03 36.32
N VAL B 1199 -7.19 -47.74 36.01
CA VAL B 1199 -7.92 -46.83 36.90
C VAL B 1199 -9.38 -46.87 36.49
N THR B 1200 -10.23 -47.37 37.39
CA THR B 1200 -11.65 -47.56 37.12
C THR B 1200 -12.45 -47.23 38.38
N PRO B 1201 -13.77 -47.30 38.32
CA PRO B 1201 -14.56 -47.13 39.56
C PRO B 1201 -14.23 -48.16 40.63
N SER B 1202 -13.69 -49.32 40.26
CA SER B 1202 -13.27 -50.28 41.26
C SER B 1202 -11.97 -49.84 41.93
N TYR B 1203 -11.06 -49.24 41.17
CA TYR B 1203 -9.83 -48.72 41.76
C TYR B 1203 -10.13 -47.61 42.75
N VAL B 1204 -10.98 -46.66 42.38
CA VAL B 1204 -11.26 -45.52 43.23
C VAL B 1204 -11.97 -45.96 44.50
N ALA B 1205 -12.71 -47.07 44.45
CA ALA B 1205 -13.39 -47.55 45.65
C ALA B 1205 -12.41 -48.15 46.64
N GLN B 1206 -11.49 -48.97 46.14
CA GLN B 1206 -10.49 -49.57 47.04
C GLN B 1206 -9.56 -48.53 47.61
N HIS B 1207 -9.23 -47.49 46.84
CA HIS B 1207 -8.25 -46.50 47.28
C HIS B 1207 -8.64 -45.88 48.60
N CYS B 1208 -9.92 -45.54 48.77
CA CYS B 1208 -10.37 -44.87 49.98
C CYS B 1208 -10.46 -45.79 51.18
N ARG B 1209 -10.30 -47.10 51.00
CA ARG B 1209 -10.46 -48.06 52.08
C ARG B 1209 -9.17 -48.77 52.46
N HIS B 1210 -8.29 -49.03 51.50
CA HIS B 1210 -7.08 -49.78 51.76
C HIS B 1210 -5.96 -48.84 52.18
N THR B 1211 -4.75 -49.40 52.36
CA THR B 1211 -3.64 -48.65 52.94
C THR B 1211 -2.89 -47.87 51.88
N VAL B 1212 -2.37 -46.71 52.28
CA VAL B 1212 -1.55 -45.88 51.41
C VAL B 1212 -0.09 -46.31 51.62
N ASP B 1213 0.45 -47.06 50.66
CA ASP B 1213 1.83 -47.50 50.71
C ASP B 1213 2.69 -46.56 49.88
N MET B 1214 2.84 -45.34 50.39
CA MET B 1214 3.64 -44.33 49.70
C MET B 1214 5.09 -44.79 49.56
N ALA B 1215 5.64 -45.40 50.61
CA ALA B 1215 7.03 -45.84 50.56
C ALA B 1215 7.25 -46.86 49.46
N GLN B 1216 6.33 -47.83 49.33
CA GLN B 1216 6.53 -48.89 48.35
C GLN B 1216 6.41 -48.35 46.92
N ALA B 1217 5.50 -47.42 46.69
CA ALA B 1217 5.36 -46.85 45.35
C ALA B 1217 6.65 -46.14 44.94
N LEU B 1218 7.18 -45.30 45.82
CA LEU B 1218 8.43 -44.60 45.52
C LEU B 1218 9.57 -45.58 45.35
N ARG B 1219 9.65 -46.60 46.19
CA ARG B 1219 10.71 -47.58 46.07
C ARG B 1219 10.64 -48.31 44.73
N SER B 1220 9.45 -48.73 44.33
CA SER B 1220 9.31 -49.43 43.05
C SER B 1220 9.64 -48.50 41.89
N ALA B 1221 9.23 -47.25 41.96
CA ALA B 1221 9.57 -46.30 40.90
C ALA B 1221 11.07 -46.12 40.80
N ARG B 1222 11.76 -46.07 41.95
CA ARG B 1222 13.22 -45.96 41.93
C ARG B 1222 13.86 -47.20 41.32
N GLU B 1223 13.42 -48.39 41.73
CA GLU B 1223 14.01 -49.61 41.18
C GLU B 1223 13.79 -49.70 39.68
N LYS B 1224 12.60 -49.36 39.21
CA LYS B 1224 12.32 -49.45 37.78
C LYS B 1224 13.07 -48.39 36.97
N GLY B 1225 13.88 -47.55 37.61
CA GLY B 1225 14.62 -46.53 36.90
C GLY B 1225 13.80 -45.35 36.44
N LEU B 1226 12.56 -45.24 36.90
CA LEU B 1226 11.68 -44.16 36.45
C LEU B 1226 12.03 -42.84 37.10
N ILE B 1227 12.43 -42.85 38.36
CA ILE B 1227 12.90 -41.65 39.05
C ILE B 1227 14.26 -41.95 39.65
N ASP B 1228 15.22 -41.07 39.39
CA ASP B 1228 16.56 -41.17 39.94
C ASP B 1228 16.68 -40.19 41.11
N ASP B 1229 17.89 -40.06 41.65
CA ASP B 1229 18.12 -39.09 42.72
C ASP B 1229 18.24 -37.67 42.19
N LYS B 1230 18.63 -37.48 40.93
CA LYS B 1230 18.70 -36.15 40.34
C LYS B 1230 17.42 -35.77 39.60
N THR B 1231 16.28 -35.88 40.29
CA THR B 1231 14.99 -35.44 39.75
C THR B 1231 14.38 -34.43 40.70
N LEU B 1232 13.64 -33.48 40.13
CA LEU B 1232 13.01 -32.42 40.91
C LEU B 1232 11.64 -32.87 41.35
N VAL B 1233 11.44 -32.97 42.66
CA VAL B 1233 10.16 -33.32 43.25
C VAL B 1233 9.49 -32.01 43.64
N ILE B 1234 8.55 -31.54 42.82
CA ILE B 1234 7.79 -30.34 43.11
C ILE B 1234 6.56 -30.73 43.91
N GLU B 1235 6.45 -30.22 45.12
CA GLU B 1235 5.41 -30.61 46.07
C GLU B 1235 4.27 -29.61 45.98
N LEU B 1236 3.17 -30.01 45.35
CA LEU B 1236 1.99 -29.17 45.22
C LEU B 1236 1.04 -29.50 46.36
N GLY B 1237 0.66 -28.49 47.13
CA GLY B 1237 -0.23 -28.66 48.24
C GLY B 1237 -0.10 -27.54 49.25
N PRO B 1238 -0.96 -27.54 50.27
CA PRO B 1238 -0.92 -26.45 51.26
C PRO B 1238 0.26 -26.52 52.20
N LYS B 1239 0.97 -27.64 52.27
CA LYS B 1239 2.01 -27.82 53.27
C LYS B 1239 2.88 -29.00 52.88
N PRO B 1240 4.21 -28.86 52.86
CA PRO B 1240 5.06 -29.98 52.42
C PRO B 1240 5.10 -31.11 53.42
N LEU B 1241 4.40 -32.20 53.13
CA LEU B 1241 4.43 -33.40 53.95
C LEU B 1241 5.02 -34.60 53.24
N ILE B 1242 4.84 -34.72 51.92
CA ILE B 1242 5.49 -35.78 51.17
C ILE B 1242 6.98 -35.52 50.97
N SER B 1243 7.43 -34.30 51.23
CA SER B 1243 8.87 -34.04 51.17
C SER B 1243 9.61 -34.86 52.21
N GLY B 1244 9.10 -34.91 53.44
CA GLY B 1244 9.69 -35.77 54.44
C GLY B 1244 9.63 -37.24 54.07
N MET B 1245 8.51 -37.66 53.47
CA MET B 1245 8.38 -39.04 53.04
C MET B 1245 9.45 -39.39 52.01
N VAL B 1246 9.64 -38.51 51.03
CA VAL B 1246 10.63 -38.76 49.98
C VAL B 1246 12.03 -38.77 50.58
N LYS B 1247 12.32 -37.84 51.49
CA LYS B 1247 13.64 -37.77 52.10
C LYS B 1247 13.94 -39.04 52.88
N MET B 1248 12.95 -39.52 53.66
CA MET B 1248 13.18 -40.70 54.49
C MET B 1248 13.21 -41.98 53.68
N THR B 1249 12.49 -42.03 52.55
CA THR B 1249 12.39 -43.25 51.76
C THR B 1249 13.54 -43.39 50.77
N LEU B 1250 13.93 -42.31 50.10
CA LEU B 1250 14.91 -42.37 49.02
C LEU B 1250 16.28 -41.85 49.44
N GLY B 1251 16.37 -40.70 50.06
CA GLY B 1251 17.64 -40.19 50.56
C GLY B 1251 17.66 -38.68 50.54
N ASP B 1252 18.83 -38.14 50.89
CA ASP B 1252 19.06 -36.72 50.94
C ASP B 1252 19.53 -36.14 49.61
N LYS B 1253 19.80 -36.99 48.62
CA LYS B 1253 20.33 -36.52 47.34
C LYS B 1253 19.23 -36.07 46.38
N ILE B 1254 17.96 -36.16 46.78
CA ILE B 1254 16.84 -35.80 45.93
C ILE B 1254 16.31 -34.45 46.37
N SER B 1255 16.08 -33.56 45.41
CA SER B 1255 15.68 -32.19 45.70
C SER B 1255 14.16 -32.09 45.71
N THR B 1256 13.61 -31.67 46.83
CA THR B 1256 12.18 -31.47 47.00
C THR B 1256 11.89 -29.99 47.12
N LEU B 1257 10.95 -29.49 46.33
CA LEU B 1257 10.66 -28.06 46.23
C LEU B 1257 9.23 -27.77 46.66
N PRO B 1258 9.01 -27.27 47.88
CA PRO B 1258 7.65 -26.93 48.28
C PRO B 1258 7.11 -25.73 47.51
N THR B 1259 5.79 -25.56 47.59
CA THR B 1259 5.11 -24.44 46.96
C THR B 1259 4.55 -23.45 47.96
N LEU B 1260 3.74 -23.91 48.91
CA LEU B 1260 3.13 -23.05 49.92
C LEU B 1260 3.58 -23.49 51.30
N ALA B 1261 3.38 -22.59 52.26
CA ALA B 1261 3.66 -22.87 53.66
C ALA B 1261 2.82 -21.93 54.51
N PRO B 1262 2.50 -22.30 55.76
CA PRO B 1262 1.57 -21.49 56.55
C PRO B 1262 1.97 -20.03 56.71
N ASN B 1263 3.16 -19.77 57.26
CA ASN B 1263 3.61 -18.42 57.55
C ASN B 1263 4.92 -18.19 56.82
N LYS B 1264 4.82 -17.77 55.56
CA LYS B 1264 5.99 -17.58 54.71
C LYS B 1264 5.57 -16.75 53.51
N ALA B 1265 6.57 -16.29 52.76
CA ALA B 1265 6.35 -15.59 51.51
C ALA B 1265 6.49 -16.57 50.35
N ILE B 1266 5.64 -16.41 49.35
CA ILE B 1266 5.67 -17.34 48.22
C ILE B 1266 6.91 -17.13 47.37
N TRP B 1267 7.37 -15.90 47.22
CA TRP B 1267 8.39 -15.60 46.23
C TRP B 1267 9.67 -16.41 46.43
N PRO B 1268 10.21 -16.53 47.65
CA PRO B 1268 11.38 -17.41 47.81
C PRO B 1268 11.12 -18.84 47.35
N SER B 1269 9.91 -19.36 47.59
CA SER B 1269 9.60 -20.74 47.21
C SER B 1269 9.27 -20.84 45.73
N LEU B 1270 8.41 -19.95 45.23
CA LEU B 1270 8.06 -19.97 43.81
C LEU B 1270 9.28 -19.79 42.94
N GLN B 1271 10.17 -18.86 43.32
CA GLN B 1271 11.34 -18.58 42.50
C GLN B 1271 12.38 -19.68 42.56
N LYS B 1272 12.38 -20.50 43.61
CA LYS B 1272 13.30 -21.63 43.67
C LYS B 1272 12.88 -22.72 42.69
N ILE B 1273 11.58 -22.94 42.53
CA ILE B 1273 11.11 -23.90 41.54
C ILE B 1273 11.54 -23.46 40.14
N LEU B 1274 11.25 -22.20 39.80
CA LEU B 1274 11.59 -21.70 38.47
C LEU B 1274 13.08 -21.76 38.24
N THR B 1275 13.87 -21.36 39.24
CA THR B 1275 15.32 -21.37 39.09
C THR B 1275 15.85 -22.79 38.88
N SER B 1276 15.35 -23.75 39.66
CA SER B 1276 15.82 -25.12 39.53
C SER B 1276 15.44 -25.73 38.18
N VAL B 1277 14.20 -25.52 37.76
CA VAL B 1277 13.78 -26.04 36.45
C VAL B 1277 14.58 -25.38 35.35
N TYR B 1278 14.80 -24.07 35.44
CA TYR B 1278 15.54 -23.34 34.41
C TYR B 1278 16.98 -23.80 34.33
N THR B 1279 17.62 -24.03 35.48
CA THR B 1279 19.01 -24.47 35.48
C THR B 1279 19.13 -25.94 35.07
N GLY B 1280 18.09 -26.73 35.27
CA GLY B 1280 18.10 -28.10 34.81
C GLY B 1280 18.22 -28.21 33.30
N GLY B 1281 17.64 -27.25 32.58
CA GLY B 1281 17.75 -27.23 31.13
C GLY B 1281 16.43 -27.01 30.44
N TRP B 1282 15.35 -26.94 31.21
CA TRP B 1282 14.03 -26.79 30.64
C TRP B 1282 13.71 -25.32 30.36
N ASP B 1283 12.72 -25.11 29.51
CA ASP B 1283 12.33 -23.77 29.07
C ASP B 1283 11.15 -23.29 29.90
N ILE B 1284 11.28 -22.09 30.44
CA ILE B 1284 10.24 -21.46 31.24
C ILE B 1284 9.50 -20.46 30.37
N ASN B 1285 8.19 -20.33 30.59
CA ASN B 1285 7.41 -19.28 29.97
C ASN B 1285 7.57 -18.01 30.82
N TRP B 1286 8.75 -17.41 30.68
CA TRP B 1286 9.10 -16.25 31.50
C TRP B 1286 8.14 -15.09 31.27
N LYS B 1287 7.49 -15.02 30.12
CA LYS B 1287 6.56 -13.94 29.86
C LYS B 1287 5.34 -14.01 30.77
N LYS B 1288 4.97 -15.21 31.21
CA LYS B 1288 3.85 -15.36 32.14
C LYS B 1288 4.25 -15.22 33.59
N TYR B 1289 5.55 -15.36 33.90
CA TYR B 1289 6.00 -15.10 35.25
C TYR B 1289 6.06 -13.60 35.53
N HIS B 1290 6.32 -12.79 34.50
CA HIS B 1290 6.34 -11.35 34.62
C HIS B 1290 5.03 -10.69 34.23
N ALA B 1291 4.08 -11.45 33.70
CA ALA B 1291 2.91 -10.84 33.07
C ALA B 1291 2.14 -9.92 34.00
N PRO B 1292 1.83 -10.29 35.24
CA PRO B 1292 0.94 -9.45 36.07
C PRO B 1292 1.61 -8.24 36.69
N PHE B 1293 2.82 -7.86 36.28
CA PHE B 1293 3.54 -6.72 36.85
C PHE B 1293 3.97 -5.82 35.69
N ALA B 1294 3.13 -4.85 35.35
CA ALA B 1294 3.38 -4.01 34.19
C ALA B 1294 4.48 -2.99 34.42
N SER B 1295 4.78 -2.68 35.69
CA SER B 1295 5.82 -1.70 35.97
C SER B 1295 7.19 -2.16 35.46
N SER B 1296 7.48 -3.45 35.59
CA SER B 1296 8.78 -4.00 35.27
C SER B 1296 8.94 -4.36 33.80
N GLN B 1297 7.92 -4.12 32.98
CA GLN B 1297 7.93 -4.56 31.59
C GLN B 1297 8.54 -3.48 30.69
N LYS B 1298 9.83 -3.22 30.93
CA LYS B 1298 10.60 -2.25 30.16
C LYS B 1298 11.98 -2.83 29.90
N VAL B 1299 12.48 -2.64 28.69
CA VAL B 1299 13.76 -3.21 28.29
C VAL B 1299 14.89 -2.32 28.79
N VAL B 1300 15.81 -2.90 29.53
CA VAL B 1300 17.00 -2.22 30.03
C VAL B 1300 18.13 -2.48 29.04
N ASP B 1301 18.95 -1.45 28.80
CA ASP B 1301 20.06 -1.54 27.85
C ASP B 1301 21.25 -2.17 28.56
N LEU B 1302 21.38 -3.48 28.41
CA LEU B 1302 22.48 -4.22 29.02
C LEU B 1302 23.61 -4.39 28.02
N PRO B 1303 24.77 -4.87 28.47
CA PRO B 1303 25.88 -5.10 27.53
C PRO B 1303 25.47 -6.05 26.41
N SER B 1304 26.33 -6.12 25.40
CA SER B 1304 26.08 -6.97 24.26
C SER B 1304 26.63 -8.37 24.51
N TYR B 1305 26.30 -9.28 23.60
CA TYR B 1305 26.65 -10.69 23.80
C TYR B 1305 28.16 -10.84 23.88
N GLY B 1306 28.59 -11.74 24.76
CA GLY B 1306 30.00 -12.03 24.92
C GLY B 1306 30.49 -13.00 23.87
N TRP B 1307 30.68 -12.52 22.65
CA TRP B 1307 31.06 -13.37 21.54
C TRP B 1307 32.36 -14.10 21.86
N ASP B 1308 32.42 -15.38 21.49
CA ASP B 1308 33.64 -16.16 21.62
C ASP B 1308 34.44 -15.98 20.33
N LEU B 1309 35.17 -14.86 20.28
CA LEU B 1309 35.78 -14.42 19.03
C LEU B 1309 37.09 -15.14 18.78
N LYS B 1310 37.34 -15.44 17.50
CA LYS B 1310 38.60 -16.01 17.05
C LYS B 1310 38.94 -15.41 15.69
N ASP B 1311 40.22 -15.40 15.36
CA ASP B 1311 40.72 -14.76 14.14
C ASP B 1311 40.70 -15.80 13.02
N TYR B 1312 39.65 -15.78 12.21
CA TYR B 1312 39.56 -16.63 11.02
C TYR B 1312 40.02 -15.85 9.78
N TYR B 1313 41.24 -15.33 9.84
CA TYR B 1313 41.82 -14.61 8.73
C TYR B 1313 42.50 -15.60 7.79
N ILE B 1314 42.17 -15.50 6.50
CA ILE B 1314 42.76 -16.36 5.48
C ILE B 1314 43.94 -15.62 4.86
N PRO B 1315 45.11 -16.27 4.70
CA PRO B 1315 46.26 -15.57 4.11
C PRO B 1315 46.12 -15.38 2.60
#